data_5HCE
#
_entry.id   5HCE
#
_cell.length_a   105.260
_cell.length_b   140.725
_cell.length_c   210.367
_cell.angle_alpha   90.00
_cell.angle_beta   90.00
_cell.angle_gamma   90.00
#
_symmetry.space_group_name_H-M   'P 21 21 21'
#
loop_
_entity.id
_entity.type
_entity.pdbx_description
1 polymer 'Complement C5'
2 polymer 'Complement C5'
3 polymer 'Complement inhibitor'
4 polymer 'Rhipicephalus appendiculatus RaCI1'
5 branched 2-acetamido-2-deoxy-beta-D-glucopyranose-(1-4)-2-acetamido-2-deoxy-beta-D-glucopyranose
6 non-polymer CYSTEINE
#
loop_
_entity_poly.entity_id
_entity_poly.type
_entity_poly.pdbx_seq_one_letter_code
_entity_poly.pdbx_strand_id
1 'polypeptide(L)'
;QEQTYVISAPKIFRVGASENIVIQVYGYTEAFDATISIKSYPDKKFSYSSGHVHLSSENKFQNSAILTIQPKQLPGGQNP
VSYVYLEVVSKHFSKSKRMPITYDNGFLFIHTDKPVYTPDQSVKVRVYSLNDDLKPAKRETVLTFIDPEGSEVDMVEEID
HIGIISFPDFKIPSNPRYGMWTIKAKYKEDFSTTGTAYFEVKEYVLPHFSVSIEPEYNFIGYKNFKNFEITIKARYFYNK
VVTEADVYITFGIREDLKDDQKEMMQTAMQNTMLINGIAQVTFDSETAVKELSYYSLEDLNNKYLYIAVTVIESTGGFSE
EAEIPGIKYVLSPYKLNLVATPLFLKPGIPYPIKVQVKDSLDQLVGGVPVTLNAQTIDVNQETSDLDPSKSVTRVDDGVA
SFVLNLPSGVTVLEFNVKTDAPDLPEENQAREGYRAIAYSSLSQSYLYIDWTDNHKALLVGEHLNIIVTPKSPYIDKITH
YNYLILSKGKIIHFGTREKFSDASYQSINIPVTQNMVPSSRLLVYYIVTGEQTAELVSDSVWLNIEEKCGNQLQVHLSPD
ADAYSPGQTVSLNMATGMDSWVALAAVDSAVYGVQRGAKKPLERVFQFLEKSDLGCGAGGGLNNANVFHLAGLTFLTNAN
ADDSQENDEPCKEILR
;
B
2 'polypeptide(L)'
;LQKKIEEIAAKYKHSVVKKCCYDGACVNNDETCEQRAARISLGPRCIKAFTECCVVASQLRANISHKDMQLGRLHMKTLL
PVSKPEIRSYFPESWLWEVHLVPRRKQLQFALPDSLTTWEIQGVGISNTGICVADTVKAKVFKDVFLEMNIPYSVVRGEQ
IQLKGTVYNYRTSGMQFCVKMSAVEGICTSESPVIDHQGTKSSKCVRQKVEGSSSHLVTFTVLPLEIGLHNINFSLETWF
GKEILVKTLRVVPEGVKRESYSGVTLDPRGIYGTISRRKEFPYRIPLDLVPKTEIKRILSVKGLLVGEILSAVLSQEGIN
ILTHLPKGSAEAELMSVVPVFYVFHYLETGNHWNIFHSDPLIEKQKLKKKLKEGMLSIMSYRNADYSYSVWKGGSASTWL
TAFALRVLGQVNKYVEQNQNSICNSLLWLVENYQLDNGSFKENSQYQPIKLQGTLPVEARENSLYLTAFTVIGIRKAFDI
CPLVKIDTALIKADNFLLENTLPAQSTFTLAISAYALSLGDKTHPQFRSIVSALKREALVKGNPPIYRFWKDNLQHKDSS
VPNTGTARMVETTAYALLTSLNLKDINYVNPVIKWLSEEQRYGGGFYSTQDTINAIEGLTEYSLLVKQLRLSMDIDVSYK
HKGALHNYKMTDKNFLGRPVEVLLNDDLIVSTGFGSGLATVHVTTVVHKTSTSEEVCSFYLKIDTQDIEASHYRGYGNSD
YKRIVACASYKPSREESSSGSSHAVMDISLPTGISANEEDLKALVEGVDQLFTDYQIKDGHVILQLNSIPSSDFLCVRFR
IFELFEVGFLSPATFTVYEYHRPDKQCTMFYSTSNIKIQKVCEGAACKCVEADCGQMQEELDLTISAETRKQTACKPEIA
YAYKVSITSITVENVFVKYKATLLDIYKTGEAVAEKDSEITFIKKVTCTNAELVKGRQYLIMGKEALQIKYNFSFRYIYP
LDSLTWIEYWPRDTTCSSCQAFLANLDEFAEDIFLNGC
;
A
3 'polypeptide(L)'
;MASHHHHHHHHHHSGDSESDCTGSEPVDAFQAFSEGKEAYVLVRSTDPKARDCLKGEPAGEKQDNTLPVMMTFKQGTDWA
STDWTFTLDGAKVTATLGQLTQNREVVYDSQSHHCHVDKVEKEVPDYEMWMLDAGGLEVEVECCRQKLEELASGRNQMYP
HLKDC
;
C
4 'polypeptide(L)'
;GPMEEVKTTPIPNHQCVNATCERKLDALGNAVITKCPQGCLCVVRGASNIVPANGTCFQLATTKPPMAPGDNKDNKEEES
N
;
D
#
# COMPACT_ATOMS: atom_id res chain seq x y z
N GLU A 2 24.11 70.16 -26.25
CA GLU A 2 23.87 68.72 -26.29
C GLU A 2 22.95 68.29 -25.16
N GLN A 3 21.84 67.64 -25.52
CA GLN A 3 20.84 67.16 -24.58
C GLN A 3 20.61 65.66 -24.74
N THR A 4 20.52 64.93 -23.62
CA THR A 4 20.45 63.48 -23.62
C THR A 4 19.31 62.97 -22.74
N TYR A 5 18.87 61.72 -22.98
CA TYR A 5 17.86 61.06 -22.16
C TYR A 5 18.22 59.59 -22.01
N VAL A 6 17.98 59.03 -20.82
CA VAL A 6 18.31 57.63 -20.50
C VAL A 6 17.11 56.94 -19.87
N ILE A 7 16.62 55.87 -20.51
CA ILE A 7 15.51 55.07 -19.99
C ILE A 7 16.07 53.72 -19.55
N SER A 8 15.90 53.39 -18.27
CA SER A 8 16.41 52.15 -17.70
C SER A 8 15.26 51.23 -17.32
N ALA A 9 15.31 50.01 -17.83
CA ALA A 9 14.32 48.98 -17.57
C ALA A 9 15.02 47.65 -17.37
N PRO A 10 14.35 46.67 -16.75
CA PRO A 10 14.92 45.32 -16.66
C PRO A 10 15.17 44.75 -18.04
N LYS A 11 16.15 43.85 -18.12
CA LYS A 11 16.47 43.25 -19.41
C LYS A 11 15.25 42.60 -20.04
N ILE A 12 14.36 42.02 -19.23
CA ILE A 12 13.17 41.33 -19.71
C ILE A 12 11.96 41.78 -18.92
N PHE A 13 10.81 41.90 -19.59
CA PHE A 13 9.55 42.16 -18.89
C PHE A 13 8.93 40.85 -18.45
N ARG A 14 8.37 40.87 -17.24
CA ARG A 14 7.79 39.69 -16.61
C ARG A 14 6.29 39.88 -16.50
N VAL A 15 5.52 38.97 -17.09
CA VAL A 15 4.06 39.10 -17.10
C VAL A 15 3.53 39.14 -15.68
N GLY A 16 2.68 40.12 -15.40
CA GLY A 16 2.11 40.26 -14.09
C GLY A 16 2.99 40.96 -13.08
N ALA A 17 4.23 41.25 -13.40
CA ALA A 17 5.14 41.90 -12.47
C ALA A 17 5.01 43.41 -12.55
N SER A 18 5.18 44.06 -11.40
CA SER A 18 5.24 45.51 -11.32
C SER A 18 6.64 45.93 -11.72
N GLU A 19 6.82 46.29 -12.98
CA GLU A 19 8.13 46.63 -13.49
C GLU A 19 8.36 48.14 -13.35
N ASN A 20 9.44 48.52 -12.66
CA ASN A 20 9.76 49.92 -12.43
C ASN A 20 10.67 50.41 -13.56
N ILE A 21 10.26 51.50 -14.22
CA ILE A 21 10.97 52.08 -15.35
C ILE A 21 11.51 53.45 -14.95
N VAL A 22 12.82 53.67 -15.12
CA VAL A 22 13.48 54.92 -14.73
C VAL A 22 13.74 55.77 -15.96
N ILE A 23 13.56 57.08 -15.83
CA ILE A 23 13.90 58.04 -16.88
C ILE A 23 14.78 59.13 -16.26
N GLN A 24 15.91 59.40 -16.91
CA GLN A 24 16.88 60.40 -16.44
C GLN A 24 17.36 61.21 -17.63
N VAL A 25 17.00 62.49 -17.69
CA VAL A 25 17.37 63.37 -18.80
C VAL A 25 18.38 64.42 -18.33
N TYR A 26 19.18 64.91 -19.28
CA TYR A 26 20.31 65.81 -19.02
C TYR A 26 20.41 66.87 -20.10
N GLY A 27 20.77 68.10 -19.70
CA GLY A 27 20.89 69.21 -20.61
C GLY A 27 19.67 70.11 -20.66
N TYR A 28 18.53 69.62 -20.20
CA TYR A 28 17.29 70.37 -20.25
C TYR A 28 17.20 71.26 -19.02
N THR A 29 16.83 72.53 -19.23
CA THR A 29 16.65 73.47 -18.12
C THR A 29 15.20 73.79 -17.86
N GLU A 30 14.34 73.66 -18.87
CA GLU A 30 12.91 73.89 -18.73
C GLU A 30 12.19 72.57 -18.49
N ALA A 31 11.21 72.60 -17.58
CA ALA A 31 10.46 71.40 -17.22
C ALA A 31 9.59 70.92 -18.37
N PHE A 32 9.33 69.61 -18.39
CA PHE A 32 8.46 69.00 -19.39
C PHE A 32 8.01 67.63 -18.89
N ASP A 33 6.94 67.11 -19.50
CA ASP A 33 6.39 65.82 -19.14
C ASP A 33 6.73 64.78 -20.18
N ALA A 34 6.80 63.52 -19.74
CA ALA A 34 7.11 62.39 -20.60
C ALA A 34 6.20 61.23 -20.25
N THR A 35 5.74 60.53 -21.28
CA THR A 35 4.87 59.36 -21.14
C THR A 35 5.68 58.10 -21.44
N ILE A 36 5.76 57.20 -20.45
CA ILE A 36 6.35 55.87 -20.61
C ILE A 36 5.22 54.89 -20.84
N SER A 37 5.42 53.94 -21.74
CA SER A 37 4.30 53.11 -22.15
C SER A 37 4.80 51.73 -22.56
N ILE A 38 4.02 50.71 -22.23
CA ILE A 38 4.20 49.36 -22.73
C ILE A 38 3.02 49.05 -23.62
N LYS A 39 3.30 48.89 -24.91
CA LYS A 39 2.30 48.70 -25.96
C LYS A 39 2.56 47.37 -26.67
N SER A 40 1.69 47.07 -27.63
CA SER A 40 1.75 45.82 -28.37
C SER A 40 2.76 45.91 -29.52
N TYR A 41 3.41 44.78 -29.80
CA TYR A 41 4.41 44.70 -30.87
C TYR A 41 3.83 43.99 -32.09
N PRO A 42 4.06 44.54 -33.30
CA PRO A 42 4.79 45.78 -33.50
C PRO A 42 3.91 46.99 -33.81
N ASP A 43 2.59 46.80 -33.81
CA ASP A 43 1.67 47.82 -34.30
C ASP A 43 1.45 48.96 -33.31
N LYS A 44 1.65 48.73 -32.02
CA LYS A 44 1.39 49.72 -30.98
C LYS A 44 -0.07 50.13 -30.94
N LYS A 45 -0.98 49.28 -31.44
CA LYS A 45 -2.40 49.59 -31.38
C LYS A 45 -2.93 49.53 -29.96
N PHE A 46 -2.51 48.53 -29.18
CA PHE A 46 -2.96 48.33 -27.82
C PHE A 46 -1.92 48.80 -26.82
N SER A 47 -2.37 49.46 -25.77
CA SER A 47 -1.51 49.95 -24.69
C SER A 47 -1.69 49.06 -23.48
N TYR A 48 -0.72 48.19 -23.21
CA TYR A 48 -0.81 47.35 -22.04
C TYR A 48 -0.80 48.20 -20.77
N SER A 49 0.03 49.24 -20.74
CA SER A 49 -0.02 50.21 -19.65
C SER A 49 0.80 51.43 -20.03
N SER A 50 0.67 52.50 -19.24
CA SER A 50 1.40 53.74 -19.48
C SER A 50 1.32 54.62 -18.23
N GLY A 51 2.28 55.52 -18.11
CA GLY A 51 2.32 56.45 -16.99
C GLY A 51 2.99 57.74 -17.38
N HIS A 52 2.54 58.83 -16.75
CA HIS A 52 3.09 60.16 -16.98
C HIS A 52 4.05 60.53 -15.86
N VAL A 53 5.22 61.05 -16.25
CA VAL A 53 6.23 61.51 -15.31
C VAL A 53 6.60 62.95 -15.65
N HIS A 54 6.75 63.78 -14.62
CA HIS A 54 7.13 65.17 -14.77
C HIS A 54 8.62 65.31 -14.51
N LEU A 55 9.28 66.11 -15.34
CA LEU A 55 10.71 66.34 -15.25
C LEU A 55 10.96 67.83 -15.09
N SER A 56 11.59 68.21 -13.99
CA SER A 56 11.81 69.61 -13.66
C SER A 56 13.09 69.75 -12.85
N SER A 57 13.42 71.01 -12.53
CA SER A 57 14.55 71.27 -11.65
C SER A 57 14.26 70.77 -10.24
N GLU A 58 13.01 70.92 -9.80
CA GLU A 58 12.55 70.30 -8.56
C GLU A 58 12.75 68.79 -8.59
N ASN A 59 12.62 68.18 -9.76
CA ASN A 59 12.74 66.75 -9.95
C ASN A 59 14.16 66.29 -10.28
N LYS A 60 15.10 67.23 -10.44
CA LYS A 60 16.44 66.95 -10.95
C LYS A 60 16.38 66.24 -12.29
N PHE A 61 15.27 66.41 -13.00
CA PHE A 61 15.06 65.86 -14.32
C PHE A 61 15.28 64.35 -14.32
N GLN A 62 14.77 63.70 -13.28
CA GLN A 62 14.75 62.25 -13.15
C GLN A 62 13.44 61.82 -12.53
N ASN A 63 12.84 60.76 -13.04
CA ASN A 63 11.56 60.30 -12.53
C ASN A 63 11.43 58.80 -12.77
N SER A 64 10.39 58.22 -12.18
CA SER A 64 10.15 56.79 -12.25
C SER A 64 8.67 56.51 -12.48
N ALA A 65 8.37 55.41 -13.17
CA ALA A 65 7.01 55.00 -13.46
C ALA A 65 6.90 53.49 -13.47
N ILE A 66 5.91 52.96 -12.74
CA ILE A 66 5.72 51.51 -12.60
C ILE A 66 4.64 51.04 -13.55
N LEU A 67 5.00 50.17 -14.49
CA LEU A 67 4.06 49.61 -15.46
C LEU A 67 3.86 48.13 -15.17
N THR A 68 2.75 47.59 -15.67
CA THR A 68 2.38 46.20 -15.43
C THR A 68 1.69 45.64 -16.65
N ILE A 69 2.21 44.52 -17.16
CA ILE A 69 1.58 43.78 -18.23
C ILE A 69 0.56 42.83 -17.63
N GLN A 70 -0.72 43.15 -17.76
CA GLN A 70 -1.75 42.32 -17.18
C GLN A 70 -1.82 40.99 -17.94
N PRO A 71 -1.84 39.86 -17.25
CA PRO A 71 -1.88 38.58 -17.98
C PRO A 71 -3.13 38.41 -18.81
N LYS A 72 -4.27 38.89 -18.31
CA LYS A 72 -5.52 38.78 -19.04
C LYS A 72 -5.55 39.58 -20.33
N GLN A 73 -4.67 40.58 -20.49
CA GLN A 73 -4.64 41.37 -21.70
C GLN A 73 -3.83 40.72 -22.83
N LEU A 74 -3.35 39.52 -22.65
CA LEU A 74 -2.58 38.79 -23.64
C LEU A 74 -3.36 37.58 -24.14
N PRO A 75 -3.32 37.32 -25.45
CA PRO A 75 -3.98 36.12 -25.98
C PRO A 75 -3.36 34.85 -25.43
N GLY A 76 -4.06 33.74 -25.65
CA GLY A 76 -3.65 32.47 -25.11
C GLY A 76 -3.62 31.38 -26.17
N GLY A 77 -2.67 30.46 -26.02
CA GLY A 77 -2.66 29.27 -26.83
C GLY A 77 -1.78 29.27 -28.06
N GLN A 78 -2.37 29.53 -29.22
CA GLN A 78 -1.71 29.17 -30.49
C GLN A 78 -0.64 30.18 -30.87
N ASN A 79 -0.97 31.47 -30.88
CA ASN A 79 -0.05 32.52 -31.27
C ASN A 79 0.16 33.46 -30.08
N PRO A 80 0.85 33.00 -29.04
CA PRO A 80 1.01 33.84 -27.85
C PRO A 80 2.03 34.94 -28.09
N VAL A 81 1.90 36.00 -27.29
CA VAL A 81 2.78 37.16 -27.42
C VAL A 81 4.16 36.82 -26.89
N SER A 82 5.19 37.19 -27.66
CA SER A 82 6.57 37.06 -27.24
C SER A 82 7.25 38.40 -26.98
N TYR A 83 6.79 39.47 -27.62
CA TYR A 83 7.43 40.78 -27.52
C TYR A 83 6.40 41.88 -27.26
N VAL A 84 6.85 42.94 -26.59
CA VAL A 84 6.08 44.16 -26.43
C VAL A 84 6.98 45.33 -26.79
N TYR A 85 6.38 46.51 -26.93
CA TYR A 85 7.13 47.72 -27.27
C TYR A 85 7.21 48.60 -26.03
N LEU A 86 8.42 48.94 -25.62
CA LEU A 86 8.63 49.96 -24.60
C LEU A 86 8.84 51.30 -25.30
N GLU A 87 8.03 52.28 -24.96
CA GLU A 87 7.97 53.55 -25.68
C GLU A 87 8.04 54.71 -24.71
N VAL A 88 8.84 55.72 -25.07
CA VAL A 88 8.93 56.98 -24.34
C VAL A 88 8.65 58.11 -25.29
N VAL A 89 7.68 58.97 -24.93
CA VAL A 89 7.28 60.09 -25.77
C VAL A 89 7.28 61.37 -24.94
N SER A 90 7.82 62.45 -25.52
CA SER A 90 7.81 63.76 -24.88
C SER A 90 7.83 64.81 -25.99
N LYS A 91 7.85 66.08 -25.57
CA LYS A 91 7.95 67.16 -26.55
C LYS A 91 9.23 67.05 -27.37
N HIS A 92 10.27 66.49 -26.78
CA HIS A 92 11.60 66.49 -27.39
C HIS A 92 11.93 65.21 -28.15
N PHE A 93 11.48 64.06 -27.66
CA PHE A 93 11.93 62.80 -28.23
C PHE A 93 10.82 61.75 -28.14
N SER A 94 10.97 60.71 -28.97
CA SER A 94 10.07 59.56 -28.93
C SER A 94 10.89 58.36 -29.39
N LYS A 95 11.15 57.42 -28.47
CA LYS A 95 11.99 56.27 -28.75
C LYS A 95 11.33 55.03 -28.20
N SER A 96 11.38 53.94 -28.96
CA SER A 96 10.79 52.67 -28.54
C SER A 96 11.80 51.56 -28.76
N LYS A 97 11.49 50.39 -28.18
CA LYS A 97 12.39 49.25 -28.24
C LYS A 97 11.58 47.98 -28.04
N ARG A 98 12.01 46.91 -28.70
CA ARG A 98 11.36 45.61 -28.60
C ARG A 98 11.88 44.88 -27.37
N MET A 99 10.96 44.52 -26.49
CA MET A 99 11.27 43.88 -25.22
C MET A 99 10.65 42.49 -25.19
N PRO A 100 11.43 41.44 -24.93
CA PRO A 100 10.85 40.12 -24.74
C PRO A 100 10.13 40.01 -23.41
N ILE A 101 9.13 39.13 -23.37
CA ILE A 101 8.39 38.87 -22.13
C ILE A 101 8.50 37.41 -21.81
N THR A 102 8.42 37.11 -20.51
CA THR A 102 8.36 35.76 -20.00
C THR A 102 7.10 35.59 -19.17
N TYR A 103 6.53 34.40 -19.21
CA TYR A 103 5.36 34.09 -18.41
C TYR A 103 5.72 33.43 -17.09
N ASP A 104 6.98 33.52 -16.68
CA ASP A 104 7.45 32.98 -15.41
C ASP A 104 7.33 34.08 -14.36
N ASN A 105 6.40 33.91 -13.42
CA ASN A 105 6.13 34.90 -12.39
C ASN A 105 5.95 34.20 -11.06
N GLY A 106 6.78 34.52 -10.10
CA GLY A 106 6.61 34.01 -8.76
C GLY A 106 7.49 32.81 -8.46
N PHE A 107 7.21 32.21 -7.31
CA PHE A 107 7.95 31.05 -6.84
C PHE A 107 7.00 30.10 -6.15
N LEU A 108 7.18 28.81 -6.42
CA LEU A 108 6.35 27.75 -5.87
C LEU A 108 7.29 26.74 -5.21
N PHE A 109 7.36 26.76 -3.89
CA PHE A 109 8.21 25.84 -3.14
C PHE A 109 7.34 24.70 -2.63
N ILE A 110 7.60 23.48 -3.11
CA ILE A 110 6.87 22.30 -2.67
C ILE A 110 7.60 21.72 -1.47
N HIS A 111 6.87 21.57 -0.36
CA HIS A 111 7.42 21.08 0.91
C HIS A 111 6.69 19.82 1.30
N THR A 112 7.41 18.70 1.27
CA THR A 112 6.93 17.45 1.83
C THR A 112 7.58 17.19 3.17
N ASP A 113 6.86 16.52 4.06
CA ASP A 113 7.33 16.35 5.43
C ASP A 113 8.60 15.49 5.48
N LYS A 114 8.66 14.43 4.71
CA LYS A 114 9.82 13.56 4.67
C LYS A 114 10.24 13.40 3.22
N PRO A 115 11.52 13.09 2.97
CA PRO A 115 11.97 12.81 1.61
C PRO A 115 11.87 11.35 1.17
N VAL A 116 11.64 10.43 2.10
CA VAL A 116 11.56 9.00 1.80
C VAL A 116 10.34 8.44 2.51
N TYR A 117 9.55 7.64 1.81
CA TYR A 117 8.35 7.06 2.39
C TYR A 117 8.31 5.56 2.13
N THR A 118 7.64 4.84 3.04
CA THR A 118 7.35 3.43 2.94
C THR A 118 5.86 3.21 2.67
N PRO A 119 5.48 2.04 2.15
CA PRO A 119 4.08 1.81 1.76
C PRO A 119 3.08 2.08 2.88
N ASP A 120 1.87 2.46 2.47
CA ASP A 120 0.72 2.77 3.31
C ASP A 120 0.89 4.06 4.10
N GLN A 121 2.04 4.74 3.99
CA GLN A 121 2.20 6.03 4.64
C GLN A 121 1.48 7.12 3.87
N SER A 122 1.30 8.26 4.53
CA SER A 122 0.64 9.40 3.92
C SER A 122 1.64 10.55 3.83
N VAL A 123 1.78 11.11 2.64
CA VAL A 123 2.70 12.19 2.38
C VAL A 123 2.01 13.51 2.70
N LYS A 124 2.52 14.22 3.71
CA LYS A 124 2.05 15.56 3.99
C LYS A 124 2.78 16.55 3.08
N VAL A 125 2.01 17.36 2.36
CA VAL A 125 2.57 18.25 1.34
C VAL A 125 1.86 19.60 1.37
N ARG A 126 2.63 20.67 1.39
CA ARG A 126 2.10 22.02 1.21
C ARG A 126 3.01 22.81 0.28
N VAL A 127 2.49 23.92 -0.23
CA VAL A 127 3.20 24.74 -1.21
C VAL A 127 3.24 26.18 -0.73
N TYR A 128 4.44 26.76 -0.72
CA TYR A 128 4.62 28.18 -0.47
C TYR A 128 4.65 28.92 -1.81
N SER A 129 3.71 29.85 -2.00
CA SER A 129 3.50 30.50 -3.29
C SER A 129 3.71 32.00 -3.13
N LEU A 130 4.71 32.55 -3.82
CA LEU A 130 4.96 33.98 -3.83
C LEU A 130 4.87 34.51 -5.25
N ASN A 131 4.56 35.80 -5.38
CA ASN A 131 4.55 36.45 -6.67
C ASN A 131 5.94 37.02 -6.97
N ASP A 132 6.05 37.80 -8.04
CA ASP A 132 7.36 38.33 -8.43
C ASP A 132 7.92 39.27 -7.38
N ASP A 133 7.05 39.94 -6.63
CA ASP A 133 7.48 40.86 -5.59
C ASP A 133 7.67 40.18 -4.24
N LEU A 134 7.74 38.85 -4.22
CA LEU A 134 7.99 38.09 -3.00
C LEU A 134 6.92 38.37 -1.94
N LYS A 135 5.68 38.28 -2.36
CA LYS A 135 4.51 38.44 -1.50
C LYS A 135 3.55 37.30 -1.78
N PRO A 136 2.69 36.95 -0.81
CA PRO A 136 1.74 35.85 -1.02
C PRO A 136 1.00 35.94 -2.35
N ALA A 137 1.20 34.96 -3.23
CA ALA A 137 0.68 35.06 -4.58
C ALA A 137 -0.84 35.00 -4.60
N LYS A 138 -1.44 34.19 -3.73
CA LYS A 138 -2.89 34.03 -3.66
C LYS A 138 -3.47 33.58 -5.00
N ARG A 139 -2.71 32.79 -5.73
CA ARG A 139 -3.16 32.22 -6.99
C ARG A 139 -3.49 30.76 -6.79
N GLU A 140 -4.56 30.29 -7.44
CA GLU A 140 -4.90 28.89 -7.31
C GLU A 140 -3.85 28.02 -7.99
N THR A 141 -3.52 26.91 -7.34
CA THR A 141 -2.36 26.09 -7.66
C THR A 141 -2.76 24.66 -7.93
N VAL A 142 -2.08 24.04 -8.88
CA VAL A 142 -2.32 22.66 -9.31
C VAL A 142 -1.12 21.82 -8.94
N LEU A 143 -1.35 20.72 -8.23
CA LEU A 143 -0.32 19.75 -7.91
C LEU A 143 -0.51 18.50 -8.74
N THR A 144 0.58 17.99 -9.30
CA THR A 144 0.57 16.77 -10.09
C THR A 144 1.58 15.82 -9.49
N PHE A 145 1.23 14.54 -9.40
CA PHE A 145 2.08 13.50 -8.84
C PHE A 145 2.45 12.53 -9.97
N ILE A 146 3.75 12.37 -10.20
CA ILE A 146 4.26 11.47 -11.23
C ILE A 146 5.05 10.36 -10.55
N ASP A 147 4.71 9.11 -10.87
CA ASP A 147 5.34 7.95 -10.27
C ASP A 147 6.65 7.67 -11.00
N PRO A 148 7.48 6.75 -10.48
CA PRO A 148 8.78 6.49 -11.13
C PRO A 148 8.69 6.06 -12.58
N GLU A 149 7.51 5.69 -13.08
CA GLU A 149 7.40 5.28 -14.47
C GLU A 149 6.93 6.43 -15.36
N GLY A 150 6.82 7.64 -14.83
CA GLY A 150 6.47 8.79 -15.62
C GLY A 150 4.99 9.01 -15.81
N SER A 151 4.15 8.30 -15.06
CA SER A 151 2.70 8.41 -15.19
C SER A 151 2.17 9.46 -14.22
N GLU A 152 1.34 10.36 -14.74
CA GLU A 152 0.61 11.31 -13.91
C GLU A 152 -0.54 10.59 -13.23
N VAL A 153 -0.41 10.36 -11.92
CA VAL A 153 -1.34 9.52 -11.19
C VAL A 153 -2.32 10.30 -10.32
N ASP A 154 -2.08 11.58 -10.07
CA ASP A 154 -3.03 12.34 -9.26
C ASP A 154 -2.81 13.82 -9.54
N MET A 155 -3.89 14.57 -9.57
CA MET A 155 -3.85 16.03 -9.72
C MET A 155 -4.87 16.66 -8.80
N VAL A 156 -4.49 17.74 -8.14
CA VAL A 156 -5.41 18.42 -7.23
C VAL A 156 -5.08 19.90 -7.23
N GLU A 157 -6.11 20.73 -7.41
CA GLU A 157 -5.96 22.18 -7.38
C GLU A 157 -6.60 22.73 -6.13
N GLU A 158 -6.08 23.86 -5.66
CA GLU A 158 -6.54 24.49 -4.43
C GLU A 158 -6.33 25.99 -4.56
N ILE A 159 -7.28 26.77 -4.04
CA ILE A 159 -7.10 28.22 -4.04
C ILE A 159 -6.16 28.62 -2.91
N ASP A 160 -5.51 29.76 -3.09
CA ASP A 160 -4.52 30.25 -2.13
C ASP A 160 -5.03 31.54 -1.50
N HIS A 161 -5.08 31.56 -0.18
CA HIS A 161 -5.56 32.72 0.57
C HIS A 161 -4.45 33.52 1.24
N ILE A 162 -3.48 32.84 1.85
CA ILE A 162 -2.49 33.50 2.69
C ILE A 162 -1.07 33.34 2.16
N GLY A 163 -0.87 32.67 1.04
CA GLY A 163 0.45 32.34 0.58
C GLY A 163 0.95 30.97 0.98
N ILE A 164 0.25 30.28 1.89
CA ILE A 164 0.53 28.89 2.23
C ILE A 164 -0.64 28.06 1.76
N ILE A 165 -0.37 27.07 0.92
CA ILE A 165 -1.43 26.25 0.33
C ILE A 165 -1.30 24.85 0.87
N SER A 166 -2.27 24.42 1.66
CA SER A 166 -2.30 23.09 2.25
C SER A 166 -3.12 22.16 1.36
N PHE A 167 -2.52 21.06 0.97
CA PHE A 167 -3.15 20.05 0.13
C PHE A 167 -3.52 18.82 0.93
N PRO A 168 -4.51 18.06 0.48
CA PRO A 168 -4.81 16.81 1.17
C PRO A 168 -3.61 15.88 1.06
N ASP A 169 -3.45 15.05 2.08
CA ASP A 169 -2.32 14.15 2.14
C ASP A 169 -2.40 13.10 1.05
N PHE A 170 -1.25 12.76 0.48
CA PHE A 170 -1.17 11.77 -0.57
C PHE A 170 -0.90 10.40 0.04
N LYS A 171 -1.84 9.48 -0.12
CA LYS A 171 -1.75 8.13 0.44
C LYS A 171 -0.93 7.24 -0.48
N ILE A 172 0.17 6.69 0.04
CA ILE A 172 0.99 5.75 -0.74
C ILE A 172 0.26 4.41 -0.83
N PRO A 173 0.13 3.82 -2.01
CA PRO A 173 -0.63 2.57 -2.12
C PRO A 173 -0.04 1.47 -1.27
N SER A 174 -0.86 0.45 -1.00
CA SER A 174 -0.40 -0.67 -0.19
C SER A 174 0.76 -1.41 -0.85
N ASN A 175 0.68 -1.59 -2.18
CA ASN A 175 1.75 -2.18 -2.98
C ASN A 175 2.10 -1.20 -4.10
N PRO A 176 2.94 -0.20 -3.82
CA PRO A 176 3.14 0.86 -4.81
C PRO A 176 4.26 0.61 -5.81
N ARG A 177 4.43 1.54 -6.74
CA ARG A 177 5.58 1.54 -7.64
C ARG A 177 6.75 2.17 -6.90
N TYR A 178 7.78 1.37 -6.65
CA TYR A 178 8.94 1.83 -5.90
C TYR A 178 9.87 2.63 -6.81
N GLY A 179 10.52 3.63 -6.21
CA GLY A 179 11.45 4.48 -6.94
C GLY A 179 11.30 5.97 -6.68
N MET A 180 11.64 6.80 -7.64
CA MET A 180 11.66 8.25 -7.46
C MET A 180 10.35 8.86 -7.95
N TRP A 181 9.57 9.43 -7.05
CA TRP A 181 8.36 10.15 -7.38
C TRP A 181 8.63 11.64 -7.48
N THR A 182 7.92 12.31 -8.40
CA THR A 182 8.07 13.74 -8.65
C THR A 182 6.76 14.46 -8.40
N ILE A 183 6.81 15.58 -7.69
CA ILE A 183 5.66 16.47 -7.50
C ILE A 183 5.90 17.74 -8.28
N LYS A 184 4.92 18.15 -9.08
CA LYS A 184 5.04 19.35 -9.91
C LYS A 184 3.92 20.30 -9.52
N ALA A 185 4.28 21.47 -9.02
CA ALA A 185 3.32 22.52 -8.72
C ALA A 185 3.27 23.50 -9.89
N LYS A 186 2.09 24.07 -10.12
CA LYS A 186 1.98 24.99 -11.23
C LYS A 186 0.77 25.88 -10.93
N TYR A 187 0.67 27.00 -11.62
CA TYR A 187 -0.50 27.86 -11.52
C TYR A 187 -1.55 27.48 -12.55
N LYS A 188 -2.81 27.55 -12.14
CA LYS A 188 -3.89 27.15 -13.03
C LYS A 188 -4.12 28.14 -14.16
N GLU A 189 -3.78 29.41 -13.95
CA GLU A 189 -4.05 30.46 -14.92
C GLU A 189 -2.82 31.33 -15.14
N ASP A 190 -2.79 31.95 -16.32
CA ASP A 190 -2.02 33.17 -16.57
C ASP A 190 -0.52 32.94 -16.67
N PHE A 191 0.06 32.07 -15.85
CA PHE A 191 1.51 32.03 -15.75
C PHE A 191 2.05 30.64 -16.06
N SER A 192 3.35 30.60 -16.33
CA SER A 192 4.08 29.38 -16.63
C SER A 192 5.00 28.98 -15.48
N THR A 193 4.86 29.61 -14.32
CA THR A 193 5.71 29.29 -13.19
C THR A 193 5.49 27.84 -12.79
N THR A 194 6.58 27.14 -12.45
CA THR A 194 6.49 25.75 -12.03
C THR A 194 7.33 25.58 -10.76
N GLY A 195 6.89 24.67 -9.91
CA GLY A 195 7.68 24.24 -8.77
C GLY A 195 7.88 22.75 -8.86
N THR A 196 8.92 22.20 -8.25
CA THR A 196 9.19 20.79 -8.38
C THR A 196 9.83 20.26 -7.12
N ALA A 197 9.34 19.12 -6.63
CA ALA A 197 9.93 18.40 -5.52
C ALA A 197 10.01 16.93 -5.87
N TYR A 198 10.80 16.20 -5.09
CA TYR A 198 10.97 14.76 -5.29
C TYR A 198 10.85 14.05 -3.95
N PHE A 199 10.38 12.80 -4.01
CA PHE A 199 10.37 11.94 -2.84
C PHE A 199 10.41 10.48 -3.30
N GLU A 200 11.22 9.67 -2.64
CA GLU A 200 11.40 8.28 -2.99
C GLU A 200 10.44 7.39 -2.20
N VAL A 201 9.98 6.33 -2.84
CA VAL A 201 9.20 5.27 -2.19
C VAL A 201 10.01 3.99 -2.25
N LYS A 202 10.48 3.53 -1.09
CA LYS A 202 11.33 2.37 -0.97
C LYS A 202 10.60 1.28 -0.18
N GLU A 203 10.89 0.03 -0.52
CA GLU A 203 10.28 -1.10 0.17
C GLU A 203 11.03 -1.40 1.45
N TYR A 204 10.29 -1.53 2.56
CA TYR A 204 10.92 -1.83 3.83
C TYR A 204 11.30 -3.30 3.87
N VAL A 205 12.52 -3.58 4.32
CA VAL A 205 13.00 -4.94 4.53
C VAL A 205 13.58 -5.02 5.93
N LEU A 206 13.18 -6.03 6.69
CA LEU A 206 13.64 -6.18 8.06
C LEU A 206 15.12 -6.51 8.07
N PRO A 207 15.95 -5.71 8.72
CA PRO A 207 17.37 -6.00 8.80
C PRO A 207 17.71 -6.92 9.97
N HIS A 208 18.70 -7.77 9.74
CA HIS A 208 19.12 -8.68 10.80
C HIS A 208 20.03 -7.98 11.82
N PHE A 209 20.97 -7.17 11.35
CA PHE A 209 21.85 -6.41 12.23
C PHE A 209 22.26 -5.14 11.52
N SER A 210 22.99 -4.27 12.22
CA SER A 210 23.39 -2.98 11.69
C SER A 210 24.85 -3.03 11.27
N VAL A 211 25.13 -2.53 10.06
CA VAL A 211 26.46 -2.51 9.48
C VAL A 211 26.82 -1.06 9.19
N SER A 212 27.98 -0.64 9.68
CA SER A 212 28.48 0.72 9.51
C SER A 212 29.85 0.67 8.87
N ILE A 213 30.11 1.61 7.96
CA ILE A 213 31.41 1.74 7.33
C ILE A 213 31.94 3.12 7.69
N GLU A 214 33.19 3.16 8.13
CA GLU A 214 33.84 4.41 8.53
C GLU A 214 35.15 4.53 7.76
N PRO A 215 35.22 5.39 6.76
CA PRO A 215 36.49 5.60 6.08
C PRO A 215 37.40 6.49 6.92
N GLU A 216 38.68 6.47 6.55
CA GLU A 216 39.66 7.27 7.27
C GLU A 216 39.37 8.76 7.10
N TYR A 217 39.04 9.18 5.88
CA TYR A 217 38.67 10.56 5.60
C TYR A 217 37.54 10.56 4.59
N ASN A 218 36.88 11.72 4.47
CA ASN A 218 35.82 11.87 3.47
C ASN A 218 36.36 12.12 2.07
N PHE A 219 37.66 12.38 1.94
CA PHE A 219 38.31 12.59 0.65
C PHE A 219 39.63 11.83 0.64
N ILE A 220 40.13 11.58 -0.57
CA ILE A 220 41.37 10.84 -0.76
C ILE A 220 42.37 11.76 -1.42
N GLY A 221 43.39 12.17 -0.66
CA GLY A 221 44.43 13.04 -1.16
C GLY A 221 45.68 12.28 -1.58
N TYR A 222 46.76 13.03 -1.79
CA TYR A 222 48.01 12.41 -2.23
C TYR A 222 48.65 11.59 -1.12
N LYS A 223 48.38 11.93 0.14
CA LYS A 223 48.98 11.21 1.25
C LYS A 223 48.37 9.82 1.44
N ASN A 224 47.08 9.69 1.15
CA ASN A 224 46.38 8.42 1.30
C ASN A 224 46.12 7.72 -0.03
N PHE A 225 46.85 8.10 -1.09
CA PHE A 225 46.69 7.45 -2.38
C PHE A 225 47.33 6.07 -2.42
N LYS A 226 48.22 5.76 -1.49
CA LYS A 226 48.80 4.43 -1.38
C LYS A 226 48.15 3.58 -0.31
N ASN A 227 47.53 4.21 0.69
CA ASN A 227 46.88 3.48 1.76
C ASN A 227 45.68 4.29 2.25
N PHE A 228 44.52 3.64 2.32
CA PHE A 228 43.29 4.28 2.80
C PHE A 228 42.62 3.35 3.79
N GLU A 229 42.61 3.73 5.05
CA GLU A 229 42.07 2.89 6.11
C GLU A 229 40.54 2.89 6.09
N ILE A 230 39.96 1.71 6.30
CA ILE A 230 38.51 1.54 6.31
C ILE A 230 38.16 0.65 7.50
N THR A 231 37.27 1.13 8.36
CA THR A 231 36.85 0.41 9.55
C THR A 231 35.39 0.05 9.40
N ILE A 232 35.09 -1.25 9.41
CA ILE A 232 33.74 -1.76 9.21
C ILE A 232 33.26 -2.33 10.53
N LYS A 233 32.23 -1.72 11.11
CA LYS A 233 31.66 -2.22 12.35
C LYS A 233 30.27 -2.79 12.10
N ALA A 234 29.80 -3.62 13.03
CA ALA A 234 28.51 -4.26 12.89
C ALA A 234 28.06 -4.75 14.25
N ARG A 235 26.79 -4.50 14.59
CA ARG A 235 26.27 -4.89 15.89
C ARG A 235 24.80 -5.29 15.76
N TYR A 236 24.36 -6.19 16.63
CA TYR A 236 22.97 -6.58 16.66
C TYR A 236 22.12 -5.45 17.21
N PHE A 237 20.84 -5.44 16.83
CA PHE A 237 19.95 -4.37 17.26
C PHE A 237 19.51 -4.49 18.71
N TYR A 238 19.91 -5.56 19.42
CA TYR A 238 19.79 -5.59 20.87
C TYR A 238 21.06 -5.13 21.57
N ASN A 239 21.81 -4.22 20.95
CA ASN A 239 22.91 -3.49 21.59
C ASN A 239 24.05 -4.43 21.99
N LYS A 240 24.33 -5.42 21.17
CA LYS A 240 25.46 -6.32 21.37
C LYS A 240 26.25 -6.38 20.09
N VAL A 241 27.58 -6.44 20.22
CA VAL A 241 28.44 -6.49 19.05
C VAL A 241 28.38 -7.88 18.44
N VAL A 242 28.41 -7.93 17.10
CA VAL A 242 28.48 -9.21 16.41
C VAL A 242 29.84 -9.83 16.67
N THR A 243 29.84 -11.07 17.17
CA THR A 243 31.09 -11.69 17.60
C THR A 243 31.96 -12.07 16.40
N GLU A 244 31.43 -12.89 15.51
CA GLU A 244 32.17 -13.36 14.35
C GLU A 244 31.32 -13.26 13.09
N ALA A 245 31.93 -12.81 12.00
CA ALA A 245 31.26 -12.72 10.72
C ALA A 245 32.30 -12.69 9.62
N ASP A 246 31.83 -12.83 8.38
CA ASP A 246 32.68 -12.80 7.20
C ASP A 246 32.44 -11.49 6.46
N VAL A 247 33.50 -10.72 6.22
CA VAL A 247 33.42 -9.40 5.60
C VAL A 247 34.01 -9.47 4.20
N TYR A 248 33.21 -9.06 3.21
CA TYR A 248 33.64 -8.98 1.82
C TYR A 248 33.48 -7.56 1.31
N ILE A 249 34.54 -7.02 0.72
CA ILE A 249 34.58 -5.62 0.31
C ILE A 249 34.95 -5.56 -1.16
N THR A 250 34.10 -4.92 -1.96
CA THR A 250 34.37 -4.66 -3.37
C THR A 250 34.48 -3.16 -3.58
N PHE A 251 35.39 -2.77 -4.46
CA PHE A 251 35.67 -1.36 -4.72
C PHE A 251 35.36 -1.01 -6.17
N GLY A 252 34.92 0.23 -6.38
CA GLY A 252 34.61 0.69 -7.72
C GLY A 252 34.93 2.17 -7.89
N ILE A 253 34.98 2.59 -9.14
CA ILE A 253 35.19 3.98 -9.51
C ILE A 253 33.88 4.51 -10.07
N ARG A 254 33.49 5.71 -9.64
CA ARG A 254 32.20 6.28 -9.97
C ARG A 254 32.38 7.68 -10.55
N GLU A 255 31.62 7.98 -11.61
CA GLU A 255 31.72 9.29 -12.24
C GLU A 255 31.09 10.38 -11.40
N ASP A 256 29.79 10.26 -11.12
CA ASP A 256 29.09 11.21 -10.27
C ASP A 256 28.09 10.44 -9.43
N LEU A 257 27.68 11.05 -8.31
CA LEU A 257 26.79 10.39 -7.37
C LEU A 257 25.34 10.36 -7.84
N LYS A 258 24.96 11.23 -8.77
CA LYS A 258 23.60 11.20 -9.30
C LYS A 258 23.37 9.95 -10.15
N ASP A 259 24.32 9.61 -11.00
CA ASP A 259 24.20 8.45 -11.85
C ASP A 259 24.57 7.18 -11.09
N ASP A 260 23.70 6.18 -11.16
CA ASP A 260 23.89 4.91 -10.47
C ASP A 260 24.85 3.98 -11.20
N GLN A 261 25.61 4.48 -12.15
CA GLN A 261 26.58 3.67 -12.88
C GLN A 261 27.91 3.67 -12.15
N LYS A 262 28.61 2.53 -12.20
CA LYS A 262 29.89 2.39 -11.51
C LYS A 262 30.73 1.34 -12.21
N GLU A 263 32.05 1.48 -12.10
CA GLU A 263 33.01 0.54 -12.69
C GLU A 263 33.67 -0.24 -11.56
N MET A 264 33.36 -1.53 -11.46
CA MET A 264 33.89 -2.34 -10.38
C MET A 264 35.36 -2.68 -10.64
N MET A 265 36.03 -3.15 -9.59
CA MET A 265 37.43 -3.59 -9.66
C MET A 265 37.50 -4.96 -9.01
N GLN A 266 37.46 -6.00 -9.81
CA GLN A 266 37.51 -7.36 -9.28
C GLN A 266 38.87 -7.74 -8.77
N THR A 267 39.84 -6.82 -8.71
CA THR A 267 41.15 -7.14 -8.16
C THR A 267 41.22 -6.88 -6.66
N ALA A 268 40.51 -5.86 -6.17
CA ALA A 268 40.56 -5.48 -4.77
C ALA A 268 39.40 -6.06 -3.97
N MET A 269 38.93 -7.25 -4.31
CA MET A 269 37.83 -7.87 -3.57
C MET A 269 38.33 -8.53 -2.28
N GLN A 270 39.13 -7.82 -1.50
CA GLN A 270 39.74 -8.42 -0.32
C GLN A 270 38.68 -8.77 0.73
N ASN A 271 38.91 -9.89 1.43
CA ASN A 271 37.99 -10.44 2.41
C ASN A 271 38.69 -10.56 3.77
N THR A 272 37.96 -10.20 4.83
CA THR A 272 38.49 -10.26 6.19
C THR A 272 37.43 -10.80 7.13
N MET A 273 37.75 -10.87 8.42
CA MET A 273 36.88 -11.42 9.44
C MET A 273 36.42 -10.33 10.39
N LEU A 274 35.11 -10.27 10.62
CA LEU A 274 34.53 -9.39 11.63
C LEU A 274 34.63 -10.07 12.98
N ILE A 275 35.45 -9.52 13.87
CA ILE A 275 35.71 -10.10 15.18
C ILE A 275 35.34 -9.10 16.25
N ASN A 276 34.44 -9.52 17.16
CA ASN A 276 34.04 -8.71 18.32
C ASN A 276 33.48 -7.36 17.91
N GLY A 277 32.92 -7.27 16.71
CA GLY A 277 32.21 -6.09 16.24
C GLY A 277 32.95 -5.24 15.23
N ILE A 278 34.26 -5.34 15.15
CA ILE A 278 35.06 -4.44 14.32
C ILE A 278 35.96 -5.23 13.39
N ALA A 279 36.05 -4.78 12.14
CA ALA A 279 37.04 -5.25 11.19
C ALA A 279 37.67 -4.04 10.51
N GLN A 280 38.86 -4.23 9.95
CA GLN A 280 39.58 -3.13 9.32
C GLN A 280 40.33 -3.64 8.10
N VAL A 281 40.37 -2.82 7.05
CA VAL A 281 41.17 -3.09 5.86
C VAL A 281 41.84 -1.80 5.41
N THR A 282 42.82 -1.93 4.53
CA THR A 282 43.48 -0.79 3.90
C THR A 282 43.42 -0.96 2.39
N PHE A 283 43.02 0.10 1.70
CA PHE A 283 42.86 0.09 0.25
C PHE A 283 44.02 0.83 -0.38
N ASP A 284 44.82 0.12 -1.17
CA ASP A 284 45.90 0.74 -1.94
C ASP A 284 45.28 1.29 -3.21
N SER A 285 45.02 2.59 -3.23
CA SER A 285 44.32 3.18 -4.36
C SER A 285 45.13 3.00 -5.64
N GLU A 286 46.42 3.32 -5.59
CA GLU A 286 47.26 3.29 -6.79
C GLU A 286 47.20 1.93 -7.47
N THR A 287 47.44 0.86 -6.70
CA THR A 287 47.50 -0.47 -7.29
C THR A 287 46.16 -0.90 -7.87
N ALA A 288 45.07 -0.65 -7.16
CA ALA A 288 43.77 -1.09 -7.65
C ALA A 288 43.30 -0.28 -8.85
N VAL A 289 43.63 1.01 -8.89
CA VAL A 289 43.27 1.86 -10.02
C VAL A 289 44.29 1.77 -11.13
N LYS A 290 45.34 0.95 -10.99
CA LYS A 290 46.09 0.55 -12.18
C LYS A 290 45.24 -0.32 -13.09
N GLU A 291 44.27 -1.02 -12.52
CA GLU A 291 43.21 -1.64 -13.30
C GLU A 291 42.26 -0.55 -13.78
N LEU A 292 41.56 -0.82 -14.89
CA LEU A 292 40.65 0.14 -15.52
C LEU A 292 41.37 1.41 -15.95
N SER A 293 42.59 1.25 -16.45
CA SER A 293 43.42 2.37 -16.95
C SER A 293 43.73 3.31 -15.78
N TYR A 294 43.52 4.62 -15.92
CA TYR A 294 43.72 5.60 -14.86
C TYR A 294 45.18 5.69 -14.43
N TYR A 295 45.72 4.64 -13.81
CA TYR A 295 47.14 4.55 -13.49
C TYR A 295 47.62 5.57 -12.47
N SER A 296 47.38 6.85 -12.74
CA SER A 296 47.98 7.94 -11.97
C SER A 296 46.95 8.66 -11.12
N LEU A 297 47.46 9.47 -10.20
CA LEU A 297 46.60 10.31 -9.36
C LEU A 297 46.21 11.60 -10.06
N GLU A 298 46.93 11.99 -11.11
CA GLU A 298 46.49 13.12 -11.92
C GLU A 298 45.09 12.85 -12.48
N ASP A 299 44.77 11.59 -12.79
CA ASP A 299 43.42 11.20 -13.15
C ASP A 299 42.61 11.00 -11.86
N LEU A 300 41.43 10.42 -11.99
CA LEU A 300 40.55 10.15 -10.85
C LEU A 300 40.11 11.41 -10.11
N ASN A 301 40.69 12.56 -10.47
CA ASN A 301 40.34 13.80 -9.77
C ASN A 301 38.88 14.13 -10.00
N ASN A 302 38.19 14.46 -8.91
CA ASN A 302 36.76 14.73 -8.85
C ASN A 302 35.93 13.47 -9.13
N LYS A 303 36.56 12.34 -9.41
CA LYS A 303 35.85 11.07 -9.47
C LYS A 303 35.72 10.50 -8.06
N TYR A 304 34.90 9.46 -7.93
CA TYR A 304 34.55 8.92 -6.63
C TYR A 304 34.96 7.47 -6.49
N LEU A 305 35.14 7.05 -5.24
CA LEU A 305 35.44 5.67 -4.87
C LEU A 305 34.22 5.05 -4.20
N TYR A 306 33.50 4.19 -4.92
CA TYR A 306 32.37 3.47 -4.37
C TYR A 306 32.82 2.23 -3.61
N ILE A 307 32.26 2.02 -2.42
CA ILE A 307 32.62 0.90 -1.57
C ILE A 307 31.38 0.06 -1.29
N ALA A 308 31.49 -1.25 -1.46
CA ALA A 308 30.40 -2.17 -1.17
C ALA A 308 30.90 -3.22 -0.19
N VAL A 309 30.10 -3.50 0.83
CA VAL A 309 30.49 -4.42 1.90
C VAL A 309 29.34 -5.37 2.17
N THR A 310 29.65 -6.66 2.25
CA THR A 310 28.70 -7.70 2.64
C THR A 310 29.23 -8.38 3.89
N VAL A 311 28.38 -8.48 4.91
CA VAL A 311 28.73 -9.08 6.19
C VAL A 311 27.85 -10.30 6.42
N ILE A 312 28.47 -11.45 6.63
CA ILE A 312 27.78 -12.72 6.81
C ILE A 312 28.05 -13.19 8.23
N GLU A 313 27.08 -12.98 9.12
CA GLU A 313 27.21 -13.44 10.50
C GLU A 313 27.30 -14.96 10.54
N SER A 314 28.15 -15.48 11.43
CA SER A 314 28.52 -16.89 11.39
C SER A 314 27.56 -17.80 12.15
N THR A 315 26.92 -17.33 13.22
CA THR A 315 26.07 -18.20 14.01
C THR A 315 24.82 -18.60 13.23
N GLY A 316 23.99 -17.63 12.88
CA GLY A 316 22.78 -17.88 12.15
C GLY A 316 22.89 -17.84 10.65
N GLY A 317 24.07 -17.52 10.11
CA GLY A 317 24.25 -17.48 8.68
C GLY A 317 23.60 -16.30 7.97
N PHE A 318 23.01 -15.36 8.71
CA PHE A 318 22.31 -14.25 8.08
C PHE A 318 23.31 -13.26 7.48
N SER A 319 22.88 -12.59 6.41
CA SER A 319 23.74 -11.68 5.67
C SER A 319 23.09 -10.31 5.57
N GLU A 320 23.91 -9.26 5.69
CA GLU A 320 23.45 -7.89 5.56
C GLU A 320 24.49 -7.08 4.80
N GLU A 321 24.02 -6.13 3.99
CA GLU A 321 24.87 -5.34 3.11
C GLU A 321 24.93 -3.89 3.55
N ALA A 322 25.97 -3.20 3.09
CA ALA A 322 26.13 -1.78 3.33
C ALA A 322 27.01 -1.23 2.22
N GLU A 323 26.90 0.08 1.99
CA GLU A 323 27.63 0.70 0.89
C GLU A 323 27.95 2.15 1.22
N ILE A 324 29.11 2.61 0.79
CA ILE A 324 29.46 4.02 0.73
C ILE A 324 29.36 4.46 -0.73
N PRO A 325 28.48 5.41 -1.07
CA PRO A 325 28.26 5.74 -2.48
C PRO A 325 29.50 6.26 -3.19
N GLY A 326 30.26 7.13 -2.54
CA GLY A 326 31.44 7.66 -3.20
C GLY A 326 32.28 8.57 -2.32
N ILE A 327 33.59 8.37 -2.37
CA ILE A 327 34.56 9.23 -1.72
C ILE A 327 35.32 9.95 -2.82
N LYS A 328 35.14 11.27 -2.91
CA LYS A 328 35.74 12.02 -4.00
C LYS A 328 37.25 12.01 -3.85
N TYR A 329 37.94 11.55 -4.89
CA TYR A 329 39.38 11.70 -4.96
C TYR A 329 39.72 13.17 -5.16
N VAL A 330 40.58 13.70 -4.31
CA VAL A 330 40.90 15.13 -4.32
C VAL A 330 42.36 15.27 -4.69
N LEU A 331 42.61 16.00 -5.77
CA LEU A 331 43.98 16.22 -6.24
C LEU A 331 44.64 17.35 -5.49
N SER A 332 43.88 18.36 -5.09
CA SER A 332 44.41 19.50 -4.38
C SER A 332 43.55 19.81 -3.16
N PRO A 333 44.14 19.93 -1.98
CA PRO A 333 43.33 20.25 -0.79
C PRO A 333 42.63 21.61 -0.88
N TYR A 334 42.92 22.42 -1.89
CA TYR A 334 42.39 23.76 -2.00
C TYR A 334 41.73 23.99 -3.35
N LYS A 335 40.77 24.92 -3.36
CA LYS A 335 40.09 25.39 -4.56
C LYS A 335 40.05 26.91 -4.51
N LEU A 336 40.32 27.54 -5.65
CA LEU A 336 40.46 28.97 -5.75
C LEU A 336 39.27 29.58 -6.48
N ASN A 337 38.89 30.79 -6.07
CA ASN A 337 37.81 31.50 -6.73
C ASN A 337 37.97 32.99 -6.46
N LEU A 338 37.66 33.80 -7.46
CA LEU A 338 37.75 35.24 -7.31
C LEU A 338 36.52 35.78 -6.57
N VAL A 339 36.71 36.89 -5.88
CA VAL A 339 35.65 37.53 -5.11
C VAL A 339 35.70 39.03 -5.39
N ALA A 340 34.59 39.58 -5.87
CA ALA A 340 34.44 41.01 -6.05
C ALA A 340 35.54 41.56 -6.95
N THR A 341 35.85 40.84 -8.02
CA THR A 341 36.84 41.29 -8.99
C THR A 341 36.27 41.12 -10.38
N PRO A 342 35.68 42.17 -10.94
CA PRO A 342 35.20 42.09 -12.32
C PRO A 342 36.35 41.80 -13.26
N LEU A 343 36.10 40.93 -14.22
CA LEU A 343 37.10 40.57 -15.21
C LEU A 343 37.23 41.61 -16.32
N PHE A 344 37.28 42.89 -15.94
CA PHE A 344 37.38 43.97 -16.91
C PHE A 344 38.37 45.02 -16.45
N LEU A 345 39.17 45.51 -17.40
CA LEU A 345 40.21 46.48 -17.12
C LEU A 345 39.76 47.89 -17.49
N LYS A 346 40.12 48.85 -16.65
CA LYS A 346 39.92 50.26 -16.94
C LYS A 346 41.27 50.91 -17.12
N PRO A 347 41.63 51.35 -18.32
CA PRO A 347 42.99 51.87 -18.56
C PRO A 347 43.29 53.06 -17.67
N GLY A 348 44.37 52.97 -16.91
CA GLY A 348 44.79 54.02 -16.00
C GLY A 348 44.44 53.79 -14.55
N ILE A 349 43.57 52.83 -14.26
CA ILE A 349 43.15 52.53 -12.90
C ILE A 349 43.85 51.27 -12.44
N PRO A 350 44.41 51.22 -11.23
CA PRO A 350 44.98 49.97 -10.73
C PRO A 350 43.90 48.90 -10.66
N TYR A 351 44.24 47.72 -11.16
CA TYR A 351 43.30 46.62 -11.28
C TYR A 351 43.44 45.69 -10.08
N PRO A 352 42.40 45.51 -9.26
CA PRO A 352 42.52 44.64 -8.09
C PRO A 352 42.05 43.21 -8.37
N ILE A 353 42.74 42.26 -7.74
CA ILE A 353 42.41 40.85 -7.85
C ILE A 353 42.38 40.29 -6.45
N LYS A 354 41.24 39.74 -6.04
CA LYS A 354 41.06 39.16 -4.71
C LYS A 354 40.82 37.68 -4.88
N VAL A 355 41.88 36.87 -4.72
CA VAL A 355 41.69 35.43 -4.79
C VAL A 355 41.19 34.92 -3.45
N GLN A 356 40.55 33.76 -3.49
CA GLN A 356 39.90 33.19 -2.31
C GLN A 356 40.18 31.69 -2.30
N VAL A 357 40.58 31.17 -1.15
CA VAL A 357 41.01 29.79 -0.98
C VAL A 357 40.01 29.06 -0.09
N LYS A 358 39.58 27.88 -0.56
CA LYS A 358 38.66 27.04 0.19
C LYS A 358 39.20 25.61 0.23
N ASP A 359 38.73 24.83 1.19
CA ASP A 359 39.16 23.45 1.32
C ASP A 359 38.20 22.53 0.59
N SER A 360 38.32 21.22 0.84
CA SER A 360 37.45 20.26 0.18
C SER A 360 36.00 20.40 0.61
N LEU A 361 35.75 21.10 1.72
CA LEU A 361 34.40 21.39 2.19
C LEU A 361 33.94 22.79 1.83
N ASP A 362 34.63 23.46 0.91
CA ASP A 362 34.30 24.82 0.49
C ASP A 362 34.28 25.77 1.68
N GLN A 363 35.25 25.61 2.57
CA GLN A 363 35.41 26.47 3.74
C GLN A 363 36.64 27.33 3.57
N LEU A 364 36.51 28.61 3.92
CA LEU A 364 37.62 29.55 3.74
C LEU A 364 38.83 29.13 4.56
N VAL A 365 39.90 28.75 3.87
CA VAL A 365 41.15 28.35 4.52
C VAL A 365 42.02 29.59 4.66
N GLY A 366 42.61 29.77 5.84
CA GLY A 366 43.38 30.94 6.13
C GLY A 366 44.89 30.70 6.08
N GLY A 367 45.63 31.80 6.02
CA GLY A 367 47.08 31.73 6.00
C GLY A 367 47.66 31.02 4.80
N VAL A 368 46.93 30.97 3.69
CA VAL A 368 47.38 30.22 2.51
C VAL A 368 48.09 31.22 1.58
N PRO A 369 49.39 31.05 1.36
CA PRO A 369 50.07 31.94 0.41
C PRO A 369 49.61 31.70 -1.01
N VAL A 370 49.46 32.80 -1.75
CA VAL A 370 49.02 32.76 -3.14
C VAL A 370 50.00 33.57 -3.98
N THR A 371 50.45 32.99 -5.09
CA THR A 371 51.32 33.64 -6.05
C THR A 371 50.52 33.99 -7.28
N LEU A 372 50.68 35.23 -7.75
CA LEU A 372 49.95 35.75 -8.89
C LEU A 372 50.92 36.10 -10.01
N ASN A 373 50.71 35.48 -11.17
CA ASN A 373 51.42 35.80 -12.40
C ASN A 373 50.45 36.40 -13.40
N ALA A 374 50.99 37.08 -14.42
CA ALA A 374 50.14 37.76 -15.38
C ALA A 374 50.91 38.07 -16.66
N GLN A 375 50.23 37.93 -17.79
CA GLN A 375 50.72 38.40 -19.07
C GLN A 375 49.81 39.52 -19.56
N THR A 376 50.39 40.48 -20.28
CA THR A 376 49.65 41.63 -20.77
C THR A 376 49.82 41.76 -22.28
N ILE A 377 48.73 42.12 -22.95
CA ILE A 377 48.74 42.40 -24.38
C ILE A 377 48.16 43.78 -24.59
N ASP A 378 48.94 44.65 -25.24
CA ASP A 378 48.53 46.01 -25.52
C ASP A 378 47.99 46.10 -26.95
N VAL A 379 47.75 47.32 -27.42
CA VAL A 379 47.20 47.52 -28.75
C VAL A 379 48.18 47.10 -29.85
N ASN A 380 49.48 47.07 -29.57
CA ASN A 380 50.47 46.70 -30.57
C ASN A 380 50.73 45.21 -30.60
N GLN A 381 49.92 44.42 -29.90
CA GLN A 381 50.09 42.97 -29.73
C GLN A 381 51.41 42.61 -29.08
N GLU A 382 52.12 43.58 -28.50
CA GLU A 382 53.41 43.32 -27.89
C GLU A 382 53.17 42.77 -26.48
N THR A 383 53.42 41.47 -26.30
CA THR A 383 53.15 40.80 -25.04
C THR A 383 54.23 41.15 -24.02
N SER A 384 53.82 41.17 -22.74
CA SER A 384 54.76 41.46 -21.65
C SER A 384 54.45 40.54 -20.48
N ASP A 385 55.48 39.89 -19.95
CA ASP A 385 55.35 39.01 -18.81
C ASP A 385 55.66 39.81 -17.55
N LEU A 386 54.67 39.94 -16.67
CA LEU A 386 54.84 40.74 -15.47
C LEU A 386 55.67 40.00 -14.43
N ASP A 387 56.17 40.77 -13.47
CA ASP A 387 56.89 40.16 -12.36
C ASP A 387 55.88 39.53 -11.40
N PRO A 388 56.11 38.30 -10.96
CA PRO A 388 55.15 37.65 -10.07
C PRO A 388 55.05 38.37 -8.75
N SER A 389 53.85 38.32 -8.18
CA SER A 389 53.61 38.89 -6.85
C SER A 389 53.13 37.78 -5.92
N LYS A 390 53.17 38.06 -4.63
CA LYS A 390 52.79 37.06 -3.64
C LYS A 390 52.05 37.73 -2.49
N SER A 391 50.94 37.15 -2.10
CA SER A 391 50.19 37.58 -0.93
C SER A 391 49.94 36.37 -0.04
N VAL A 392 49.37 36.61 1.12
CA VAL A 392 49.00 35.55 2.04
C VAL A 392 47.52 35.71 2.34
N THR A 393 46.81 34.58 2.42
CA THR A 393 45.38 34.63 2.64
C THR A 393 45.12 35.30 3.99
N ARG A 394 44.39 36.42 3.96
CA ARG A 394 43.69 36.93 5.14
C ARG A 394 42.92 35.81 5.81
N VAL A 395 42.88 35.83 7.14
CA VAL A 395 42.33 34.75 7.93
C VAL A 395 41.15 35.23 8.74
N ASP A 396 40.81 36.50 8.60
CA ASP A 396 39.64 37.17 9.13
C ASP A 396 38.48 36.99 8.16
N ASP A 397 38.76 37.07 6.86
CA ASP A 397 37.76 36.88 5.82
C ASP A 397 38.12 35.84 4.76
N GLY A 398 39.30 35.24 4.82
CA GLY A 398 39.68 34.26 3.81
C GLY A 398 40.22 34.86 2.52
N VAL A 399 40.35 36.17 2.44
CA VAL A 399 40.71 36.87 1.22
C VAL A 399 42.22 36.92 1.05
N ALA A 400 42.68 36.89 -0.19
CA ALA A 400 44.08 37.17 -0.52
C ALA A 400 44.10 38.25 -1.58
N SER A 401 44.45 39.47 -1.18
CA SER A 401 44.26 40.65 -2.02
C SER A 401 45.52 40.96 -2.84
N PHE A 402 45.28 41.50 -4.04
CA PHE A 402 46.31 41.98 -4.95
C PHE A 402 45.85 43.29 -5.58
N VAL A 403 46.81 44.16 -5.87
CA VAL A 403 46.59 45.39 -6.63
C VAL A 403 47.64 45.44 -7.72
N LEU A 404 47.21 45.76 -8.95
CA LEU A 404 48.08 45.64 -10.10
C LEU A 404 48.11 46.95 -10.89
N ASN A 405 49.32 47.43 -11.18
CA ASN A 405 49.49 48.63 -11.99
C ASN A 405 49.92 48.22 -13.39
N LEU A 406 49.05 48.50 -14.38
CA LEU A 406 49.30 48.13 -15.75
C LEU A 406 49.49 49.36 -16.62
N PRO A 407 50.23 49.25 -17.72
CA PRO A 407 50.34 50.38 -18.65
C PRO A 407 48.99 50.77 -19.21
N SER A 408 48.87 52.05 -19.56
CA SER A 408 47.58 52.57 -20.04
C SER A 408 47.17 51.93 -21.36
N GLY A 409 48.14 51.48 -22.15
CA GLY A 409 47.81 50.89 -23.43
C GLY A 409 47.43 49.43 -23.42
N VAL A 410 47.39 48.79 -22.25
CA VAL A 410 47.09 47.36 -22.20
C VAL A 410 45.63 47.12 -22.56
N THR A 411 45.38 46.00 -23.22
CA THR A 411 44.03 45.60 -23.61
C THR A 411 43.59 44.28 -22.98
N VAL A 412 44.45 43.27 -22.93
CA VAL A 412 44.09 41.96 -22.38
C VAL A 412 45.06 41.59 -21.27
N LEU A 413 44.52 41.07 -20.17
CA LEU A 413 45.32 40.60 -19.04
C LEU A 413 45.01 39.14 -18.77
N GLU A 414 45.95 38.26 -19.07
CA GLU A 414 45.84 36.82 -18.81
C GLU A 414 46.60 36.52 -17.53
N PHE A 415 45.90 36.46 -16.41
CA PHE A 415 46.57 36.24 -15.14
C PHE A 415 46.20 34.88 -14.56
N ASN A 416 47.16 34.28 -13.89
CA ASN A 416 47.06 32.95 -13.33
C ASN A 416 47.47 32.98 -11.87
N VAL A 417 46.74 32.25 -11.03
CA VAL A 417 46.97 32.25 -9.60
C VAL A 417 47.23 30.83 -9.12
N LYS A 418 48.15 30.68 -8.17
CA LYS A 418 48.48 29.38 -7.60
C LYS A 418 48.63 29.51 -6.10
N THR A 419 48.46 28.38 -5.42
CA THR A 419 48.72 28.28 -4.00
C THR A 419 50.16 27.86 -3.76
N ASP A 420 50.74 28.37 -2.68
CA ASP A 420 52.13 28.09 -2.34
C ASP A 420 52.13 27.56 -0.91
N ALA A 421 51.76 26.30 -0.76
CA ALA A 421 51.73 25.67 0.56
C ALA A 421 53.09 25.03 0.85
N PRO A 422 53.56 25.12 2.09
CA PRO A 422 54.88 24.56 2.40
C PRO A 422 54.96 23.04 2.33
N ASP A 423 53.84 22.33 2.39
CA ASP A 423 53.85 20.87 2.46
C ASP A 423 53.22 20.21 1.23
N LEU A 424 52.87 20.98 0.20
CA LEU A 424 52.21 20.43 -0.97
C LEU A 424 53.16 20.34 -2.15
N PRO A 425 53.20 19.21 -2.85
CA PRO A 425 53.93 19.15 -4.12
C PRO A 425 53.29 20.06 -5.16
N GLU A 426 54.04 20.33 -6.22
CA GLU A 426 53.59 21.26 -7.24
C GLU A 426 52.33 20.77 -7.95
N GLU A 427 52.16 19.46 -8.05
CA GLU A 427 50.94 18.95 -8.65
C GLU A 427 49.74 19.17 -7.73
N ASN A 428 49.92 18.95 -6.43
CA ASN A 428 48.85 19.06 -5.46
C ASN A 428 48.51 20.50 -5.07
N GLN A 429 49.07 21.50 -5.74
CA GLN A 429 48.69 22.88 -5.52
C GLN A 429 47.46 23.25 -6.35
N ALA A 430 46.77 24.29 -5.92
CA ALA A 430 45.59 24.77 -6.63
C ALA A 430 45.98 25.84 -7.64
N ARG A 431 45.42 25.76 -8.83
CA ARG A 431 45.76 26.67 -9.92
C ARG A 431 44.50 27.08 -10.67
N GLU A 432 44.38 28.37 -10.94
CA GLU A 432 43.23 28.87 -11.71
C GLU A 432 43.68 29.97 -12.64
N GLY A 433 43.16 29.95 -13.86
CA GLY A 433 43.48 30.93 -14.88
C GLY A 433 42.31 31.85 -15.15
N TYR A 434 42.62 33.07 -15.58
CA TYR A 434 41.60 34.07 -15.83
C TYR A 434 42.07 35.02 -16.92
N ARG A 435 41.10 35.59 -17.64
CA ARG A 435 41.35 36.55 -18.71
C ARG A 435 40.45 37.75 -18.48
N ALA A 436 41.02 38.94 -18.53
CA ALA A 436 40.29 40.18 -18.34
C ALA A 436 40.49 41.07 -19.56
N ILE A 437 39.39 41.59 -20.09
CA ILE A 437 39.40 42.43 -21.29
C ILE A 437 39.15 43.86 -20.89
N ALA A 438 39.76 44.78 -21.62
CA ALA A 438 39.68 46.20 -21.31
C ALA A 438 38.35 46.79 -21.74
N TYR A 439 37.84 47.72 -20.92
CA TYR A 439 36.67 48.49 -21.30
C TYR A 439 36.99 49.31 -22.54
N SER A 440 36.10 49.31 -23.51
CA SER A 440 36.33 50.00 -24.77
C SER A 440 35.58 51.32 -24.78
N SER A 441 36.30 52.40 -25.09
CA SER A 441 35.69 53.72 -25.18
C SER A 441 36.37 54.50 -26.29
N LEU A 442 35.55 55.12 -27.13
CA LEU A 442 36.07 55.87 -28.25
C LEU A 442 36.65 57.22 -27.84
N SER A 443 36.28 57.71 -26.65
CA SER A 443 36.79 58.95 -26.11
C SER A 443 37.83 58.73 -25.03
N GLN A 444 38.39 57.53 -24.95
CA GLN A 444 39.34 57.15 -23.92
C GLN A 444 38.78 57.48 -22.54
N SER A 445 37.48 57.29 -22.37
CA SER A 445 36.80 57.68 -21.14
C SER A 445 36.35 56.44 -20.38
N TYR A 446 36.77 56.33 -19.12
CA TYR A 446 36.51 55.12 -18.35
C TYR A 446 36.05 55.47 -16.94
N LEU A 447 35.28 54.55 -16.34
CA LEU A 447 34.76 54.73 -14.99
C LEU A 447 35.00 53.45 -14.19
N TYR A 448 35.47 53.63 -12.95
CA TYR A 448 35.73 52.52 -12.04
C TYR A 448 35.18 52.84 -10.66
N ILE A 449 34.24 52.03 -10.18
CA ILE A 449 33.62 52.23 -8.87
C ILE A 449 33.97 51.08 -7.93
N ASP A 450 34.05 51.40 -6.62
CA ASP A 450 34.39 50.44 -5.57
C ASP A 450 34.31 51.12 -4.20
N TRP A 451 33.73 50.42 -3.21
CA TRP A 451 32.99 51.04 -2.10
C TRP A 451 33.68 51.07 -0.74
N THR A 452 34.97 51.42 -0.66
CA THR A 452 35.79 51.01 0.49
C THR A 452 35.84 49.51 0.31
N ASP A 453 35.69 48.68 1.33
CA ASP A 453 35.78 47.29 0.93
C ASP A 453 34.72 46.39 1.56
N ASN A 454 34.56 45.26 0.88
CA ASN A 454 33.46 44.31 0.91
C ASN A 454 33.48 43.40 2.13
N HIS A 455 34.54 43.47 2.93
CA HIS A 455 34.64 42.67 4.15
C HIS A 455 34.56 43.57 5.37
N LYS A 456 33.55 43.38 6.21
CA LYS A 456 32.56 42.30 6.08
C LYS A 456 31.44 42.57 5.07
N ALA A 457 30.58 41.56 4.88
CA ALA A 457 29.45 41.71 3.98
C ALA A 457 28.55 42.84 4.45
N LEU A 458 27.73 43.34 3.53
CA LEU A 458 26.89 44.49 3.82
C LEU A 458 25.72 44.09 4.71
N LEU A 459 25.58 44.77 5.83
CA LEU A 459 24.50 44.51 6.78
C LEU A 459 23.41 45.55 6.57
N VAL A 460 22.16 45.10 6.51
CA VAL A 460 21.05 46.04 6.32
C VAL A 460 20.99 46.98 7.50
N GLY A 461 20.92 48.28 7.21
CA GLY A 461 20.97 49.32 8.21
C GLY A 461 22.26 50.11 8.24
N GLU A 462 23.36 49.52 7.77
CA GLU A 462 24.63 50.25 7.70
C GLU A 462 24.62 51.20 6.53
N HIS A 463 25.79 51.60 6.06
CA HIS A 463 25.86 52.50 4.93
C HIS A 463 27.00 52.08 4.02
N LEU A 464 26.78 52.27 2.73
CA LEU A 464 27.71 51.83 1.70
C LEU A 464 28.40 53.06 1.13
N ASN A 465 29.68 53.24 1.45
CA ASN A 465 30.45 54.42 1.08
C ASN A 465 31.24 54.08 -0.18
N ILE A 466 30.64 54.30 -1.36
CA ILE A 466 31.27 53.90 -2.61
C ILE A 466 32.16 55.02 -3.14
N ILE A 467 33.24 54.61 -3.80
CA ILE A 467 34.24 55.51 -4.39
C ILE A 467 34.09 55.45 -5.90
N VAL A 468 33.91 56.62 -6.52
CA VAL A 468 33.70 56.75 -7.95
C VAL A 468 34.94 57.38 -8.55
N THR A 469 35.76 56.59 -9.24
CA THR A 469 36.98 57.12 -9.83
C THR A 469 36.88 57.06 -11.35
N PRO A 470 36.67 58.18 -12.02
CA PRO A 470 36.75 58.20 -13.47
C PRO A 470 38.15 58.58 -13.94
N LYS A 471 38.55 58.01 -15.08
CA LYS A 471 39.82 58.33 -15.70
C LYS A 471 39.57 58.58 -17.18
N SER A 472 39.89 59.79 -17.65
CA SER A 472 39.44 60.26 -18.95
C SER A 472 39.96 61.66 -19.24
N PRO A 473 39.88 62.10 -20.49
CA PRO A 473 39.74 63.52 -20.77
C PRO A 473 38.30 63.92 -20.47
N TYR A 474 38.00 65.19 -20.69
CA TYR A 474 36.69 65.74 -20.38
C TYR A 474 36.32 65.56 -18.92
N ILE A 475 37.32 65.37 -18.04
CA ILE A 475 37.02 65.09 -16.64
C ILE A 475 36.32 66.27 -16.00
N ASP A 476 36.92 67.46 -16.13
CA ASP A 476 36.44 68.63 -15.44
C ASP A 476 35.38 69.38 -16.24
N LYS A 477 34.65 68.67 -17.10
CA LYS A 477 33.42 69.20 -17.68
C LYS A 477 32.24 68.27 -17.40
N ILE A 478 32.47 67.16 -16.69
CA ILE A 478 31.37 66.30 -16.25
C ILE A 478 30.61 67.01 -15.14
N THR A 479 29.29 67.09 -15.28
CA THR A 479 28.52 67.83 -14.30
C THR A 479 28.19 66.99 -13.07
N HIS A 480 27.73 65.75 -13.28
CA HIS A 480 27.25 64.94 -12.17
C HIS A 480 27.57 63.47 -12.42
N TYR A 481 27.31 62.66 -11.40
CA TYR A 481 27.31 61.20 -11.52
C TYR A 481 25.88 60.70 -11.38
N ASN A 482 25.60 59.54 -11.97
CA ASN A 482 24.25 58.97 -11.95
C ASN A 482 24.30 57.51 -11.56
N TYR A 483 23.27 57.04 -10.86
CA TYR A 483 23.28 55.68 -10.32
C TYR A 483 21.90 55.04 -10.41
N LEU A 484 21.92 53.71 -10.59
CA LEU A 484 20.75 52.84 -10.54
C LEU A 484 21.07 51.66 -9.64
N ILE A 485 20.18 51.38 -8.69
CA ILE A 485 20.33 50.26 -7.77
C ILE A 485 19.24 49.25 -8.08
N LEU A 486 19.67 48.02 -8.37
CA LEU A 486 18.77 46.92 -8.72
C LEU A 486 18.86 45.80 -7.70
N SER A 487 17.76 45.08 -7.52
CA SER A 487 17.76 43.93 -6.62
C SER A 487 16.62 42.99 -7.01
N LYS A 488 16.94 41.71 -7.12
CA LYS A 488 15.94 40.68 -7.43
C LYS A 488 15.23 41.00 -8.74
N GLY A 489 15.98 41.53 -9.70
CA GLY A 489 15.43 41.83 -11.00
C GLY A 489 14.56 43.06 -11.10
N LYS A 490 14.64 43.98 -10.15
CA LYS A 490 13.84 45.20 -10.20
C LYS A 490 14.68 46.41 -9.80
N ILE A 491 14.53 47.50 -10.55
CA ILE A 491 15.24 48.73 -10.22
C ILE A 491 14.61 49.29 -8.95
N ILE A 492 15.32 49.21 -7.83
CA ILE A 492 14.77 49.72 -6.59
C ILE A 492 15.13 51.19 -6.33
N HIS A 493 16.27 51.66 -6.84
CA HIS A 493 16.66 53.05 -6.59
C HIS A 493 17.31 53.65 -7.83
N PHE A 494 17.42 54.98 -7.82
CA PHE A 494 18.03 55.73 -8.91
C PHE A 494 18.26 57.16 -8.45
N GLY A 495 19.26 57.82 -9.04
CA GLY A 495 19.49 59.22 -8.70
C GLY A 495 20.77 59.77 -9.29
N THR A 496 21.18 60.92 -8.75
CA THR A 496 22.27 61.74 -9.29
C THR A 496 22.98 62.42 -8.15
N ARG A 497 24.31 62.50 -8.24
CA ARG A 497 25.11 63.16 -7.23
C ARG A 497 25.98 64.24 -7.89
N GLU A 498 26.20 65.32 -7.15
CA GLU A 498 27.00 66.44 -7.65
C GLU A 498 28.48 66.07 -7.73
N LYS A 499 29.12 66.43 -8.82
CA LYS A 499 30.53 66.15 -9.02
C LYS A 499 31.36 67.32 -8.50
N PHE A 500 32.26 67.04 -7.55
CA PHE A 500 33.12 68.08 -6.99
C PHE A 500 34.26 68.36 -7.95
N SER A 501 34.41 69.62 -8.36
CA SER A 501 35.51 69.97 -9.24
C SER A 501 36.86 69.96 -8.54
N ASP A 502 36.89 69.74 -7.22
CA ASP A 502 38.12 69.78 -6.47
C ASP A 502 38.48 68.41 -5.91
N ALA A 503 38.62 67.41 -6.80
CA ALA A 503 39.02 66.05 -6.47
C ALA A 503 39.01 65.25 -7.75
N SER A 504 39.58 64.04 -7.69
CA SER A 504 39.44 63.05 -8.74
C SER A 504 38.29 62.09 -8.46
N TYR A 505 38.20 61.60 -7.23
CA TYR A 505 37.13 60.73 -6.77
C TYR A 505 36.27 61.47 -5.76
N GLN A 506 35.06 60.99 -5.58
CA GLN A 506 34.21 61.52 -4.53
C GLN A 506 33.31 60.41 -4.03
N SER A 507 33.11 60.39 -2.71
CA SER A 507 32.35 59.31 -2.08
C SER A 507 30.86 59.52 -2.28
N ILE A 508 30.20 58.55 -2.89
CA ILE A 508 28.75 58.51 -2.98
C ILE A 508 28.26 57.55 -1.91
N ASN A 509 27.37 58.02 -1.05
CA ASN A 509 26.86 57.23 0.06
C ASN A 509 25.52 56.62 -0.31
N ILE A 510 25.37 55.32 -0.05
CA ILE A 510 24.14 54.58 -0.34
C ILE A 510 23.67 53.84 0.90
N PRO A 511 22.57 54.27 1.52
CA PRO A 511 22.01 53.53 2.66
C PRO A 511 21.48 52.17 2.22
N VAL A 512 22.01 51.11 2.81
CA VAL A 512 21.59 49.75 2.49
C VAL A 512 20.28 49.43 3.20
N THR A 513 19.25 49.10 2.44
CA THR A 513 17.92 48.88 2.97
C THR A 513 17.53 47.41 2.83
N GLN A 514 16.38 47.07 3.42
CA GLN A 514 15.88 45.70 3.35
C GLN A 514 15.50 45.29 1.94
N ASN A 515 15.18 46.24 1.06
CA ASN A 515 14.88 45.93 -0.33
C ASN A 515 16.06 45.26 -1.01
N MET A 516 17.26 45.40 -0.46
CA MET A 516 18.47 44.95 -1.10
C MET A 516 18.89 43.55 -0.68
N VAL A 517 18.19 42.94 0.27
CA VAL A 517 18.46 41.56 0.67
C VAL A 517 17.99 40.60 -0.42
N PRO A 518 18.79 39.56 -0.73
CA PRO A 518 20.11 39.16 -0.24
C PRO A 518 21.26 39.62 -1.10
N SER A 519 20.94 40.24 -2.24
CA SER A 519 21.96 40.74 -3.14
C SER A 519 21.40 41.88 -3.94
N SER A 520 22.30 42.73 -4.43
CA SER A 520 21.90 43.86 -5.25
C SER A 520 23.01 44.13 -6.25
N ARG A 521 22.72 45.00 -7.21
CA ARG A 521 23.67 45.43 -8.22
C ARG A 521 23.62 46.94 -8.35
N LEU A 522 24.78 47.57 -8.42
CA LEU A 522 24.87 49.01 -8.55
C LEU A 522 25.51 49.38 -9.88
N LEU A 523 24.84 50.25 -10.62
CA LEU A 523 25.35 50.76 -11.89
C LEU A 523 25.53 52.27 -11.75
N VAL A 524 26.73 52.76 -11.97
CA VAL A 524 27.04 54.18 -11.92
C VAL A 524 27.58 54.59 -13.29
N TYR A 525 27.16 55.76 -13.75
CA TYR A 525 27.61 56.25 -15.06
C TYR A 525 27.61 57.76 -15.07
N TYR A 526 28.48 58.30 -15.93
CA TYR A 526 28.52 59.73 -16.24
C TYR A 526 28.49 59.91 -17.75
N ILE A 527 28.11 61.11 -18.17
CA ILE A 527 27.89 61.40 -19.58
C ILE A 527 29.02 62.28 -20.09
N VAL A 528 29.73 61.79 -21.10
CA VAL A 528 30.69 62.59 -21.85
C VAL A 528 29.96 63.18 -23.04
N THR A 529 30.02 64.50 -23.18
CA THR A 529 29.24 65.20 -24.17
C THR A 529 30.16 66.06 -25.02
N GLY A 530 29.56 66.83 -25.94
CA GLY A 530 30.30 67.67 -26.85
C GLY A 530 29.87 67.54 -28.30
N GLU A 531 30.83 67.37 -29.21
CA GLU A 531 30.50 67.07 -30.58
C GLU A 531 30.50 65.57 -30.79
N GLN A 532 30.35 65.13 -32.05
CA GLN A 532 30.19 63.73 -32.42
C GLN A 532 28.87 63.21 -31.85
N THR A 533 28.91 62.42 -30.78
CA THR A 533 27.67 61.96 -30.15
C THR A 533 27.91 61.66 -28.68
N ALA A 534 26.90 61.97 -27.85
CA ALA A 534 26.99 61.73 -26.41
C ALA A 534 27.39 60.28 -26.12
N GLU A 535 28.17 60.11 -25.05
CA GLU A 535 28.70 58.81 -24.65
C GLU A 535 28.39 58.56 -23.18
N LEU A 536 27.93 57.35 -22.86
CA LEU A 536 27.70 56.94 -21.48
C LEU A 536 28.89 56.10 -21.00
N VAL A 537 29.52 56.54 -19.93
CA VAL A 537 30.64 55.83 -19.32
C VAL A 537 30.16 55.23 -18.01
N SER A 538 30.11 53.91 -17.95
CA SER A 538 29.42 53.19 -16.88
C SER A 538 30.30 52.09 -16.29
N ASP A 539 29.93 51.69 -15.07
CA ASP A 539 30.53 50.56 -14.38
C ASP A 539 29.50 50.04 -13.39
N SER A 540 29.64 48.77 -13.01
CA SER A 540 28.70 48.13 -12.11
C SER A 540 29.44 47.21 -11.15
N VAL A 541 28.85 47.02 -9.97
CA VAL A 541 29.42 46.15 -8.96
C VAL A 541 28.29 45.33 -8.35
N TRP A 542 28.64 44.15 -7.85
CA TRP A 542 27.68 43.24 -7.23
C TRP A 542 27.84 43.32 -5.71
N LEU A 543 26.74 43.62 -5.03
CA LEU A 543 26.73 43.81 -3.58
C LEU A 543 26.07 42.60 -2.91
N ASN A 544 26.87 41.81 -2.21
CA ASN A 544 26.38 40.69 -1.42
C ASN A 544 25.97 41.18 -0.04
N ILE A 545 24.71 41.01 0.30
CA ILE A 545 24.13 41.56 1.52
C ILE A 545 23.61 40.42 2.38
N GLU A 546 23.70 40.60 3.70
CA GLU A 546 23.31 39.57 4.65
C GLU A 546 21.88 39.10 4.41
N GLU A 547 21.69 37.80 4.55
CA GLU A 547 20.38 37.19 4.34
C GLU A 547 19.56 37.39 5.61
N LYS A 548 18.72 38.42 5.60
CA LYS A 548 17.93 38.81 6.76
C LYS A 548 16.46 38.81 6.37
N CYS A 549 15.64 38.10 7.15
CA CYS A 549 14.23 38.06 6.87
C CYS A 549 13.57 39.42 7.07
N GLY A 550 12.59 39.73 6.21
CA GLY A 550 11.80 40.92 6.41
C GLY A 550 10.91 40.81 7.63
N ASN A 551 10.39 39.62 7.90
CA ASN A 551 9.58 39.32 9.09
C ASN A 551 10.25 38.11 9.71
N GLN A 552 11.16 38.37 10.66
CA GLN A 552 12.02 37.32 11.16
C GLN A 552 11.25 36.36 12.06
N LEU A 553 11.43 35.07 11.83
CA LEU A 553 10.77 34.02 12.60
C LEU A 553 11.77 33.32 13.50
N GLN A 554 11.34 32.98 14.71
CA GLN A 554 12.19 32.32 15.66
C GLN A 554 11.34 31.40 16.52
N VAL A 555 11.73 30.12 16.62
CA VAL A 555 11.00 29.12 17.38
C VAL A 555 11.90 28.57 18.48
N HIS A 556 11.33 28.33 19.66
CA HIS A 556 12.09 27.83 20.78
C HIS A 556 11.28 26.77 21.52
N LEU A 557 11.97 25.92 22.26
CA LEU A 557 11.34 24.86 23.02
C LEU A 557 11.59 25.11 24.51
N SER A 558 10.51 25.24 25.26
CA SER A 558 10.59 25.34 26.71
C SER A 558 9.97 24.08 27.27
N PRO A 559 10.73 23.38 28.14
CA PRO A 559 12.06 23.77 28.58
C PRO A 559 13.17 23.41 27.60
N ASP A 560 14.28 24.13 27.65
CA ASP A 560 15.42 23.83 26.79
C ASP A 560 16.27 22.76 27.46
N ALA A 561 16.49 21.65 26.76
CA ALA A 561 17.26 20.55 27.30
C ALA A 561 17.94 19.82 26.16
N ASP A 562 19.07 19.18 26.48
CA ASP A 562 19.79 18.39 25.48
C ASP A 562 19.00 17.17 25.05
N ALA A 563 18.15 16.64 25.92
CA ALA A 563 17.33 15.48 25.60
C ALA A 563 16.05 15.53 26.42
N TYR A 564 15.00 14.95 25.86
CA TYR A 564 13.68 14.89 26.49
C TYR A 564 13.26 13.44 26.70
N SER A 565 12.23 13.26 27.50
CA SER A 565 11.68 11.95 27.77
C SER A 565 10.39 11.74 26.99
N PRO A 566 10.05 10.49 26.65
CA PRO A 566 8.85 10.26 25.85
C PRO A 566 7.57 10.68 26.56
N GLY A 567 6.63 11.21 25.78
CA GLY A 567 5.35 11.66 26.28
C GLY A 567 5.37 12.95 27.08
N GLN A 568 6.51 13.63 27.11
CA GLN A 568 6.65 14.84 27.93
C GLN A 568 5.88 16.00 27.32
N THR A 569 5.08 16.66 28.16
CA THR A 569 4.38 17.87 27.73
C THR A 569 5.38 19.01 27.64
N VAL A 570 5.47 19.65 26.47
CA VAL A 570 6.45 20.68 26.19
C VAL A 570 5.76 21.83 25.45
N SER A 571 6.31 23.04 25.61
CA SER A 571 5.73 24.22 24.99
C SER A 571 6.67 24.75 23.90
N LEU A 572 6.09 25.10 22.76
CA LEU A 572 6.82 25.72 21.66
C LEU A 572 6.44 27.18 21.56
N ASN A 573 7.45 28.05 21.56
CA ASN A 573 7.26 29.49 21.53
C ASN A 573 7.65 30.01 20.14
N MET A 574 6.71 30.66 19.47
CA MET A 574 6.95 31.26 18.17
C MET A 574 6.95 32.78 18.29
N ALA A 575 7.95 33.42 17.70
CA ALA A 575 8.10 34.87 17.76
C ALA A 575 8.45 35.39 16.37
N THR A 576 7.68 36.37 15.90
CA THR A 576 7.91 37.02 14.62
C THR A 576 7.99 38.53 14.83
N GLY A 577 8.66 39.21 13.89
CA GLY A 577 8.74 40.65 13.97
C GLY A 577 7.39 41.32 13.79
N MET A 578 6.58 40.81 12.87
CA MET A 578 5.24 41.31 12.63
C MET A 578 4.28 40.13 12.50
N ASP A 579 2.99 40.46 12.46
CA ASP A 579 1.95 39.46 12.31
C ASP A 579 2.23 38.61 11.09
N SER A 580 2.44 37.30 11.31
CA SER A 580 2.86 36.42 10.24
C SER A 580 2.23 35.04 10.36
N TRP A 581 1.98 34.42 9.22
CA TRP A 581 1.60 33.02 9.22
C TRP A 581 2.85 32.18 9.41
N VAL A 582 2.70 31.00 10.02
CA VAL A 582 3.82 30.13 10.31
C VAL A 582 3.40 28.69 10.04
N ALA A 583 4.10 28.02 9.12
CA ALA A 583 3.89 26.61 8.85
C ALA A 583 4.92 25.80 9.60
N LEU A 584 4.46 24.88 10.43
CA LEU A 584 5.33 24.09 11.28
C LEU A 584 5.41 22.66 10.77
N ALA A 585 6.50 21.99 11.12
CA ALA A 585 6.70 20.59 10.80
C ALA A 585 7.60 19.98 11.86
N ALA A 586 7.39 18.70 12.14
CA ALA A 586 8.21 17.96 13.10
C ALA A 586 8.54 16.60 12.50
N VAL A 587 9.79 16.40 12.10
CA VAL A 587 10.19 15.24 11.31
C VAL A 587 11.33 14.50 12.01
N ASP A 588 11.28 13.17 11.98
CA ASP A 588 12.39 12.36 12.43
C ASP A 588 13.64 12.67 11.62
N SER A 589 14.63 13.27 12.26
CA SER A 589 15.82 13.72 11.53
C SER A 589 16.54 12.59 10.83
N ALA A 590 16.35 11.34 11.28
CA ALA A 590 17.05 10.23 10.66
C ALA A 590 16.72 10.09 9.18
N VAL A 591 15.63 10.71 8.70
CA VAL A 591 15.31 10.63 7.28
C VAL A 591 16.32 11.37 6.43
N TYR A 592 17.06 12.33 6.98
CA TYR A 592 17.95 13.11 6.14
C TYR A 592 19.34 12.52 6.03
N GLY A 593 19.70 11.59 6.90
CA GLY A 593 21.00 10.94 6.83
C GLY A 593 22.14 11.92 7.03
N LEU A 602 16.91 20.55 4.23
CA LEU A 602 17.49 20.27 2.92
C LEU A 602 17.43 21.47 1.98
N GLU A 603 16.36 22.24 2.03
CA GLU A 603 16.15 23.31 1.08
C GLU A 603 16.69 24.64 1.61
N ARG A 604 17.19 25.45 0.67
CA ARG A 604 17.64 26.80 0.94
C ARG A 604 16.97 27.73 -0.05
N VAL A 605 16.18 28.68 0.47
CA VAL A 605 15.35 29.50 -0.38
C VAL A 605 16.07 30.74 -0.89
N PHE A 606 16.98 31.32 -0.10
CA PHE A 606 17.61 32.57 -0.49
C PHE A 606 18.43 32.44 -1.76
N GLN A 607 18.96 31.25 -2.03
CA GLN A 607 19.75 31.06 -3.24
C GLN A 607 18.85 30.83 -4.46
N PHE A 608 17.79 30.04 -4.29
CA PHE A 608 16.84 29.86 -5.38
C PHE A 608 16.04 31.12 -5.66
N LEU A 609 16.07 32.09 -4.75
CA LEU A 609 15.30 33.31 -4.94
C LEU A 609 16.01 34.27 -5.86
N GLU A 610 17.34 34.33 -5.77
CA GLU A 610 18.06 35.25 -6.65
C GLU A 610 18.38 34.61 -7.99
N LYS A 611 17.45 33.81 -8.50
CA LYS A 611 17.46 33.47 -9.91
C LYS A 611 16.77 34.54 -10.72
N SER A 612 15.97 35.39 -10.06
CA SER A 612 15.30 36.51 -10.69
C SER A 612 16.24 37.66 -11.00
N ASP A 613 17.45 37.63 -10.44
CA ASP A 613 18.49 38.59 -10.80
C ASP A 613 18.95 38.30 -12.22
N LEU A 614 18.62 39.19 -13.14
CA LEU A 614 18.97 39.00 -14.54
C LEU A 614 20.43 39.32 -14.82
N GLY A 615 21.18 39.74 -13.81
CA GLY A 615 22.58 40.04 -13.97
C GLY A 615 23.49 38.85 -13.77
N CYS A 616 24.73 39.01 -14.19
CA CYS A 616 25.73 37.96 -14.12
C CYS A 616 27.07 38.56 -13.73
N GLY A 617 27.92 37.74 -13.14
CA GLY A 617 29.27 38.17 -12.81
C GLY A 617 29.31 39.19 -11.69
N ALA A 618 30.51 39.68 -11.45
CA ALA A 618 30.76 40.66 -10.41
C ALA A 618 30.59 42.09 -10.88
N GLY A 619 30.22 42.31 -12.13
CA GLY A 619 30.02 43.64 -12.65
C GLY A 619 30.98 43.95 -13.78
N GLY A 620 30.84 45.17 -14.29
CA GLY A 620 31.68 45.61 -15.38
C GLY A 620 31.07 45.29 -16.74
N GLY A 621 31.91 45.34 -17.76
CA GLY A 621 31.47 45.05 -19.12
C GLY A 621 32.48 45.49 -20.17
N LEU A 622 32.37 44.94 -21.38
CA LEU A 622 33.26 45.33 -22.47
C LEU A 622 33.05 46.79 -22.86
N ASN A 623 31.83 47.28 -22.76
CA ASN A 623 31.53 48.69 -23.03
C ASN A 623 30.31 49.06 -22.19
N ASN A 624 29.74 50.24 -22.45
CA ASN A 624 28.58 50.69 -21.68
C ASN A 624 27.40 49.75 -21.84
N ALA A 625 27.06 49.42 -23.08
CA ALA A 625 25.92 48.55 -23.30
C ALA A 625 26.14 47.20 -22.64
N ASN A 626 27.37 46.70 -22.65
CA ASN A 626 27.64 45.44 -21.97
C ASN A 626 27.60 45.59 -20.45
N VAL A 627 27.95 46.77 -19.94
CA VAL A 627 27.81 47.00 -18.51
C VAL A 627 26.36 46.95 -18.10
N PHE A 628 25.48 47.60 -18.89
CA PHE A 628 24.05 47.53 -18.59
C PHE A 628 23.52 46.10 -18.75
N HIS A 629 24.00 45.39 -19.77
CA HIS A 629 23.50 44.04 -20.01
C HIS A 629 23.88 43.09 -18.90
N LEU A 630 25.15 43.09 -18.50
CA LEU A 630 25.58 42.19 -17.44
C LEU A 630 24.95 42.55 -16.10
N ALA A 631 24.36 43.72 -15.98
CA ALA A 631 23.62 44.09 -14.79
C ALA A 631 22.14 43.74 -14.90
N GLY A 632 21.72 43.19 -16.03
CA GLY A 632 20.33 42.86 -16.24
C GLY A 632 19.43 44.01 -16.62
N LEU A 633 19.91 44.89 -17.50
CA LEU A 633 19.20 46.11 -17.86
C LEU A 633 19.20 46.33 -19.37
N THR A 634 18.07 46.77 -19.91
CA THR A 634 17.99 47.41 -21.22
C THR A 634 17.74 48.90 -21.01
N PHE A 635 18.22 49.70 -21.95
CA PHE A 635 18.20 51.14 -21.85
C PHE A 635 17.87 51.75 -23.21
N LEU A 636 17.24 52.92 -23.17
CA LEU A 636 16.92 53.71 -24.36
C LEU A 636 17.66 55.04 -24.28
N THR A 637 18.44 55.35 -25.31
CA THR A 637 19.27 56.53 -25.27
C THR A 637 19.43 57.09 -26.67
N ASN A 638 19.50 58.41 -26.77
CA ASN A 638 19.96 59.08 -27.97
C ASN A 638 21.47 59.09 -28.07
N ALA A 639 22.17 58.73 -27.00
CA ALA A 639 23.61 58.58 -27.02
C ALA A 639 24.01 57.29 -27.74
N ASN A 640 25.32 57.04 -27.77
CA ASN A 640 25.82 55.85 -28.44
C ASN A 640 25.29 54.61 -27.74
N ALA A 641 24.67 53.73 -28.52
CA ALA A 641 24.07 52.51 -28.00
C ALA A 641 24.60 51.25 -28.69
N ASP A 642 25.83 51.29 -29.17
CA ASP A 642 26.42 50.14 -29.84
C ASP A 642 26.60 48.97 -28.90
N ASP A 643 25.79 47.93 -29.09
CA ASP A 643 25.85 46.73 -28.28
C ASP A 643 26.34 45.58 -29.13
N SER A 644 26.50 44.42 -28.50
CA SER A 644 26.91 43.22 -29.22
C SER A 644 25.76 42.71 -30.07
N GLN A 645 25.95 41.55 -30.69
CA GLN A 645 24.99 41.01 -31.64
C GLN A 645 24.00 40.11 -30.94
N GLU A 646 22.74 40.18 -31.39
CA GLU A 646 21.66 39.32 -30.89
C GLU A 646 21.53 39.39 -29.38
N ASN A 647 21.87 40.55 -28.80
CA ASN A 647 21.88 40.72 -27.35
C ASN A 647 20.49 41.14 -26.89
N ASP A 648 19.60 40.15 -26.80
CA ASP A 648 18.22 40.35 -26.38
C ASP A 648 17.85 39.50 -25.18
N GLU A 649 18.30 38.25 -25.13
CA GLU A 649 18.09 37.40 -23.97
C GLU A 649 19.03 37.83 -22.84
N PRO A 650 18.66 37.53 -21.59
CA PRO A 650 19.55 37.85 -20.47
C PRO A 650 20.87 37.10 -20.55
N CYS A 651 21.88 37.65 -19.89
CA CYS A 651 23.17 36.99 -19.80
C CYS A 651 23.02 35.65 -19.08
N LYS A 652 23.98 34.76 -19.31
CA LYS A 652 24.02 33.48 -18.63
C LYS A 652 25.29 33.45 -17.80
N GLU A 653 25.15 33.17 -16.51
CA GLU A 653 26.31 33.10 -15.63
C GLU A 653 27.27 32.03 -16.15
N ILE A 654 28.53 32.40 -16.31
CA ILE A 654 29.50 31.51 -16.93
C ILE A 654 30.06 30.58 -15.87
N LEU A 655 30.29 29.34 -16.28
CA LEU A 655 30.88 28.30 -15.46
C LEU A 655 32.23 27.90 -16.03
N ARG A 656 33.04 27.29 -15.17
CA ARG A 656 34.43 27.01 -15.55
C ARG A 656 34.80 25.55 -15.31
N LEU B 1 39.23 -20.78 -10.85
CA LEU B 1 37.90 -20.65 -10.29
C LEU B 1 37.34 -19.25 -10.53
N GLN B 2 38.17 -18.23 -10.34
CA GLN B 2 37.72 -16.87 -10.64
C GLN B 2 37.53 -16.68 -12.14
N LYS B 3 38.49 -17.11 -12.95
CA LYS B 3 38.38 -17.00 -14.40
C LYS B 3 37.24 -17.82 -14.95
N LYS B 4 37.01 -19.02 -14.39
CA LYS B 4 35.89 -19.85 -14.83
C LYS B 4 34.53 -19.19 -14.61
N ILE B 5 34.45 -18.16 -13.78
CA ILE B 5 33.22 -17.40 -13.59
C ILE B 5 33.30 -16.05 -14.28
N GLU B 6 34.50 -15.47 -14.40
CA GLU B 6 34.68 -14.23 -15.13
C GLU B 6 34.26 -14.40 -16.58
N GLU B 7 34.52 -15.58 -17.16
CA GLU B 7 34.05 -15.84 -18.52
C GLU B 7 32.53 -15.86 -18.57
N ILE B 8 31.88 -16.46 -17.58
CA ILE B 8 30.42 -16.53 -17.55
C ILE B 8 29.81 -15.13 -17.47
N ALA B 9 30.25 -14.37 -16.48
CA ALA B 9 29.71 -13.03 -16.30
C ALA B 9 30.00 -12.17 -17.52
N ALA B 10 31.23 -12.26 -18.03
CA ALA B 10 31.57 -11.50 -19.23
C ALA B 10 30.71 -11.92 -20.41
N LYS B 11 30.30 -13.18 -20.46
CA LYS B 11 29.44 -13.64 -21.55
C LYS B 11 28.08 -12.99 -21.49
N TYR B 12 27.57 -12.76 -20.27
CA TYR B 12 26.21 -12.23 -20.13
C TYR B 12 26.18 -10.86 -19.48
N LYS B 13 27.29 -10.10 -19.53
CA LYS B 13 27.29 -8.76 -18.94
C LYS B 13 26.28 -7.85 -19.61
N HIS B 14 26.32 -7.75 -20.94
CA HIS B 14 25.37 -6.92 -21.68
C HIS B 14 24.42 -7.74 -22.54
N SER B 15 24.20 -9.01 -22.19
CA SER B 15 23.34 -9.87 -22.98
C SER B 15 21.87 -9.44 -22.84
N VAL B 16 21.10 -9.64 -23.90
CA VAL B 16 19.67 -9.37 -23.86
C VAL B 16 18.99 -10.22 -22.79
N VAL B 17 19.34 -11.51 -22.75
CA VAL B 17 18.83 -12.43 -21.75
C VAL B 17 19.93 -12.55 -20.71
N LYS B 18 19.84 -11.75 -19.67
CA LYS B 18 20.86 -11.69 -18.63
C LYS B 18 20.39 -12.24 -17.29
N LYS B 19 19.14 -11.99 -16.92
CA LYS B 19 18.63 -12.47 -15.65
C LYS B 19 18.50 -13.99 -15.66
N CYS B 20 18.08 -14.56 -16.80
CA CYS B 20 17.88 -16.00 -16.86
C CYS B 20 19.16 -16.74 -16.54
N CYS B 21 20.30 -16.20 -16.96
CA CYS B 21 21.58 -16.77 -16.56
C CYS B 21 21.80 -16.62 -15.07
N TYR B 22 21.46 -15.46 -14.51
CA TYR B 22 21.67 -15.21 -13.09
C TYR B 22 20.92 -16.21 -12.23
N ASP B 23 19.59 -16.13 -12.24
CA ASP B 23 18.84 -17.07 -11.43
C ASP B 23 18.91 -18.50 -11.94
N GLY B 24 19.53 -18.71 -13.10
CA GLY B 24 19.89 -20.06 -13.48
C GLY B 24 21.01 -20.62 -12.62
N ALA B 25 21.99 -19.79 -12.29
CA ALA B 25 23.13 -20.19 -11.49
C ALA B 25 22.80 -20.30 -10.01
N CYS B 26 21.55 -20.04 -9.62
CA CYS B 26 21.19 -20.10 -8.22
C CYS B 26 21.06 -21.54 -7.74
N VAL B 27 21.27 -21.73 -6.44
CA VAL B 27 21.33 -23.06 -5.87
C VAL B 27 19.94 -23.65 -5.78
N ASN B 28 19.79 -24.88 -6.26
CA ASN B 28 18.53 -25.61 -6.11
C ASN B 28 18.92 -27.09 -6.02
N ASN B 29 19.05 -27.58 -4.78
CA ASN B 29 19.46 -28.95 -4.55
C ASN B 29 18.31 -29.93 -4.68
N ASP B 30 17.13 -29.46 -5.04
CA ASP B 30 15.95 -30.31 -5.11
C ASP B 30 15.49 -30.57 -6.54
N GLU B 31 15.92 -29.77 -7.50
CA GLU B 31 15.49 -29.94 -8.88
C GLU B 31 16.69 -29.81 -9.81
N THR B 32 16.71 -30.62 -10.86
CA THR B 32 17.76 -30.54 -11.85
C THR B 32 17.59 -29.26 -12.68
N CYS B 33 18.60 -28.98 -13.51
CA CYS B 33 18.52 -27.79 -14.35
C CYS B 33 17.39 -27.88 -15.36
N GLU B 34 17.21 -29.06 -15.95
CA GLU B 34 16.15 -29.19 -16.95
C GLU B 34 14.77 -29.11 -16.31
N GLN B 35 14.63 -29.60 -15.08
CA GLN B 35 13.35 -29.50 -14.39
C GLN B 35 13.01 -28.07 -14.06
N ARG B 36 14.01 -27.28 -13.68
CA ARG B 36 13.76 -25.87 -13.41
C ARG B 36 13.48 -25.10 -14.69
N ALA B 37 14.24 -25.38 -15.74
CA ALA B 37 14.00 -24.72 -17.01
C ALA B 37 12.67 -25.14 -17.63
N ALA B 38 12.10 -26.25 -17.18
CA ALA B 38 10.80 -26.66 -17.72
C ALA B 38 9.69 -25.68 -17.36
N ARG B 39 9.89 -24.82 -16.36
CA ARG B 39 8.90 -23.83 -15.97
C ARG B 39 9.11 -22.47 -16.60
N ILE B 40 10.20 -22.28 -17.35
CA ILE B 40 10.48 -20.98 -17.94
C ILE B 40 9.53 -20.74 -19.10
N SER B 41 8.91 -19.56 -19.13
CA SER B 41 7.95 -19.22 -20.17
C SER B 41 8.35 -17.98 -20.96
N LEU B 42 9.65 -17.69 -21.03
CA LEU B 42 10.14 -16.49 -21.71
C LEU B 42 10.86 -16.79 -23.01
N GLY B 43 10.84 -18.01 -23.48
CA GLY B 43 11.37 -18.31 -24.79
C GLY B 43 12.62 -19.16 -24.76
N PRO B 44 13.08 -19.55 -25.96
CA PRO B 44 14.23 -20.47 -26.03
C PRO B 44 15.55 -19.85 -25.62
N ARG B 45 15.77 -18.56 -25.90
CA ARG B 45 17.05 -17.96 -25.52
C ARG B 45 17.21 -17.91 -24.01
N CYS B 46 16.14 -17.54 -23.31
CA CYS B 46 16.16 -17.52 -21.85
C CYS B 46 16.35 -18.93 -21.29
N ILE B 47 15.76 -19.93 -21.95
CA ILE B 47 15.91 -21.30 -21.49
C ILE B 47 17.34 -21.78 -21.68
N LYS B 48 17.99 -21.39 -22.79
CA LYS B 48 19.35 -21.85 -23.04
C LYS B 48 20.36 -21.13 -22.14
N ALA B 49 20.19 -19.82 -21.95
CA ALA B 49 21.06 -19.11 -21.01
C ALA B 49 20.88 -19.65 -19.60
N PHE B 50 19.63 -19.81 -19.17
CA PHE B 50 19.35 -20.39 -17.86
C PHE B 50 19.99 -21.75 -17.70
N THR B 51 19.83 -22.62 -18.71
CA THR B 51 20.35 -23.98 -18.61
C THR B 51 21.88 -23.99 -18.59
N GLU B 52 22.50 -23.16 -19.41
CA GLU B 52 23.96 -23.09 -19.42
C GLU B 52 24.48 -22.66 -18.04
N CYS B 53 24.05 -21.50 -17.57
CA CYS B 53 24.57 -21.00 -16.30
C CYS B 53 24.19 -21.92 -15.14
N CYS B 54 23.06 -22.63 -15.25
CA CYS B 54 22.69 -23.59 -14.21
C CYS B 54 23.66 -24.77 -14.18
N VAL B 55 23.94 -25.34 -15.35
CA VAL B 55 24.83 -26.51 -15.41
C VAL B 55 26.24 -26.13 -15.00
N VAL B 56 26.76 -25.01 -15.51
CA VAL B 56 28.12 -24.62 -15.17
C VAL B 56 28.23 -24.28 -13.70
N ALA B 57 27.22 -23.61 -13.14
CA ALA B 57 27.25 -23.30 -11.72
C ALA B 57 27.20 -24.56 -10.89
N SER B 58 26.44 -25.56 -11.34
CA SER B 58 26.38 -26.82 -10.60
C SER B 58 27.70 -27.59 -10.69
N GLN B 59 28.41 -27.48 -11.81
CA GLN B 59 29.70 -28.17 -11.91
C GLN B 59 30.75 -27.48 -11.05
N LEU B 60 30.74 -26.14 -11.00
CA LEU B 60 31.73 -25.44 -10.19
C LEU B 60 31.47 -25.64 -8.70
N ARG B 61 30.22 -25.78 -8.29
CA ARG B 61 29.89 -25.97 -6.89
C ARG B 61 30.24 -27.34 -6.37
N ALA B 62 30.98 -28.18 -7.10
CA ALA B 62 31.36 -29.49 -6.61
C ALA B 62 32.63 -29.36 -5.75
N ASN B 63 32.53 -29.81 -4.50
CA ASN B 63 33.64 -29.79 -3.56
C ASN B 63 34.20 -28.37 -3.41
N ILE B 64 33.31 -27.42 -3.19
CA ILE B 64 33.71 -26.02 -3.04
C ILE B 64 34.06 -25.73 -1.60
N SER B 65 34.59 -24.53 -1.36
CA SER B 65 34.76 -23.98 -0.03
C SER B 65 33.76 -22.84 0.14
N HIS B 66 33.44 -22.54 1.40
CA HIS B 66 32.48 -21.47 1.66
C HIS B 66 32.96 -20.15 1.11
N LYS B 67 34.28 -19.90 1.16
CA LYS B 67 34.82 -18.68 0.59
C LYS B 67 34.67 -18.68 -0.93
N ASP B 68 34.84 -19.85 -1.56
CA ASP B 68 34.66 -19.92 -3.00
C ASP B 68 33.20 -19.70 -3.40
N MET B 69 32.27 -20.31 -2.66
CA MET B 69 30.85 -20.10 -2.93
C MET B 69 30.46 -18.63 -2.77
N GLN B 70 30.88 -18.02 -1.66
CA GLN B 70 30.52 -16.63 -1.40
C GLN B 70 31.15 -15.68 -2.41
N LEU B 71 32.40 -15.95 -2.80
CA LEU B 71 33.05 -15.12 -3.81
C LEU B 71 32.36 -15.27 -5.16
N GLY B 72 31.92 -16.48 -5.49
CA GLY B 72 31.16 -16.67 -6.71
C GLY B 72 29.86 -15.90 -6.69
N ARG B 73 29.14 -15.93 -5.55
CA ARG B 73 27.96 -15.10 -5.42
C ARG B 73 28.28 -13.61 -5.47
N LEU B 74 29.51 -13.22 -5.15
CA LEU B 74 29.88 -11.82 -5.33
C LEU B 74 30.08 -11.48 -6.80
N HIS B 75 30.75 -12.34 -7.56
CA HIS B 75 30.92 -12.08 -8.99
C HIS B 75 29.58 -12.05 -9.71
N MET B 76 28.72 -13.03 -9.45
CA MET B 76 27.46 -13.09 -10.15
C MET B 76 26.50 -12.01 -9.65
N LYS B 77 26.46 -11.81 -8.33
CA LYS B 77 25.44 -10.99 -7.71
C LYS B 77 25.62 -9.49 -7.98
N THR B 78 26.72 -9.08 -8.59
CA THR B 78 26.98 -7.66 -8.84
C THR B 78 26.86 -7.28 -10.30
N LEU B 79 27.46 -8.06 -11.21
CA LEU B 79 27.54 -7.65 -12.60
C LEU B 79 26.23 -7.81 -13.36
N LEU B 80 25.45 -8.83 -13.05
CA LEU B 80 24.25 -9.11 -13.85
C LEU B 80 23.03 -8.33 -13.37
N PRO B 81 22.68 -8.33 -12.07
CA PRO B 81 21.47 -7.59 -11.66
C PRO B 81 21.66 -6.09 -11.80
N VAL B 82 20.60 -5.34 -11.53
CA VAL B 82 20.64 -3.89 -11.62
C VAL B 82 20.61 -3.34 -10.19
N SER B 83 19.42 -3.02 -9.71
CA SER B 83 19.25 -2.47 -8.37
C SER B 83 17.77 -2.54 -8.03
N LYS B 84 17.48 -2.35 -6.75
CA LYS B 84 16.10 -2.41 -6.28
C LYS B 84 15.96 -1.45 -5.12
N PRO B 85 15.02 -0.51 -5.20
CA PRO B 85 14.87 0.48 -4.13
C PRO B 85 14.27 -0.13 -2.88
N GLU B 86 15.02 -0.10 -1.79
CA GLU B 86 14.54 -0.63 -0.51
C GLU B 86 15.27 0.07 0.62
N ILE B 87 14.67 -0.02 1.81
CA ILE B 87 15.16 0.67 3.01
C ILE B 87 15.14 -0.28 4.20
N ARG B 88 16.15 -0.17 5.06
CA ARG B 88 16.23 -1.02 6.24
C ARG B 88 15.64 -0.39 7.50
N SER B 89 15.39 0.92 7.51
CA SER B 89 14.86 1.57 8.70
C SER B 89 13.48 2.16 8.43
N TYR B 90 12.63 2.17 9.46
CA TYR B 90 11.32 2.79 9.38
C TYR B 90 11.38 4.17 10.03
N PHE B 91 10.65 5.11 9.45
CA PHE B 91 10.59 6.47 9.96
C PHE B 91 9.15 6.78 10.37
N PRO B 92 8.91 7.18 11.60
CA PRO B 92 7.54 7.41 12.05
C PRO B 92 6.90 8.58 11.33
N GLU B 93 5.57 8.65 11.45
CA GLU B 93 4.86 9.74 10.81
C GLU B 93 5.29 11.06 11.44
N SER B 94 5.37 12.09 10.62
CA SER B 94 5.66 13.42 11.11
C SER B 94 4.42 13.99 11.80
N TRP B 95 4.64 15.06 12.55
CA TRP B 95 3.55 15.69 13.29
C TRP B 95 3.79 17.20 13.33
N LEU B 96 2.94 17.90 14.07
CA LEU B 96 2.97 19.36 14.15
C LEU B 96 2.82 20.00 12.77
N TRP B 97 2.25 19.26 11.83
CA TRP B 97 2.08 19.73 10.46
C TRP B 97 0.84 20.62 10.44
N GLU B 98 1.01 21.86 10.88
CA GLU B 98 -0.10 22.79 11.00
C GLU B 98 0.38 24.19 10.67
N VAL B 99 -0.58 25.08 10.42
CA VAL B 99 -0.31 26.48 10.12
C VAL B 99 -0.97 27.34 11.19
N HIS B 100 -0.25 28.34 11.67
CA HIS B 100 -0.73 29.19 12.75
C HIS B 100 -0.60 30.65 12.39
N LEU B 101 -1.59 31.44 12.79
CA LEU B 101 -1.49 32.89 12.72
C LEU B 101 -0.76 33.36 13.98
N VAL B 102 0.44 33.88 13.80
CA VAL B 102 1.30 34.32 14.90
C VAL B 102 1.23 35.84 14.98
N PRO B 103 0.50 36.44 16.00
CA PRO B 103 0.53 37.90 16.22
C PRO B 103 1.80 38.31 16.93
N ARG B 104 2.92 38.21 16.19
CA ARG B 104 4.25 38.55 16.68
C ARG B 104 4.73 37.60 17.78
N ARG B 105 3.80 36.89 18.40
CA ARG B 105 4.12 36.04 19.53
C ARG B 105 2.97 35.08 19.76
N LYS B 106 3.27 33.78 19.78
CA LYS B 106 2.25 32.79 20.06
C LYS B 106 2.93 31.54 20.59
N GLN B 107 2.51 31.09 21.78
CA GLN B 107 2.99 29.86 22.37
C GLN B 107 1.90 28.81 22.27
N LEU B 108 2.31 27.57 21.97
CA LEU B 108 1.38 26.46 21.92
C LEU B 108 2.06 25.26 22.57
N GLN B 109 1.35 24.61 23.48
CA GLN B 109 1.88 23.48 24.24
C GLN B 109 1.24 22.19 23.78
N PHE B 110 2.00 21.10 23.85
CA PHE B 110 1.52 19.79 23.41
C PHE B 110 2.30 18.71 24.16
N ALA B 111 2.20 17.47 23.68
CA ALA B 111 2.91 16.34 24.26
C ALA B 111 3.72 15.64 23.19
N LEU B 112 4.99 15.38 23.49
CA LEU B 112 5.86 14.68 22.54
C LEU B 112 5.39 13.24 22.35
N PRO B 113 5.50 12.71 21.14
CA PRO B 113 5.02 11.34 20.90
C PRO B 113 5.86 10.32 21.64
N ASP B 114 5.27 9.14 21.82
CA ASP B 114 5.94 8.04 22.50
C ASP B 114 6.83 7.35 21.50
N SER B 115 8.12 7.71 21.51
CA SER B 115 9.07 7.15 20.57
C SER B 115 10.47 7.56 21.00
N LEU B 116 11.46 6.79 20.58
CA LEU B 116 12.87 7.14 20.75
C LEU B 116 13.35 7.71 19.43
N THR B 117 13.31 9.03 19.31
CA THR B 117 13.51 9.68 18.02
C THR B 117 14.14 11.05 18.22
N THR B 118 15.02 11.43 17.31
CA THR B 118 15.56 12.79 17.31
C THR B 118 14.66 13.63 16.40
N TRP B 119 13.68 14.29 16.99
CA TRP B 119 12.74 15.09 16.24
C TRP B 119 13.36 16.42 15.85
N GLU B 120 13.01 16.89 14.65
CA GLU B 120 13.51 18.13 14.08
C GLU B 120 12.33 19.02 13.76
N ILE B 121 12.20 20.14 14.46
CA ILE B 121 11.09 21.07 14.30
C ILE B 121 11.51 22.23 13.40
N GLN B 122 10.75 22.45 12.34
CA GLN B 122 11.05 23.43 11.30
C GLN B 122 9.86 24.37 11.12
N GLY B 123 10.13 25.66 11.15
CA GLY B 123 9.11 26.67 10.95
C GLY B 123 9.41 27.51 9.73
N VAL B 124 8.36 27.85 8.98
CA VAL B 124 8.47 28.66 7.77
C VAL B 124 7.40 29.74 7.84
N GLY B 125 7.83 30.99 8.01
CA GLY B 125 6.90 32.10 8.11
C GLY B 125 6.61 32.75 6.77
N ILE B 126 5.35 33.10 6.57
CA ILE B 126 4.89 33.78 5.37
C ILE B 126 4.16 35.04 5.79
N SER B 127 4.57 36.18 5.23
CA SER B 127 3.95 37.46 5.50
C SER B 127 4.12 38.35 4.28
N ASN B 128 3.59 39.56 4.36
CA ASN B 128 3.75 40.52 3.28
C ASN B 128 5.20 40.92 3.06
N THR B 129 6.09 40.57 3.99
CA THR B 129 7.51 40.82 3.82
C THR B 129 8.25 39.63 3.23
N GLY B 130 7.55 38.54 2.93
CA GLY B 130 8.15 37.43 2.22
C GLY B 130 8.11 36.15 3.06
N ILE B 131 9.12 35.31 2.85
CA ILE B 131 9.24 34.01 3.49
C ILE B 131 10.46 34.02 4.40
N CYS B 132 10.34 33.31 5.53
CA CYS B 132 11.44 33.22 6.49
C CYS B 132 11.53 31.79 7.00
N VAL B 133 12.58 31.08 6.62
CA VAL B 133 12.82 29.74 7.14
C VAL B 133 13.56 29.90 8.46
N ALA B 134 12.89 29.64 9.56
CA ALA B 134 13.51 29.76 10.88
C ALA B 134 14.57 28.69 11.06
N ASP B 135 15.43 28.90 12.04
CA ASP B 135 16.43 27.90 12.40
C ASP B 135 15.76 26.64 12.91
N THR B 136 16.11 25.51 12.30
CA THR B 136 15.56 24.23 12.74
C THR B 136 16.03 23.93 14.16
N VAL B 137 15.08 23.60 15.05
CA VAL B 137 15.39 23.33 16.45
C VAL B 137 15.22 21.84 16.71
N LYS B 138 16.17 21.26 17.46
CA LYS B 138 16.19 19.82 17.72
C LYS B 138 15.54 19.48 19.04
N ALA B 139 14.95 18.29 19.09
CA ALA B 139 14.27 17.80 20.28
C ALA B 139 14.42 16.28 20.29
N LYS B 140 15.36 15.77 21.08
CA LYS B 140 15.69 14.36 21.10
C LYS B 140 14.91 13.69 22.23
N VAL B 141 13.89 12.89 21.89
CA VAL B 141 13.19 12.07 22.87
C VAL B 141 13.92 10.74 23.01
N PHE B 142 14.46 10.50 24.21
CA PHE B 142 15.41 9.43 24.44
C PHE B 142 15.23 8.84 25.83
N LYS B 143 15.43 7.53 25.94
CA LYS B 143 15.35 6.79 27.19
C LYS B 143 16.59 5.93 27.33
N ASP B 144 17.31 6.08 28.45
CA ASP B 144 18.61 5.42 28.61
C ASP B 144 18.51 3.98 29.09
N VAL B 145 17.46 3.60 29.82
CA VAL B 145 17.29 2.24 30.30
C VAL B 145 15.83 1.85 30.08
N PHE B 146 15.58 0.80 29.32
CA PHE B 146 14.18 0.49 29.06
C PHE B 146 14.03 -0.97 28.68
N LEU B 147 12.88 -1.54 29.03
CA LEU B 147 12.55 -2.93 28.74
C LEU B 147 11.61 -3.02 27.56
N GLU B 148 11.83 -4.01 26.71
CA GLU B 148 10.82 -4.36 25.70
C GLU B 148 10.66 -5.87 25.65
N MET B 149 9.42 -6.31 25.41
CA MET B 149 9.06 -7.72 25.37
C MET B 149 8.52 -8.11 24.01
N ASN B 150 8.85 -9.31 23.55
CA ASN B 150 8.39 -9.82 22.27
C ASN B 150 7.28 -10.84 22.49
N ILE B 151 6.04 -10.42 22.29
CA ILE B 151 4.87 -11.27 22.49
C ILE B 151 4.42 -11.77 21.12
N PRO B 152 4.27 -13.07 20.93
CA PRO B 152 3.83 -13.59 19.63
C PRO B 152 2.41 -13.18 19.28
N TYR B 153 2.09 -13.34 17.99
CA TYR B 153 0.77 -12.97 17.51
C TYR B 153 -0.31 -13.80 18.20
N SER B 154 -0.18 -15.12 18.18
CA SER B 154 -1.16 -15.98 18.81
C SER B 154 -0.46 -17.12 19.50
N VAL B 155 -1.16 -17.70 20.45
CA VAL B 155 -0.67 -18.84 21.22
C VAL B 155 -1.86 -19.78 21.45
N VAL B 156 -1.68 -21.05 21.17
CA VAL B 156 -2.75 -22.02 21.34
C VAL B 156 -2.86 -22.35 22.82
N ARG B 157 -4.09 -22.48 23.30
CA ARG B 157 -4.31 -22.79 24.70
C ARG B 157 -3.64 -24.11 25.07
N GLY B 158 -2.97 -24.11 26.22
CA GLY B 158 -2.26 -25.28 26.70
C GLY B 158 -0.79 -25.30 26.42
N GLU B 159 -0.32 -24.48 25.47
CA GLU B 159 1.09 -24.45 25.13
C GLU B 159 1.89 -23.71 26.20
N GLN B 160 3.09 -24.23 26.50
CA GLN B 160 4.00 -23.57 27.43
C GLN B 160 4.93 -22.67 26.62
N ILE B 161 4.76 -21.37 26.78
CA ILE B 161 5.43 -20.38 25.95
C ILE B 161 6.53 -19.73 26.76
N GLN B 162 7.69 -19.54 26.13
CA GLN B 162 8.79 -18.77 26.68
C GLN B 162 8.73 -17.37 26.08
N LEU B 163 8.37 -16.39 26.89
CA LEU B 163 8.31 -15.01 26.44
C LEU B 163 9.68 -14.37 26.62
N LYS B 164 10.30 -14.00 25.49
CA LYS B 164 11.61 -13.40 25.50
C LYS B 164 11.48 -11.89 25.47
N GLY B 165 12.45 -11.23 26.09
CA GLY B 165 12.48 -9.78 26.13
C GLY B 165 13.91 -9.34 26.34
N THR B 166 14.10 -8.02 26.36
CA THR B 166 15.42 -7.45 26.49
C THR B 166 15.33 -6.14 27.27
N VAL B 167 16.27 -5.96 28.20
CA VAL B 167 16.45 -4.67 28.86
C VAL B 167 17.69 -4.01 28.26
N TYR B 168 17.53 -2.76 27.85
CA TYR B 168 18.57 -2.00 27.19
C TYR B 168 19.12 -0.98 28.17
N ASN B 169 20.45 -0.91 28.26
CA ASN B 169 21.16 0.05 29.08
C ASN B 169 22.14 0.79 28.18
N TYR B 170 21.80 2.01 27.79
CA TYR B 170 22.65 2.84 26.96
C TYR B 170 23.56 3.74 27.78
N ARG B 171 23.40 3.78 29.10
CA ARG B 171 24.34 4.48 29.95
C ARG B 171 25.70 3.79 29.94
N THR B 172 26.74 4.58 30.13
CA THR B 172 28.10 4.03 30.08
C THR B 172 28.45 3.19 31.29
N SER B 173 27.62 3.22 32.35
CA SER B 173 27.87 2.47 33.58
C SER B 173 26.78 1.43 33.77
N GLY B 174 27.19 0.21 34.14
CA GLY B 174 26.24 -0.85 34.42
C GLY B 174 25.38 -0.56 35.63
N MET B 175 24.31 -1.33 35.79
CA MET B 175 23.37 -1.05 36.86
C MET B 175 22.53 -2.28 37.20
N GLN B 176 21.91 -2.23 38.37
CA GLN B 176 21.03 -3.29 38.84
C GLN B 176 19.59 -3.04 38.41
N PHE B 177 18.81 -4.13 38.37
CA PHE B 177 17.43 -4.06 37.92
C PHE B 177 16.73 -5.37 38.28
N CYS B 178 15.43 -5.41 38.04
CA CYS B 178 14.67 -6.66 38.12
C CYS B 178 13.35 -6.45 37.39
N VAL B 179 12.97 -7.43 36.57
CA VAL B 179 11.71 -7.43 35.85
C VAL B 179 10.77 -8.44 36.51
N LYS B 180 9.54 -8.03 36.73
CA LYS B 180 8.52 -8.91 37.28
C LYS B 180 7.31 -8.93 36.38
N MET B 181 6.56 -10.03 36.42
CA MET B 181 5.43 -10.25 35.54
C MET B 181 4.12 -10.13 36.30
N SER B 182 3.11 -9.58 35.64
CA SER B 182 1.80 -9.40 36.25
C SER B 182 0.95 -10.65 36.02
N ALA B 183 0.58 -11.33 37.10
CA ALA B 183 -0.19 -12.56 37.01
C ALA B 183 -1.66 -12.27 36.75
N VAL B 184 -2.17 -12.73 35.61
CA VAL B 184 -3.59 -12.68 35.31
C VAL B 184 -4.16 -14.07 35.58
N GLU B 185 -5.47 -14.12 35.83
CA GLU B 185 -6.08 -15.36 36.30
C GLU B 185 -5.87 -16.49 35.30
N GLY B 186 -6.16 -16.25 34.03
CA GLY B 186 -6.07 -17.33 33.06
C GLY B 186 -4.67 -17.79 32.73
N ILE B 187 -3.67 -16.94 32.97
CA ILE B 187 -2.29 -17.25 32.60
C ILE B 187 -1.62 -17.95 33.78
N CYS B 188 -1.28 -19.21 33.60
CA CYS B 188 -0.67 -20.02 34.66
C CYS B 188 0.84 -19.93 34.57
N THR B 189 1.47 -19.48 35.64
CA THR B 189 2.92 -19.39 35.71
C THR B 189 3.42 -20.41 36.71
N SER B 190 4.67 -20.83 36.55
CA SER B 190 5.19 -21.91 37.38
C SER B 190 5.37 -21.43 38.82
N GLU B 191 5.91 -20.23 38.99
CA GLU B 191 6.03 -19.63 40.31
C GLU B 191 4.65 -19.14 40.75
N SER B 192 4.60 -18.46 41.89
CA SER B 192 3.32 -17.99 42.39
C SER B 192 3.43 -16.54 42.82
N PRO B 193 2.35 -15.77 42.67
CA PRO B 193 2.40 -14.34 43.02
C PRO B 193 2.75 -14.12 44.49
N VAL B 194 3.53 -13.08 44.73
CA VAL B 194 3.95 -12.70 46.08
C VAL B 194 3.06 -11.58 46.64
N ILE B 195 2.86 -10.51 45.87
CA ILE B 195 2.13 -9.30 46.26
C ILE B 195 2.36 -8.24 45.17
N LYS B 201 -0.41 -8.76 43.27
CA LYS B 201 -0.01 -10.12 42.98
C LYS B 201 0.71 -10.21 41.63
N SER B 202 2.03 -10.08 41.64
CA SER B 202 2.79 -10.02 40.39
C SER B 202 4.25 -10.44 40.66
N SER B 203 4.50 -11.75 40.57
CA SER B 203 5.84 -12.32 40.43
C SER B 203 6.81 -11.89 41.51
N LYS B 204 8.12 -12.03 41.24
CA LYS B 204 9.16 -11.76 42.22
C LYS B 204 10.32 -11.01 41.56
N CYS B 205 11.01 -10.21 42.36
CA CYS B 205 12.11 -9.36 41.89
C CYS B 205 13.45 -10.00 42.26
N VAL B 206 14.09 -10.60 41.26
CA VAL B 206 15.43 -11.17 41.39
C VAL B 206 16.42 -10.19 40.75
N ARG B 207 17.28 -9.61 41.57
CA ARG B 207 18.14 -8.51 41.12
C ARG B 207 19.26 -9.00 40.21
N GLN B 208 19.31 -8.49 39.00
CA GLN B 208 20.36 -8.75 38.03
C GLN B 208 21.06 -7.44 37.68
N LYS B 209 22.13 -7.53 36.89
CA LYS B 209 22.92 -6.37 36.50
C LYS B 209 23.13 -6.35 35.00
N VAL B 210 22.84 -5.22 34.37
CA VAL B 210 23.19 -5.00 32.98
C VAL B 210 24.52 -4.27 32.91
N GLU B 211 25.40 -4.73 32.03
CA GLU B 211 26.66 -4.04 31.82
C GLU B 211 26.43 -2.75 31.05
N GLY B 212 27.38 -1.83 31.21
CA GLY B 212 27.24 -0.52 30.58
C GLY B 212 27.23 -0.64 29.06
N SER B 213 26.31 0.11 28.44
CA SER B 213 26.20 0.18 26.99
C SER B 213 26.01 -1.21 26.38
N SER B 214 24.98 -1.90 26.87
CA SER B 214 24.65 -3.22 26.35
C SER B 214 23.21 -3.56 26.72
N SER B 215 22.93 -4.85 26.88
CA SER B 215 21.57 -5.32 27.15
C SER B 215 21.63 -6.56 27.99
N HIS B 216 20.46 -7.03 28.42
CA HIS B 216 20.35 -8.26 29.19
C HIS B 216 19.06 -8.97 28.80
N LEU B 217 19.14 -10.29 28.72
CA LEU B 217 18.00 -11.07 28.27
C LEU B 217 16.99 -11.27 29.38
N VAL B 218 15.73 -11.42 29.00
CA VAL B 218 14.61 -11.63 29.91
C VAL B 218 13.80 -12.80 29.36
N THR B 219 13.34 -13.67 30.26
CA THR B 219 12.52 -14.81 29.87
C THR B 219 11.44 -15.04 30.91
N PHE B 220 10.22 -15.32 30.44
CA PHE B 220 9.12 -15.64 31.34
C PHE B 220 8.33 -16.77 30.72
N THR B 221 8.31 -17.93 31.38
CA THR B 221 7.55 -19.07 30.91
C THR B 221 6.13 -19.01 31.45
N VAL B 222 5.15 -19.07 30.56
CA VAL B 222 3.75 -19.06 30.96
C VAL B 222 3.00 -20.15 30.21
N LEU B 223 1.78 -20.41 30.66
CA LEU B 223 0.92 -21.43 30.07
C LEU B 223 -0.51 -20.93 30.14
N PRO B 224 -1.06 -20.47 29.02
CA PRO B 224 -2.43 -19.95 29.03
C PRO B 224 -3.43 -21.09 29.20
N LEU B 225 -4.34 -20.94 30.15
CA LEU B 225 -5.39 -21.93 30.36
C LEU B 225 -6.73 -21.53 29.77
N GLU B 226 -6.94 -20.26 29.44
CA GLU B 226 -8.21 -19.79 28.93
C GLU B 226 -8.03 -19.10 27.59
N ILE B 227 -9.03 -19.22 26.75
CA ILE B 227 -9.00 -18.71 25.39
C ILE B 227 -9.43 -17.25 25.40
N GLY B 228 -8.81 -16.44 24.57
CA GLY B 228 -9.16 -15.04 24.42
C GLY B 228 -7.95 -14.16 24.63
N LEU B 229 -8.19 -12.85 24.63
CA LEU B 229 -7.11 -11.90 24.82
C LEU B 229 -6.98 -11.58 26.30
N HIS B 230 -5.79 -11.84 26.85
CA HIS B 230 -5.51 -11.65 28.27
C HIS B 230 -4.38 -10.65 28.43
N ASN B 231 -4.61 -9.63 29.25
CA ASN B 231 -3.61 -8.61 29.52
C ASN B 231 -2.52 -9.13 30.44
N ILE B 232 -1.26 -8.87 30.08
CA ILE B 232 -0.11 -9.19 30.91
C ILE B 232 0.79 -7.97 30.99
N ASN B 233 1.19 -7.59 32.21
CA ASN B 233 2.09 -6.47 32.43
C ASN B 233 3.49 -6.94 32.77
N PHE B 234 4.48 -6.12 32.42
CA PHE B 234 5.88 -6.38 32.70
C PHE B 234 6.49 -5.16 33.35
N SER B 235 6.99 -5.32 34.56
CA SER B 235 7.56 -4.23 35.33
C SER B 235 9.07 -4.30 35.31
N LEU B 236 9.71 -3.20 34.92
CA LEU B 236 11.16 -3.05 34.98
C LEU B 236 11.49 -2.09 36.10
N GLU B 237 12.21 -2.57 37.11
CA GLU B 237 12.56 -1.77 38.27
C GLU B 237 14.06 -1.58 38.33
N THR B 238 14.47 -0.34 38.61
CA THR B 238 15.86 0.04 38.75
C THR B 238 15.97 1.06 39.86
N TRP B 239 17.20 1.24 40.35
CA TRP B 239 17.44 2.19 41.43
C TRP B 239 17.13 3.62 41.02
N PHE B 240 16.68 3.81 39.78
CA PHE B 240 16.35 5.14 39.31
C PHE B 240 14.90 5.27 38.87
N GLY B 241 14.09 4.24 39.00
CA GLY B 241 12.70 4.36 38.64
C GLY B 241 12.08 3.01 38.38
N LYS B 242 10.86 3.06 37.86
CA LYS B 242 10.07 1.88 37.61
C LYS B 242 9.20 2.14 36.38
N GLU B 243 9.19 1.19 35.45
CA GLU B 243 8.45 1.32 34.21
C GLU B 243 7.53 0.11 34.10
N ILE B 244 6.32 0.35 33.60
CA ILE B 244 5.35 -0.71 33.38
C ILE B 244 5.07 -0.77 31.89
N LEU B 245 5.19 -1.95 31.34
CA LEU B 245 4.94 -2.20 29.93
C LEU B 245 3.68 -3.07 29.86
N VAL B 246 2.61 -2.49 29.32
CA VAL B 246 1.33 -3.16 29.22
C VAL B 246 1.30 -3.97 27.92
N LYS B 247 0.91 -5.23 28.02
CA LYS B 247 0.93 -6.14 26.89
C LYS B 247 -0.34 -6.97 26.87
N THR B 248 -0.56 -7.66 25.76
CA THR B 248 -1.74 -8.49 25.58
C THR B 248 -1.37 -9.76 24.84
N LEU B 249 -1.75 -10.88 25.42
CA LEU B 249 -1.49 -12.20 24.86
C LEU B 249 -2.79 -12.74 24.27
N ARG B 250 -2.75 -13.12 23.01
CA ARG B 250 -3.91 -13.65 22.30
C ARG B 250 -3.86 -15.17 22.35
N VAL B 251 -4.84 -15.78 23.03
CA VAL B 251 -4.90 -17.23 23.18
C VAL B 251 -5.99 -17.75 22.24
N VAL B 252 -5.60 -18.70 21.39
CA VAL B 252 -6.41 -19.22 20.30
C VAL B 252 -6.77 -20.67 20.62
N PRO B 253 -7.97 -21.14 20.28
CA PRO B 253 -8.32 -22.53 20.55
C PRO B 253 -7.50 -23.50 19.71
N GLU B 254 -7.58 -24.77 20.09
CA GLU B 254 -6.94 -25.80 19.31
C GLU B 254 -7.73 -26.04 18.03
N GLY B 255 -7.20 -26.90 17.17
CA GLY B 255 -7.92 -27.28 15.97
C GLY B 255 -8.06 -26.19 14.92
N VAL B 256 -8.95 -26.44 13.97
CA VAL B 256 -9.20 -25.56 12.84
C VAL B 256 -10.40 -24.68 13.12
N LYS B 257 -10.35 -23.44 12.65
CA LYS B 257 -11.53 -22.58 12.63
C LYS B 257 -12.39 -22.89 11.41
N ARG B 258 -13.68 -23.08 11.63
CA ARG B 258 -14.63 -23.29 10.55
C ARG B 258 -15.78 -22.33 10.74
N GLU B 259 -16.24 -21.75 9.65
CA GLU B 259 -17.17 -20.64 9.67
C GLU B 259 -18.33 -20.95 8.74
N SER B 260 -19.53 -21.03 9.29
CA SER B 260 -20.76 -21.24 8.54
C SER B 260 -21.63 -19.99 8.59
N TYR B 261 -22.52 -19.85 7.60
CA TYR B 261 -23.29 -18.63 7.46
C TYR B 261 -24.76 -18.96 7.22
N SER B 262 -25.65 -18.15 7.79
CA SER B 262 -27.08 -18.31 7.60
C SER B 262 -27.70 -16.96 7.28
N GLY B 263 -28.54 -16.92 6.26
CA GLY B 263 -29.13 -15.67 5.82
C GLY B 263 -30.65 -15.75 5.76
N VAL B 264 -31.29 -14.64 6.16
CA VAL B 264 -32.74 -14.54 6.23
C VAL B 264 -33.11 -13.13 5.79
N THR B 265 -34.17 -13.01 4.98
CA THR B 265 -34.67 -11.73 4.50
C THR B 265 -36.01 -11.42 5.15
N LEU B 266 -36.14 -10.21 5.69
CA LEU B 266 -37.36 -9.78 6.37
C LEU B 266 -38.15 -8.86 5.45
N ASP B 267 -39.30 -9.37 4.98
CA ASP B 267 -40.28 -8.65 4.16
C ASP B 267 -41.61 -8.72 4.89
N PRO B 268 -41.88 -7.80 5.81
CA PRO B 268 -43.09 -7.93 6.65
C PRO B 268 -44.40 -7.78 5.89
N ARG B 269 -44.41 -7.05 4.77
CA ARG B 269 -45.64 -6.85 4.02
C ARG B 269 -45.67 -7.65 2.73
N GLY B 270 -44.68 -8.49 2.48
CA GLY B 270 -44.68 -9.34 1.31
C GLY B 270 -44.75 -8.56 0.01
N ILE B 271 -43.93 -7.52 -0.11
CA ILE B 271 -43.95 -6.70 -1.32
C ILE B 271 -43.20 -7.38 -2.45
N TYR B 272 -42.06 -8.02 -2.15
CA TYR B 272 -41.25 -8.69 -3.15
C TYR B 272 -41.47 -10.20 -3.15
N GLY B 273 -42.41 -10.70 -2.36
CA GLY B 273 -42.65 -12.13 -2.30
C GLY B 273 -43.60 -12.48 -1.18
N THR B 274 -43.39 -13.67 -0.62
CA THR B 274 -44.21 -14.08 0.51
C THR B 274 -43.83 -13.30 1.76
N ILE B 275 -44.79 -13.18 2.68
CA ILE B 275 -44.54 -12.45 3.93
C ILE B 275 -43.49 -13.19 4.73
N SER B 276 -42.63 -12.44 5.42
CA SER B 276 -41.54 -13.01 6.22
C SER B 276 -41.35 -12.14 7.45
N ARG B 277 -41.93 -12.54 8.58
CA ARG B 277 -41.84 -11.76 9.80
C ARG B 277 -41.00 -12.40 10.90
N ARG B 278 -40.80 -13.71 10.85
CA ARG B 278 -40.06 -14.43 11.89
C ARG B 278 -39.08 -15.40 11.25
N LYS B 279 -38.03 -15.70 12.01
CA LYS B 279 -37.13 -16.79 11.64
C LYS B 279 -36.37 -17.23 12.88
N GLU B 280 -36.06 -18.52 12.92
CA GLU B 280 -35.45 -19.16 14.07
C GLU B 280 -34.12 -19.76 13.64
N PHE B 281 -33.03 -19.24 14.19
CA PHE B 281 -31.70 -19.80 13.98
C PHE B 281 -31.41 -20.82 15.06
N PRO B 282 -31.43 -22.11 14.76
CA PRO B 282 -31.23 -23.10 15.80
C PRO B 282 -29.78 -23.18 16.24
N TYR B 283 -29.59 -23.49 17.51
CA TYR B 283 -28.27 -23.71 18.07
C TYR B 283 -27.95 -25.18 17.91
N ARG B 284 -26.98 -25.50 17.06
CA ARG B 284 -26.62 -26.89 16.81
C ARG B 284 -25.12 -27.04 16.99
N ILE B 285 -24.73 -27.96 17.86
CA ILE B 285 -23.32 -28.21 18.16
C ILE B 285 -22.75 -29.12 17.09
N PRO B 286 -21.64 -28.75 16.47
CA PRO B 286 -21.05 -29.61 15.44
C PRO B 286 -20.49 -30.88 16.06
N LEU B 287 -20.09 -31.80 15.19
CA LEU B 287 -19.63 -33.12 15.61
C LEU B 287 -18.30 -33.03 16.36
N ASP B 288 -17.24 -32.65 15.66
CA ASP B 288 -15.89 -32.64 16.20
C ASP B 288 -15.53 -31.33 16.89
N LEU B 289 -16.44 -30.74 17.65
CA LEU B 289 -16.17 -29.47 18.31
C LEU B 289 -15.08 -29.64 19.36
N VAL B 290 -14.15 -28.69 19.39
CA VAL B 290 -13.10 -28.72 20.41
C VAL B 290 -13.74 -28.60 21.79
N PRO B 291 -13.39 -29.45 22.74
CA PRO B 291 -14.02 -29.39 24.06
C PRO B 291 -13.66 -28.13 24.80
N LYS B 292 -14.57 -27.70 25.67
CA LYS B 292 -14.39 -26.50 26.49
C LYS B 292 -14.11 -25.28 25.62
N THR B 293 -14.76 -25.19 24.46
CA THR B 293 -14.71 -24.00 23.62
C THR B 293 -16.13 -23.55 23.31
N GLU B 294 -16.35 -22.25 23.32
CA GLU B 294 -17.68 -21.73 23.06
C GLU B 294 -17.94 -21.63 21.56
N ILE B 295 -19.16 -21.93 21.16
CA ILE B 295 -19.60 -21.74 19.79
C ILE B 295 -19.92 -20.26 19.62
N LYS B 296 -19.12 -19.56 18.84
CA LYS B 296 -19.33 -18.14 18.62
C LYS B 296 -20.31 -17.95 17.46
N ARG B 297 -21.07 -16.87 17.52
CA ARG B 297 -21.93 -16.52 16.39
C ARG B 297 -22.34 -15.06 16.52
N ILE B 298 -22.19 -14.31 15.43
CA ILE B 298 -22.48 -12.88 15.37
C ILE B 298 -23.74 -12.65 14.56
N LEU B 299 -24.55 -11.69 15.00
CA LEU B 299 -25.82 -11.33 14.37
C LEU B 299 -25.72 -9.94 13.79
N SER B 300 -26.03 -9.82 12.50
CA SER B 300 -26.00 -8.55 11.78
C SER B 300 -27.35 -8.33 11.10
N VAL B 301 -28.03 -7.26 11.47
CA VAL B 301 -29.34 -6.93 10.89
C VAL B 301 -29.21 -5.56 10.26
N LYS B 302 -29.19 -5.52 8.93
CA LYS B 302 -29.03 -4.27 8.21
C LYS B 302 -30.32 -3.91 7.49
N GLY B 303 -30.40 -2.66 7.07
CA GLY B 303 -31.65 -2.07 6.64
C GLY B 303 -32.14 -2.41 5.25
N LEU B 304 -31.26 -2.50 4.26
CA LEU B 304 -31.68 -2.68 2.89
C LEU B 304 -30.96 -3.89 2.30
N LEU B 305 -31.30 -4.18 1.05
CA LEU B 305 -30.55 -5.17 0.30
C LEU B 305 -29.09 -4.78 0.16
N VAL B 306 -28.83 -3.47 0.03
CA VAL B 306 -27.47 -2.95 -0.08
C VAL B 306 -26.95 -2.54 1.29
N GLY B 307 -27.73 -2.82 2.34
CA GLY B 307 -27.36 -2.32 3.67
C GLY B 307 -26.06 -2.90 4.19
N GLU B 308 -25.76 -4.14 3.84
CA GLU B 308 -24.54 -4.78 4.35
C GLU B 308 -23.29 -4.13 3.76
N ILE B 309 -23.33 -3.84 2.46
CA ILE B 309 -22.20 -3.16 1.82
C ILE B 309 -22.09 -1.74 2.33
N LEU B 310 -23.22 -1.07 2.52
CA LEU B 310 -23.22 0.27 3.10
C LEU B 310 -22.52 0.27 4.47
N SER B 311 -22.86 -0.70 5.32
CA SER B 311 -22.20 -0.78 6.61
C SER B 311 -20.72 -1.12 6.46
N ALA B 312 -20.38 -1.92 5.45
CA ALA B 312 -18.98 -2.28 5.24
C ALA B 312 -18.14 -1.07 4.90
N VAL B 313 -18.66 -0.18 4.06
CA VAL B 313 -17.87 0.97 3.61
C VAL B 313 -17.94 2.10 4.63
N LEU B 314 -19.12 2.42 5.12
CA LEU B 314 -19.30 3.59 5.96
C LEU B 314 -18.78 3.41 7.37
N SER B 315 -18.72 2.18 7.87
CA SER B 315 -18.10 1.87 9.16
C SER B 315 -16.65 1.51 8.93
N GLN B 316 -15.74 2.39 9.34
CA GLN B 316 -14.34 2.31 8.97
C GLN B 316 -13.51 1.50 9.97
N GLU B 317 -14.12 0.52 10.65
CA GLU B 317 -13.33 -0.32 11.54
C GLU B 317 -12.41 -1.26 10.75
N GLY B 318 -12.61 -1.36 9.43
CA GLY B 318 -11.73 -2.09 8.55
C GLY B 318 -11.87 -1.56 7.12
N ILE B 319 -12.35 -2.38 6.19
CA ILE B 319 -12.68 -3.80 6.39
C ILE B 319 -12.68 -4.45 5.01
N ASN B 320 -12.25 -5.71 4.94
CA ASN B 320 -12.26 -6.46 3.70
C ASN B 320 -13.41 -7.46 3.78
N ILE B 321 -14.22 -7.50 2.71
CA ILE B 321 -15.33 -8.43 2.63
C ILE B 321 -14.88 -9.84 2.26
N LEU B 322 -13.60 -10.01 1.93
CA LEU B 322 -13.04 -11.30 1.55
C LEU B 322 -11.71 -11.50 2.26
N THR B 323 -11.72 -11.37 3.58
CA THR B 323 -10.50 -11.49 4.35
C THR B 323 -9.88 -12.87 4.22
N HIS B 324 -10.71 -13.89 4.02
CA HIS B 324 -10.19 -15.25 3.90
C HIS B 324 -9.38 -15.45 2.63
N LEU B 325 -9.47 -14.53 1.64
CA LEU B 325 -8.66 -14.60 0.44
C LEU B 325 -7.45 -13.67 0.56
N PRO B 326 -6.28 -14.13 0.15
CA PRO B 326 -5.06 -13.34 0.35
C PRO B 326 -4.88 -12.27 -0.72
N LYS B 327 -4.10 -11.26 -0.36
CA LYS B 327 -3.69 -10.24 -1.33
C LYS B 327 -2.57 -10.78 -2.20
N GLY B 328 -2.21 -10.02 -3.23
CA GLY B 328 -1.16 -10.47 -4.10
C GLY B 328 -1.48 -10.28 -5.56
N SER B 329 -2.69 -10.67 -5.94
CA SER B 329 -3.14 -10.47 -7.30
C SER B 329 -3.72 -9.07 -7.47
N ALA B 330 -3.60 -8.57 -8.70
CA ALA B 330 -4.19 -7.27 -8.98
C ALA B 330 -5.69 -7.32 -8.82
N GLU B 331 -6.27 -8.50 -9.04
CA GLU B 331 -7.68 -8.70 -8.82
C GLU B 331 -8.08 -8.30 -7.41
N ALA B 332 -7.21 -8.57 -6.44
CA ALA B 332 -7.50 -8.15 -5.08
C ALA B 332 -7.50 -6.63 -4.96
N GLU B 333 -6.56 -5.96 -5.63
CA GLU B 333 -6.51 -4.51 -5.56
C GLU B 333 -7.74 -3.87 -6.17
N LEU B 334 -8.30 -4.48 -7.22
CA LEU B 334 -9.54 -3.95 -7.78
C LEU B 334 -10.73 -4.28 -6.89
N MET B 335 -10.76 -5.48 -6.36
CA MET B 335 -11.81 -5.85 -5.44
C MET B 335 -11.81 -4.94 -4.21
N SER B 336 -10.67 -4.35 -3.88
CA SER B 336 -10.61 -3.40 -2.78
C SER B 336 -11.46 -2.18 -3.07
N VAL B 337 -11.60 -1.81 -4.34
CA VAL B 337 -12.38 -0.63 -4.69
C VAL B 337 -13.79 -0.97 -5.15
N VAL B 338 -14.10 -2.25 -5.38
CA VAL B 338 -15.47 -2.66 -5.72
C VAL B 338 -16.54 -2.18 -4.73
N PRO B 339 -16.44 -2.48 -3.43
CA PRO B 339 -17.55 -2.13 -2.53
C PRO B 339 -17.76 -0.64 -2.42
N VAL B 340 -16.68 0.13 -2.28
CA VAL B 340 -16.78 1.58 -2.23
C VAL B 340 -17.43 2.10 -3.49
N PHE B 341 -17.09 1.51 -4.64
CA PHE B 341 -17.71 1.96 -5.89
C PHE B 341 -19.21 1.74 -5.87
N TYR B 342 -19.65 0.54 -5.49
CA TYR B 342 -21.08 0.26 -5.59
C TYR B 342 -21.87 1.04 -4.55
N VAL B 343 -21.29 1.29 -3.39
CA VAL B 343 -21.93 2.15 -2.40
C VAL B 343 -22.09 3.56 -2.99
N PHE B 344 -21.03 4.08 -3.59
CA PHE B 344 -21.12 5.41 -4.19
C PHE B 344 -22.16 5.44 -5.30
N HIS B 345 -22.23 4.37 -6.10
CA HIS B 345 -23.19 4.31 -7.19
C HIS B 345 -24.61 4.33 -6.66
N TYR B 346 -24.87 3.59 -5.57
CA TYR B 346 -26.19 3.62 -4.96
C TYR B 346 -26.52 5.01 -4.43
N LEU B 347 -25.59 5.60 -3.66
CA LEU B 347 -25.90 6.88 -3.02
C LEU B 347 -26.11 7.97 -4.04
N GLU B 348 -25.36 7.96 -5.13
CA GLU B 348 -25.46 9.06 -6.09
C GLU B 348 -26.62 8.87 -7.06
N THR B 349 -26.77 7.68 -7.63
CA THR B 349 -27.83 7.50 -8.62
C THR B 349 -29.21 7.65 -8.00
N GLY B 350 -29.43 7.07 -6.83
CA GLY B 350 -30.71 7.18 -6.15
C GLY B 350 -30.88 8.41 -5.28
N ASN B 351 -29.84 9.22 -5.12
CA ASN B 351 -29.86 10.40 -4.26
C ASN B 351 -30.35 10.05 -2.84
N HIS B 352 -29.51 9.31 -2.14
CA HIS B 352 -29.79 8.87 -0.78
C HIS B 352 -28.74 9.41 0.18
N TRP B 353 -28.26 10.64 -0.08
CA TRP B 353 -27.24 11.25 0.76
C TRP B 353 -27.78 11.77 2.09
N ASN B 354 -29.10 11.82 2.26
CA ASN B 354 -29.70 12.23 3.52
C ASN B 354 -29.58 11.18 4.61
N ILE B 355 -29.12 9.96 4.27
CA ILE B 355 -28.91 8.92 5.26
C ILE B 355 -27.93 9.38 6.33
N PHE B 356 -26.97 10.20 5.97
CA PHE B 356 -26.02 10.72 6.95
C PHE B 356 -26.71 11.78 7.80
N HIS B 357 -26.54 11.66 9.12
CA HIS B 357 -27.09 12.66 10.02
C HIS B 357 -26.28 13.94 9.99
N SER B 358 -25.03 13.87 9.53
CA SER B 358 -24.16 15.04 9.46
C SER B 358 -24.25 15.65 8.06
N ASP B 359 -23.23 16.39 7.65
CA ASP B 359 -23.23 17.04 6.34
C ASP B 359 -23.01 16.00 5.24
N PRO B 360 -23.95 15.83 4.32
CA PRO B 360 -23.76 14.82 3.26
C PRO B 360 -22.65 15.17 2.28
N LEU B 361 -22.36 16.44 2.07
CA LEU B 361 -21.33 16.82 1.10
C LEU B 361 -19.96 16.35 1.54
N ILE B 362 -19.68 16.44 2.84
CA ILE B 362 -18.39 15.97 3.37
C ILE B 362 -18.29 14.46 3.24
N GLU B 363 -19.41 13.74 3.40
CA GLU B 363 -19.38 12.29 3.26
C GLU B 363 -19.17 11.88 1.81
N LYS B 364 -19.81 12.58 0.87
CA LYS B 364 -19.54 12.32 -0.55
C LYS B 364 -18.10 12.65 -0.90
N GLN B 365 -17.55 13.67 -0.27
CA GLN B 365 -16.13 13.98 -0.43
C GLN B 365 -15.26 12.82 0.03
N LYS B 366 -15.50 12.33 1.24
CA LYS B 366 -14.70 11.24 1.78
C LYS B 366 -14.78 10.01 0.89
N LEU B 367 -15.99 9.65 0.44
CA LEU B 367 -16.12 8.46 -0.40
C LEU B 367 -15.46 8.66 -1.75
N LYS B 368 -15.52 9.87 -2.31
CA LYS B 368 -14.83 10.11 -3.56
C LYS B 368 -13.33 9.93 -3.38
N LYS B 369 -12.79 10.44 -2.28
CA LYS B 369 -11.36 10.29 -2.03
C LYS B 369 -10.97 8.83 -1.86
N LYS B 370 -11.72 8.08 -1.04
CA LYS B 370 -11.41 6.66 -0.87
C LYS B 370 -11.55 5.90 -2.18
N LEU B 371 -12.45 6.35 -3.04
CA LEU B 371 -12.60 5.72 -4.34
C LEU B 371 -11.37 5.96 -5.21
N LYS B 372 -10.88 7.20 -5.22
CA LYS B 372 -9.66 7.51 -5.98
C LYS B 372 -8.45 6.76 -5.42
N GLU B 373 -8.25 6.82 -4.10
CA GLU B 373 -7.13 6.12 -3.49
C GLU B 373 -7.18 4.64 -3.79
N GLY B 374 -8.36 4.05 -3.73
CA GLY B 374 -8.49 2.66 -4.09
C GLY B 374 -8.18 2.44 -5.56
N MET B 375 -8.52 3.41 -6.40
CA MET B 375 -8.26 3.24 -7.82
C MET B 375 -6.77 3.30 -8.13
N LEU B 376 -5.98 3.99 -7.30
CA LEU B 376 -4.56 4.02 -7.56
C LEU B 376 -3.87 2.71 -7.20
N SER B 377 -4.53 1.85 -6.41
CA SER B 377 -3.85 0.68 -5.88
C SER B 377 -3.39 -0.24 -6.99
N ILE B 378 -4.06 -0.20 -8.14
CA ILE B 378 -3.76 -1.13 -9.22
C ILE B 378 -2.73 -0.57 -10.18
N MET B 379 -2.33 0.69 -10.02
CA MET B 379 -1.43 1.30 -10.98
C MET B 379 -0.12 0.52 -11.03
N SER B 380 0.24 -0.12 -9.91
CA SER B 380 1.47 -0.88 -9.83
C SER B 380 1.45 -2.06 -10.79
N TYR B 381 0.27 -2.62 -11.06
CA TYR B 381 0.14 -3.79 -11.89
C TYR B 381 0.01 -3.46 -13.37
N ARG B 382 0.15 -2.20 -13.75
CA ARG B 382 0.06 -1.78 -15.14
C ARG B 382 1.44 -1.71 -15.77
N ASN B 383 1.56 -2.26 -16.99
CA ASN B 383 2.82 -2.22 -17.69
C ASN B 383 2.94 -0.93 -18.49
N ALA B 384 4.09 -0.76 -19.13
CA ALA B 384 4.37 0.46 -19.88
C ALA B 384 3.44 0.61 -21.08
N ASP B 385 3.03 -0.51 -21.69
CA ASP B 385 2.14 -0.52 -22.83
C ASP B 385 0.67 -0.48 -22.44
N TYR B 386 0.37 -0.07 -21.22
CA TYR B 386 -0.97 0.10 -20.68
C TYR B 386 -1.73 -1.22 -20.59
N SER B 387 -1.04 -2.34 -20.71
CA SER B 387 -1.60 -3.63 -20.35
C SER B 387 -1.46 -3.84 -18.83
N TYR B 388 -2.12 -4.88 -18.32
CA TYR B 388 -2.12 -5.19 -16.91
C TYR B 388 -1.64 -6.62 -16.69
N SER B 389 -0.89 -6.83 -15.60
CA SER B 389 -0.37 -8.14 -15.25
C SER B 389 -1.05 -8.62 -13.98
N VAL B 390 -1.38 -9.92 -13.94
CA VAL B 390 -1.99 -10.48 -12.74
C VAL B 390 -1.05 -10.36 -11.56
N TRP B 391 0.22 -10.64 -11.78
CA TRP B 391 1.23 -10.58 -10.74
C TRP B 391 2.22 -9.48 -11.07
N LYS B 392 2.55 -8.69 -10.06
CA LYS B 392 3.44 -7.55 -10.26
C LYS B 392 4.77 -8.04 -10.81
N GLY B 393 5.16 -7.49 -11.96
CA GLY B 393 6.34 -7.93 -12.66
C GLY B 393 6.12 -9.10 -13.60
N GLY B 394 4.98 -9.77 -13.53
CA GLY B 394 4.70 -10.87 -14.42
C GLY B 394 4.24 -10.42 -15.78
N SER B 395 3.88 -11.41 -16.60
CA SER B 395 3.46 -11.15 -17.97
C SER B 395 2.07 -10.53 -18.00
N ALA B 396 1.81 -9.74 -19.03
CA ALA B 396 0.51 -9.10 -19.15
C ALA B 396 -0.56 -10.14 -19.40
N SER B 397 -1.75 -9.91 -18.85
CA SER B 397 -2.85 -10.85 -18.93
C SER B 397 -4.02 -10.21 -19.68
N THR B 398 -4.53 -10.92 -20.68
CA THR B 398 -5.78 -10.51 -21.33
C THR B 398 -6.92 -10.48 -20.33
N TRP B 399 -6.99 -11.50 -19.48
CA TRP B 399 -8.06 -11.61 -18.50
C TRP B 399 -8.05 -10.42 -17.55
N LEU B 400 -6.92 -10.19 -16.89
CA LEU B 400 -6.87 -9.13 -15.89
C LEU B 400 -7.00 -7.75 -16.53
N THR B 401 -6.49 -7.56 -17.75
CA THR B 401 -6.71 -6.29 -18.43
C THR B 401 -8.19 -6.07 -18.71
N ALA B 402 -8.91 -7.13 -19.08
CA ALA B 402 -10.35 -7.00 -19.26
C ALA B 402 -11.04 -6.60 -17.95
N PHE B 403 -10.67 -7.24 -16.85
CA PHE B 403 -11.31 -6.92 -15.57
C PHE B 403 -10.99 -5.51 -15.11
N ALA B 404 -9.73 -5.10 -15.23
CA ALA B 404 -9.35 -3.74 -14.89
C ALA B 404 -10.09 -2.74 -15.75
N LEU B 405 -10.34 -3.09 -17.01
CA LEU B 405 -11.14 -2.21 -17.85
C LEU B 405 -12.58 -2.16 -17.38
N ARG B 406 -13.09 -3.24 -16.80
CA ARG B 406 -14.44 -3.16 -16.26
C ARG B 406 -14.50 -2.23 -15.05
N VAL B 407 -13.66 -2.46 -14.04
CA VAL B 407 -13.72 -1.65 -12.83
C VAL B 407 -13.42 -0.19 -13.14
N LEU B 408 -12.36 0.05 -13.91
CA LEU B 408 -12.05 1.43 -14.31
C LEU B 408 -13.19 2.05 -15.11
N GLY B 409 -13.78 1.28 -16.03
CA GLY B 409 -14.86 1.83 -16.83
C GLY B 409 -16.07 2.20 -16.00
N GLN B 410 -16.36 1.42 -14.97
CA GLN B 410 -17.48 1.76 -14.11
C GLN B 410 -17.15 2.93 -13.19
N VAL B 411 -15.93 2.98 -12.67
CA VAL B 411 -15.54 4.05 -11.75
C VAL B 411 -15.48 5.39 -12.47
N ASN B 412 -15.16 5.38 -13.76
CA ASN B 412 -15.03 6.61 -14.53
C ASN B 412 -16.27 7.49 -14.45
N LYS B 413 -17.42 6.91 -14.13
CA LYS B 413 -18.64 7.69 -14.05
C LYS B 413 -18.59 8.72 -12.92
N TYR B 414 -17.96 8.37 -11.80
CA TYR B 414 -17.91 9.27 -10.65
C TYR B 414 -16.55 9.87 -10.37
N VAL B 415 -15.47 9.20 -10.75
CA VAL B 415 -14.12 9.75 -10.70
C VAL B 415 -13.52 9.55 -12.08
N GLU B 416 -13.42 10.64 -12.84
CA GLU B 416 -13.00 10.56 -14.23
C GLU B 416 -11.63 9.91 -14.35
N GLN B 417 -11.51 8.98 -15.29
CA GLN B 417 -10.28 8.24 -15.52
C GLN B 417 -9.55 8.80 -16.72
N ASN B 418 -8.25 8.53 -16.75
CA ASN B 418 -7.42 9.00 -17.86
C ASN B 418 -7.83 8.36 -19.17
N GLN B 419 -8.42 9.16 -20.05
CA GLN B 419 -8.95 8.63 -21.30
C GLN B 419 -7.86 8.04 -22.18
N ASN B 420 -6.69 8.70 -22.24
CA ASN B 420 -5.64 8.22 -23.11
C ASN B 420 -5.14 6.86 -22.65
N SER B 421 -5.03 6.67 -21.33
CA SER B 421 -4.59 5.39 -20.80
C SER B 421 -5.61 4.30 -21.12
N ILE B 422 -6.89 4.58 -20.89
CA ILE B 422 -7.93 3.61 -21.20
C ILE B 422 -7.92 3.25 -22.67
N CYS B 423 -7.74 4.25 -23.54
CA CYS B 423 -7.65 4.00 -24.97
C CYS B 423 -6.49 3.07 -25.30
N ASN B 424 -5.31 3.33 -24.73
CA ASN B 424 -4.17 2.47 -25.01
C ASN B 424 -4.38 1.05 -24.52
N SER B 425 -5.07 0.88 -23.39
CA SER B 425 -5.34 -0.46 -22.89
C SER B 425 -6.31 -1.20 -23.80
N LEU B 426 -7.42 -0.56 -24.14
CA LEU B 426 -8.39 -1.17 -25.04
C LEU B 426 -7.72 -1.58 -26.35
N LEU B 427 -6.92 -0.68 -26.92
CA LEU B 427 -6.23 -1.01 -28.16
C LEU B 427 -5.23 -2.14 -27.96
N TRP B 428 -4.62 -2.24 -26.79
CA TRP B 428 -3.75 -3.39 -26.52
C TRP B 428 -4.55 -4.68 -26.58
N LEU B 429 -5.80 -4.64 -26.11
CA LEU B 429 -6.63 -5.85 -26.20
C LEU B 429 -6.96 -6.19 -27.65
N VAL B 430 -7.60 -5.26 -28.36
CA VAL B 430 -8.16 -5.61 -29.65
C VAL B 430 -7.12 -5.71 -30.76
N GLU B 431 -5.93 -5.12 -30.58
CA GLU B 431 -4.95 -5.12 -31.64
C GLU B 431 -4.04 -6.35 -31.66
N ASN B 432 -3.94 -7.07 -30.55
CA ASN B 432 -2.98 -8.15 -30.44
C ASN B 432 -3.61 -9.49 -30.12
N TYR B 433 -4.58 -9.53 -29.20
CA TYR B 433 -5.05 -10.80 -28.66
C TYR B 433 -6.51 -11.04 -29.02
N GLN B 434 -6.96 -10.57 -30.17
CA GLN B 434 -8.24 -10.96 -30.74
C GLN B 434 -7.99 -11.71 -32.04
N LEU B 435 -8.50 -12.93 -32.13
CA LEU B 435 -8.29 -13.77 -33.29
C LEU B 435 -9.26 -13.43 -34.42
N ASP B 436 -9.08 -14.07 -35.57
CA ASP B 436 -9.91 -13.77 -36.72
C ASP B 436 -11.37 -14.15 -36.46
N ASN B 437 -11.60 -15.24 -35.72
CA ASN B 437 -12.96 -15.65 -35.48
C ASN B 437 -13.67 -14.77 -34.46
N GLY B 438 -12.98 -13.78 -33.89
CA GLY B 438 -13.56 -12.88 -32.94
C GLY B 438 -13.25 -13.18 -31.49
N SER B 439 -12.78 -14.39 -31.19
CA SER B 439 -12.49 -14.75 -29.81
C SER B 439 -11.21 -14.05 -29.35
N PHE B 440 -11.01 -14.04 -28.03
CA PHE B 440 -9.80 -13.51 -27.43
C PHE B 440 -8.99 -14.65 -26.84
N LYS B 441 -7.66 -14.49 -26.88
CA LYS B 441 -6.74 -15.46 -26.32
C LYS B 441 -5.94 -14.84 -25.19
N GLU B 442 -5.47 -15.67 -24.27
CA GLU B 442 -4.72 -15.20 -23.12
C GLU B 442 -3.23 -15.22 -23.42
N ASN B 443 -2.55 -14.16 -23.00
CA ASN B 443 -1.11 -14.06 -23.21
C ASN B 443 -0.32 -14.81 -22.14
N SER B 444 -0.71 -14.64 -20.87
CA SER B 444 0.02 -15.21 -19.76
C SER B 444 -0.44 -16.64 -19.49
N GLN B 445 0.23 -17.30 -18.55
CA GLN B 445 -0.14 -18.63 -18.11
C GLN B 445 -1.12 -18.60 -16.95
N TYR B 446 -1.76 -17.47 -16.70
CA TYR B 446 -2.69 -17.37 -15.60
C TYR B 446 -3.97 -18.10 -15.95
N GLN B 447 -4.37 -19.06 -15.11
CA GLN B 447 -5.60 -19.82 -15.32
C GLN B 447 -6.59 -19.44 -14.23
N PRO B 448 -7.51 -18.51 -14.49
CA PRO B 448 -8.44 -18.10 -13.45
C PRO B 448 -9.46 -19.16 -13.10
N ILE B 449 -9.82 -20.05 -14.04
CA ILE B 449 -10.89 -21.01 -13.83
C ILE B 449 -10.53 -22.35 -14.45
N LYS B 450 -11.07 -23.41 -13.86
CA LYS B 450 -10.92 -24.77 -14.36
C LYS B 450 -12.27 -25.22 -14.92
N LEU B 451 -12.29 -25.64 -16.18
CA LEU B 451 -13.52 -26.03 -16.83
C LEU B 451 -13.46 -27.51 -17.20
N GLN B 452 -14.65 -28.06 -17.49
CA GLN B 452 -14.77 -29.48 -17.77
C GLN B 452 -14.45 -29.80 -19.22
N GLY B 453 -14.59 -31.07 -19.57
CA GLY B 453 -14.39 -31.51 -20.93
C GLY B 453 -12.97 -31.98 -21.20
N THR B 454 -12.81 -32.64 -22.35
CA THR B 454 -11.49 -33.03 -22.82
C THR B 454 -10.67 -31.79 -23.18
N LEU B 455 -9.39 -32.00 -23.45
CA LEU B 455 -8.49 -30.91 -23.81
C LEU B 455 -9.03 -30.04 -24.93
N PRO B 456 -9.55 -30.58 -26.04
CA PRO B 456 -10.19 -29.69 -27.04
C PRO B 456 -11.45 -29.03 -26.50
N VAL B 457 -12.30 -29.79 -25.80
CA VAL B 457 -13.54 -29.22 -25.27
C VAL B 457 -13.23 -28.21 -24.20
N GLU B 458 -12.26 -28.49 -23.34
CA GLU B 458 -11.83 -27.50 -22.36
C GLU B 458 -11.28 -26.26 -23.05
N ALA B 459 -10.62 -26.43 -24.20
CA ALA B 459 -10.13 -25.27 -24.93
C ALA B 459 -11.29 -24.43 -25.45
N ARG B 460 -12.31 -25.07 -26.04
CA ARG B 460 -13.48 -24.32 -26.50
C ARG B 460 -14.15 -23.59 -25.36
N GLU B 461 -14.37 -24.28 -24.25
CA GLU B 461 -15.03 -23.67 -23.10
C GLU B 461 -14.24 -22.47 -22.60
N ASN B 462 -12.94 -22.63 -22.40
CA ASN B 462 -12.14 -21.52 -21.90
C ASN B 462 -12.11 -20.36 -22.90
N SER B 463 -12.16 -20.67 -24.20
CA SER B 463 -12.21 -19.60 -25.20
C SER B 463 -13.52 -18.82 -25.11
N LEU B 464 -14.63 -19.52 -24.99
CA LEU B 464 -15.91 -18.85 -24.82
C LEU B 464 -15.92 -17.98 -23.58
N TYR B 465 -15.43 -18.53 -22.46
CA TYR B 465 -15.43 -17.77 -21.21
C TYR B 465 -14.57 -16.52 -21.33
N LEU B 466 -13.35 -16.66 -21.85
CA LEU B 466 -12.48 -15.49 -21.95
C LEU B 466 -13.04 -14.44 -22.89
N THR B 467 -13.65 -14.86 -24.00
CA THR B 467 -14.25 -13.90 -24.92
C THR B 467 -15.39 -13.14 -24.26
N ALA B 468 -16.26 -13.83 -23.52
CA ALA B 468 -17.34 -13.13 -22.85
C ALA B 468 -16.81 -12.16 -21.79
N PHE B 469 -15.79 -12.60 -21.03
CA PHE B 469 -15.21 -11.75 -20.00
C PHE B 469 -14.60 -10.48 -20.60
N THR B 470 -13.83 -10.64 -21.67
CA THR B 470 -13.24 -9.49 -22.34
C THR B 470 -14.31 -8.57 -22.90
N VAL B 471 -15.38 -9.16 -23.44
CA VAL B 471 -16.50 -8.36 -23.95
C VAL B 471 -17.10 -7.52 -22.84
N ILE B 472 -17.30 -8.11 -21.66
CA ILE B 472 -17.84 -7.35 -20.53
C ILE B 472 -16.93 -6.17 -20.21
N GLY B 473 -15.63 -6.41 -20.11
CA GLY B 473 -14.71 -5.31 -19.79
C GLY B 473 -14.76 -4.19 -20.82
N ILE B 474 -14.77 -4.55 -22.10
CA ILE B 474 -14.76 -3.55 -23.14
C ILE B 474 -16.07 -2.78 -23.14
N ARG B 475 -17.18 -3.47 -22.93
CA ARG B 475 -18.45 -2.77 -22.87
C ARG B 475 -18.50 -1.81 -21.70
N LYS B 476 -17.98 -2.24 -20.55
CA LYS B 476 -18.03 -1.40 -19.35
C LYS B 476 -17.15 -0.17 -19.47
N ALA B 477 -16.16 -0.19 -20.36
CA ALA B 477 -15.23 0.92 -20.46
C ALA B 477 -15.27 1.56 -21.84
N PHE B 478 -16.30 1.26 -22.62
CA PHE B 478 -16.35 1.72 -24.01
C PHE B 478 -16.61 3.23 -24.09
N ASP B 479 -17.47 3.76 -23.23
CA ASP B 479 -17.82 5.18 -23.32
C ASP B 479 -16.64 6.08 -23.04
N ILE B 480 -15.62 5.60 -22.33
CA ILE B 480 -14.43 6.42 -22.12
C ILE B 480 -13.72 6.67 -23.44
N CYS B 481 -13.66 5.65 -24.29
CA CYS B 481 -12.92 5.73 -25.55
C CYS B 481 -13.73 5.05 -26.64
N PRO B 482 -14.84 5.64 -27.05
CA PRO B 482 -15.73 4.98 -28.02
C PRO B 482 -15.19 5.00 -29.45
N LEU B 483 -14.19 4.16 -29.72
CA LEU B 483 -13.56 4.09 -31.03
C LEU B 483 -14.27 3.11 -31.96
N VAL B 484 -14.32 3.44 -33.25
CA VAL B 484 -14.93 2.55 -34.23
C VAL B 484 -14.15 1.25 -34.33
N LYS B 485 -12.84 1.31 -34.17
CA LYS B 485 -12.03 0.09 -34.28
C LYS B 485 -12.46 -0.92 -33.22
N ILE B 486 -12.55 -0.48 -31.97
CA ILE B 486 -12.93 -1.40 -30.90
C ILE B 486 -14.42 -1.72 -30.92
N ASP B 487 -15.25 -0.89 -31.56
CA ASP B 487 -16.64 -1.27 -31.78
C ASP B 487 -16.74 -2.39 -32.81
N THR B 488 -15.95 -2.31 -33.87
CA THR B 488 -15.86 -3.41 -34.82
C THR B 488 -15.38 -4.67 -34.12
N ALA B 489 -14.36 -4.54 -33.27
CA ALA B 489 -13.93 -5.69 -32.49
C ALA B 489 -15.07 -6.24 -31.65
N LEU B 490 -15.85 -5.37 -31.03
CA LEU B 490 -17.00 -5.82 -30.25
C LEU B 490 -18.01 -6.56 -31.13
N ILE B 491 -18.18 -6.14 -32.37
CA ILE B 491 -19.10 -6.83 -33.26
C ILE B 491 -18.60 -8.23 -33.56
N LYS B 492 -17.31 -8.35 -33.89
CA LYS B 492 -16.77 -9.67 -34.19
C LYS B 492 -16.87 -10.60 -32.98
N ALA B 493 -16.50 -10.11 -31.81
CA ALA B 493 -16.58 -10.93 -30.60
C ALA B 493 -18.02 -11.33 -30.29
N ASP B 494 -18.96 -10.38 -30.41
CA ASP B 494 -20.37 -10.72 -30.20
C ASP B 494 -20.82 -11.79 -31.17
N ASN B 495 -20.34 -11.74 -32.41
CA ASN B 495 -20.68 -12.80 -33.36
C ASN B 495 -20.13 -14.15 -32.91
N PHE B 496 -18.87 -14.18 -32.44
CA PHE B 496 -18.33 -15.45 -31.97
C PHE B 496 -19.17 -16.02 -30.84
N LEU B 497 -19.53 -15.19 -29.86
CA LEU B 497 -20.37 -15.66 -28.77
C LEU B 497 -21.71 -16.16 -29.28
N LEU B 498 -22.31 -15.45 -30.24
CA LEU B 498 -23.59 -15.87 -30.76
C LEU B 498 -23.50 -17.23 -31.45
N GLU B 499 -22.45 -17.46 -32.23
CA GLU B 499 -22.41 -18.70 -33.00
C GLU B 499 -21.93 -19.88 -32.17
N ASN B 500 -21.12 -19.66 -31.13
CA ASN B 500 -20.44 -20.75 -30.46
C ASN B 500 -20.97 -21.05 -29.05
N THR B 501 -21.93 -20.29 -28.55
CA THR B 501 -22.42 -20.54 -27.20
C THR B 501 -23.24 -21.83 -27.15
N LEU B 502 -24.18 -21.98 -28.07
CA LEU B 502 -24.96 -23.20 -28.11
C LEU B 502 -24.35 -24.14 -29.14
N PRO B 503 -24.30 -25.44 -28.82
CA PRO B 503 -24.78 -26.06 -27.58
C PRO B 503 -23.91 -25.82 -26.36
N ALA B 504 -24.53 -25.55 -25.22
CA ALA B 504 -23.79 -25.20 -24.03
C ALA B 504 -23.04 -26.40 -23.47
N GLN B 505 -21.94 -26.14 -22.78
CA GLN B 505 -21.19 -27.16 -22.07
C GLN B 505 -21.25 -27.02 -20.55
N SER B 506 -21.67 -25.86 -20.05
CA SER B 506 -21.79 -25.61 -18.63
C SER B 506 -22.69 -24.39 -18.45
N THR B 507 -23.46 -24.40 -17.36
CA THR B 507 -24.33 -23.26 -17.08
C THR B 507 -23.53 -21.99 -16.81
N PHE B 508 -22.29 -22.13 -16.36
CA PHE B 508 -21.45 -20.99 -16.06
C PHE B 508 -21.09 -20.19 -17.31
N THR B 509 -20.48 -20.86 -18.29
CA THR B 509 -20.12 -20.17 -19.52
C THR B 509 -21.34 -19.70 -20.28
N LEU B 510 -22.44 -20.46 -20.20
CA LEU B 510 -23.69 -20.02 -20.81
C LEU B 510 -24.17 -18.72 -20.18
N ALA B 511 -24.11 -18.62 -18.86
CA ALA B 511 -24.58 -17.42 -18.19
C ALA B 511 -23.72 -16.22 -18.51
N ILE B 512 -22.39 -16.36 -18.45
CA ILE B 512 -21.53 -15.22 -18.70
C ILE B 512 -21.65 -14.79 -20.16
N SER B 513 -21.86 -15.74 -21.07
CA SER B 513 -22.08 -15.36 -22.46
C SER B 513 -23.40 -14.62 -22.62
N ALA B 514 -24.43 -15.06 -21.90
CA ALA B 514 -25.71 -14.38 -21.98
C ALA B 514 -25.61 -12.94 -21.48
N TYR B 515 -24.85 -12.71 -20.41
CA TYR B 515 -24.71 -11.35 -19.88
C TYR B 515 -23.85 -10.48 -20.79
N ALA B 516 -22.78 -11.06 -21.34
CA ALA B 516 -21.94 -10.31 -22.27
C ALA B 516 -22.74 -9.88 -23.49
N LEU B 517 -23.58 -10.78 -24.00
CA LEU B 517 -24.40 -10.40 -25.14
C LEU B 517 -25.51 -9.46 -24.70
N SER B 518 -25.92 -9.52 -23.44
CA SER B 518 -26.94 -8.59 -22.96
C SER B 518 -26.43 -7.17 -22.92
N LEU B 519 -25.12 -6.99 -22.88
CA LEU B 519 -24.56 -5.65 -22.90
C LEU B 519 -24.55 -5.03 -24.28
N GLY B 520 -24.95 -5.77 -25.31
CA GLY B 520 -24.99 -5.24 -26.66
C GLY B 520 -26.38 -5.21 -27.26
N ASP B 521 -26.51 -5.82 -28.44
CA ASP B 521 -27.79 -5.87 -29.14
C ASP B 521 -28.67 -6.94 -28.49
N LYS B 522 -29.74 -6.49 -27.82
CA LYS B 522 -30.65 -7.39 -27.13
C LYS B 522 -31.76 -7.91 -28.03
N THR B 523 -31.74 -7.60 -29.33
CA THR B 523 -32.76 -8.05 -30.25
C THR B 523 -32.31 -9.16 -31.18
N HIS B 524 -31.06 -9.58 -31.10
CA HIS B 524 -30.58 -10.67 -31.96
C HIS B 524 -31.27 -11.97 -31.60
N PRO B 525 -31.73 -12.73 -32.58
CA PRO B 525 -32.46 -13.97 -32.26
C PRO B 525 -31.65 -14.99 -31.49
N GLN B 526 -30.37 -15.16 -31.83
CA GLN B 526 -29.54 -16.14 -31.15
C GLN B 526 -29.34 -15.79 -29.69
N PHE B 527 -29.25 -14.49 -29.38
CA PHE B 527 -29.18 -14.08 -27.98
C PHE B 527 -30.43 -14.49 -27.23
N ARG B 528 -31.61 -14.28 -27.83
CA ARG B 528 -32.84 -14.73 -27.20
C ARG B 528 -32.86 -16.24 -27.00
N SER B 529 -32.30 -16.98 -27.95
CA SER B 529 -32.21 -18.43 -27.78
C SER B 529 -31.33 -18.79 -26.59
N ILE B 530 -30.22 -18.08 -26.42
CA ILE B 530 -29.33 -18.33 -25.29
C ILE B 530 -30.02 -18.00 -23.98
N VAL B 531 -30.79 -16.92 -23.95
CA VAL B 531 -31.52 -16.56 -22.73
C VAL B 531 -32.55 -17.64 -22.41
N SER B 532 -33.23 -18.17 -23.43
CA SER B 532 -34.17 -19.26 -23.18
C SER B 532 -33.47 -20.48 -22.62
N ALA B 533 -32.32 -20.86 -23.20
CA ALA B 533 -31.60 -22.02 -22.70
C ALA B 533 -31.13 -21.80 -21.26
N LEU B 534 -30.76 -20.57 -20.91
CA LEU B 534 -30.36 -20.27 -19.55
C LEU B 534 -31.55 -20.35 -18.60
N LYS B 535 -32.71 -19.84 -19.00
CA LYS B 535 -33.90 -19.97 -18.17
C LYS B 535 -34.27 -21.42 -17.97
N ARG B 536 -33.98 -22.28 -18.95
CA ARG B 536 -34.32 -23.69 -18.85
C ARG B 536 -33.56 -24.37 -17.73
N GLU B 537 -32.38 -23.88 -17.38
CA GLU B 537 -31.56 -24.48 -16.34
C GLU B 537 -31.89 -23.97 -14.96
N ALA B 538 -32.91 -23.14 -14.82
CA ALA B 538 -33.19 -22.52 -13.54
C ALA B 538 -33.68 -23.54 -12.52
N LEU B 539 -33.17 -23.44 -11.31
CA LEU B 539 -33.63 -24.20 -10.17
C LEU B 539 -34.50 -23.29 -9.30
N VAL B 540 -35.51 -23.87 -8.67
CA VAL B 540 -36.43 -23.09 -7.83
C VAL B 540 -36.64 -23.82 -6.52
N LYS B 541 -36.72 -23.05 -5.43
CA LYS B 541 -37.12 -23.56 -4.13
C LYS B 541 -38.53 -23.04 -3.88
N GLY B 542 -39.49 -23.96 -3.83
CA GLY B 542 -40.89 -23.66 -3.63
C GLY B 542 -41.66 -23.71 -4.94
N ASN B 543 -42.99 -23.87 -4.81
CA ASN B 543 -43.89 -23.77 -5.95
C ASN B 543 -45.26 -23.28 -5.50
N PRO B 544 -45.58 -22.01 -5.75
CA PRO B 544 -44.84 -20.96 -6.47
C PRO B 544 -43.49 -20.66 -5.86
N PRO B 545 -42.48 -20.39 -6.70
CA PRO B 545 -41.10 -20.38 -6.21
C PRO B 545 -40.87 -19.24 -5.24
N ILE B 546 -40.29 -19.58 -4.07
CA ILE B 546 -39.80 -18.55 -3.18
C ILE B 546 -38.40 -18.13 -3.58
N TYR B 547 -37.61 -19.10 -4.05
CA TYR B 547 -36.24 -18.84 -4.50
C TYR B 547 -36.06 -19.31 -5.94
N ARG B 548 -35.14 -18.65 -6.65
CA ARG B 548 -34.70 -19.07 -7.97
C ARG B 548 -33.20 -18.87 -8.08
N PHE B 549 -32.48 -19.92 -8.46
CA PHE B 549 -31.03 -19.85 -8.55
C PHE B 549 -30.57 -20.78 -9.66
N TRP B 550 -29.26 -20.85 -9.86
CA TRP B 550 -28.65 -21.64 -10.92
C TRP B 550 -27.49 -22.46 -10.37
N LYS B 551 -27.39 -23.69 -10.85
CA LYS B 551 -26.26 -24.56 -10.58
C LYS B 551 -25.31 -24.45 -11.76
N ASP B 552 -24.02 -24.41 -11.48
CA ASP B 552 -23.07 -24.13 -12.57
C ASP B 552 -22.94 -25.30 -13.52
N ASN B 553 -23.36 -26.49 -13.13
CA ASN B 553 -23.35 -27.63 -14.04
C ASN B 553 -24.67 -27.74 -14.79
N LEU B 554 -24.58 -28.19 -16.03
CA LEU B 554 -25.78 -28.38 -16.84
C LEU B 554 -26.60 -29.55 -16.32
N GLN B 555 -27.92 -29.46 -16.54
CA GLN B 555 -28.80 -30.49 -16.00
C GLN B 555 -28.53 -31.84 -16.63
N HIS B 556 -28.34 -31.87 -17.94
CA HIS B 556 -28.13 -33.15 -18.61
C HIS B 556 -26.81 -33.80 -18.23
N LYS B 557 -25.91 -33.09 -17.58
CA LYS B 557 -24.67 -33.68 -17.09
C LYS B 557 -24.74 -34.05 -15.63
N ASP B 558 -25.55 -33.36 -14.84
CA ASP B 558 -25.64 -33.62 -13.40
C ASP B 558 -27.00 -33.15 -12.94
N SER B 559 -27.83 -34.07 -12.48
CA SER B 559 -29.19 -33.78 -12.08
C SER B 559 -29.32 -33.51 -10.59
N SER B 560 -28.24 -33.63 -9.84
CA SER B 560 -28.29 -33.42 -8.40
C SER B 560 -28.33 -31.93 -8.07
N VAL B 561 -29.03 -31.59 -7.00
CA VAL B 561 -29.20 -30.22 -6.56
C VAL B 561 -28.28 -29.97 -5.37
N PRO B 562 -27.46 -28.94 -5.40
CA PRO B 562 -26.55 -28.68 -4.28
C PRO B 562 -27.31 -28.26 -3.03
N ASN B 563 -26.76 -28.63 -1.87
CA ASN B 563 -27.36 -28.30 -0.60
C ASN B 563 -26.82 -27.01 0.02
N THR B 564 -25.62 -26.59 -0.36
CA THR B 564 -25.08 -25.31 0.05
C THR B 564 -24.51 -24.59 -1.16
N GLY B 565 -24.42 -23.27 -1.06
CA GLY B 565 -23.95 -22.50 -2.17
C GLY B 565 -22.43 -22.51 -2.29
N THR B 566 -21.96 -22.25 -3.50
CA THR B 566 -20.55 -22.12 -3.80
C THR B 566 -20.32 -20.83 -4.56
N ALA B 567 -19.06 -20.58 -4.89
CA ALA B 567 -18.75 -19.35 -5.63
C ALA B 567 -19.30 -19.41 -7.05
N ARG B 568 -19.15 -20.55 -7.73
CA ARG B 568 -19.69 -20.68 -9.08
C ARG B 568 -21.20 -20.57 -9.09
N MET B 569 -21.87 -21.05 -8.04
CA MET B 569 -23.32 -20.95 -7.98
C MET B 569 -23.74 -19.49 -7.93
N VAL B 570 -23.12 -18.71 -7.04
CA VAL B 570 -23.45 -17.30 -6.90
C VAL B 570 -23.03 -16.51 -8.14
N GLU B 571 -21.95 -16.90 -8.79
CA GLU B 571 -21.51 -16.15 -9.97
C GLU B 571 -22.41 -16.41 -11.15
N THR B 572 -22.80 -17.67 -11.37
CA THR B 572 -23.74 -17.97 -12.44
C THR B 572 -25.08 -17.31 -12.17
N THR B 573 -25.59 -17.44 -10.94
CA THR B 573 -26.85 -16.79 -10.60
C THR B 573 -26.75 -15.29 -10.79
N ALA B 574 -25.60 -14.70 -10.49
CA ALA B 574 -25.42 -13.26 -10.65
C ALA B 574 -25.41 -12.86 -12.12
N TYR B 575 -24.72 -13.62 -12.96
CA TYR B 575 -24.74 -13.32 -14.39
C TYR B 575 -26.16 -13.41 -14.95
N ALA B 576 -26.89 -14.46 -14.56
CA ALA B 576 -28.27 -14.57 -15.02
C ALA B 576 -29.12 -13.42 -14.52
N LEU B 577 -28.92 -13.00 -13.26
CA LEU B 577 -29.69 -11.90 -12.73
C LEU B 577 -29.41 -10.61 -13.48
N LEU B 578 -28.14 -10.33 -13.76
CA LEU B 578 -27.82 -9.12 -14.50
C LEU B 578 -28.36 -9.19 -15.92
N THR B 579 -28.32 -10.37 -16.54
CA THR B 579 -28.92 -10.53 -17.87
C THR B 579 -30.40 -10.23 -17.84
N SER B 580 -31.11 -10.70 -16.82
CA SER B 580 -32.53 -10.44 -16.73
C SER B 580 -32.81 -8.96 -16.46
N LEU B 581 -31.98 -8.32 -15.64
CA LEU B 581 -32.17 -6.89 -15.38
C LEU B 581 -31.95 -6.08 -16.64
N ASN B 582 -30.95 -6.44 -17.45
CA ASN B 582 -30.75 -5.76 -18.72
C ASN B 582 -31.91 -6.01 -19.69
N LEU B 583 -32.68 -7.08 -19.48
CA LEU B 583 -33.85 -7.35 -20.29
C LEU B 583 -35.13 -6.81 -19.67
N LYS B 584 -35.04 -6.18 -18.50
CA LYS B 584 -36.19 -5.61 -17.83
C LYS B 584 -37.25 -6.67 -17.53
N ASP B 585 -36.79 -7.85 -17.12
CA ASP B 585 -37.66 -8.99 -16.81
C ASP B 585 -37.91 -8.97 -15.31
N ILE B 586 -38.85 -8.11 -14.89
CA ILE B 586 -39.05 -7.89 -13.47
C ILE B 586 -39.83 -9.01 -12.76
N ASN B 587 -40.64 -9.77 -13.48
CA ASN B 587 -41.36 -10.87 -12.85
C ASN B 587 -40.45 -12.03 -12.48
N TYR B 588 -39.26 -12.08 -13.06
CA TYR B 588 -38.38 -13.23 -12.99
C TYR B 588 -37.27 -13.10 -11.97
N VAL B 589 -37.02 -11.89 -11.47
CA VAL B 589 -35.81 -11.63 -10.68
C VAL B 589 -36.05 -11.65 -9.18
N ASN B 590 -37.29 -11.51 -8.73
CA ASN B 590 -37.54 -11.40 -7.28
C ASN B 590 -37.04 -12.61 -6.52
N PRO B 591 -37.36 -13.85 -6.90
CA PRO B 591 -36.76 -14.98 -6.19
C PRO B 591 -35.25 -15.05 -6.33
N VAL B 592 -34.70 -14.60 -7.47
CA VAL B 592 -33.25 -14.53 -7.60
C VAL B 592 -32.67 -13.52 -6.62
N ILE B 593 -33.28 -12.35 -6.50
CA ILE B 593 -32.79 -11.36 -5.55
C ILE B 593 -32.88 -11.89 -4.14
N LYS B 594 -33.95 -12.60 -3.80
CA LYS B 594 -34.03 -13.15 -2.46
C LYS B 594 -32.92 -14.17 -2.23
N TRP B 595 -32.65 -15.02 -3.23
CA TRP B 595 -31.62 -16.04 -3.07
C TRP B 595 -30.23 -15.42 -2.97
N LEU B 596 -29.92 -14.45 -3.82
CA LEU B 596 -28.62 -13.78 -3.76
C LEU B 596 -28.46 -12.97 -2.49
N SER B 597 -29.54 -12.37 -2.02
CA SER B 597 -29.47 -11.60 -0.80
C SER B 597 -29.20 -12.49 0.40
N GLU B 598 -29.88 -13.63 0.47
CA GLU B 598 -29.67 -14.53 1.60
C GLU B 598 -28.37 -15.30 1.50
N GLU B 599 -27.85 -15.50 0.30
CA GLU B 599 -26.54 -16.11 0.14
C GLU B 599 -25.41 -15.14 0.48
N GLN B 600 -25.73 -13.87 0.67
CA GLN B 600 -24.72 -12.89 1.05
C GLN B 600 -24.19 -13.23 2.44
N ARG B 601 -23.10 -12.56 2.80
CA ARG B 601 -22.37 -12.86 4.02
C ARG B 601 -22.20 -11.62 4.87
N TYR B 602 -22.14 -11.82 6.18
CA TYR B 602 -21.86 -10.70 7.08
C TYR B 602 -20.55 -10.06 6.66
N GLY B 603 -20.61 -8.77 6.37
CA GLY B 603 -19.51 -8.05 5.76
C GLY B 603 -19.80 -7.57 4.36
N GLY B 604 -20.73 -8.19 3.66
CA GLY B 604 -21.15 -7.77 2.35
C GLY B 604 -20.69 -8.67 1.23
N GLY B 605 -19.62 -9.44 1.42
CA GLY B 605 -19.08 -10.26 0.37
C GLY B 605 -19.77 -11.61 0.25
N PHE B 606 -19.22 -12.43 -0.63
CA PHE B 606 -19.76 -13.76 -0.88
C PHE B 606 -18.64 -14.79 -0.74
N TYR B 607 -18.51 -15.69 -1.72
CA TYR B 607 -17.54 -16.78 -1.58
C TYR B 607 -16.17 -16.39 -2.11
N SER B 608 -16.10 -15.92 -3.36
CA SER B 608 -14.83 -15.51 -3.93
C SER B 608 -14.96 -14.12 -4.50
N THR B 609 -14.12 -13.77 -5.47
CA THR B 609 -14.08 -12.39 -5.94
C THR B 609 -15.10 -12.11 -7.03
N GLN B 610 -15.10 -12.93 -8.09
CA GLN B 610 -15.98 -12.66 -9.23
C GLN B 610 -17.44 -12.74 -8.84
N ASP B 611 -17.82 -13.83 -8.16
CA ASP B 611 -19.20 -13.94 -7.69
C ASP B 611 -19.57 -12.78 -6.80
N THR B 612 -18.61 -12.28 -6.03
CA THR B 612 -18.89 -11.13 -5.17
C THR B 612 -19.22 -9.90 -6.01
N ILE B 613 -18.35 -9.53 -6.95
CA ILE B 613 -18.57 -8.29 -7.68
C ILE B 613 -19.86 -8.36 -8.48
N ASN B 614 -20.12 -9.48 -9.15
CA ASN B 614 -21.33 -9.54 -9.97
C ASN B 614 -22.58 -9.59 -9.11
N ALA B 615 -22.52 -10.24 -7.95
CA ALA B 615 -23.67 -10.24 -7.06
C ALA B 615 -23.93 -8.87 -6.45
N ILE B 616 -22.86 -8.14 -6.10
CA ILE B 616 -23.03 -6.78 -5.59
C ILE B 616 -23.65 -5.89 -6.64
N GLU B 617 -23.20 -6.02 -7.89
CA GLU B 617 -23.81 -5.23 -8.96
C GLU B 617 -25.28 -5.61 -9.16
N GLY B 618 -25.61 -6.89 -9.02
CA GLY B 618 -27.00 -7.29 -9.17
C GLY B 618 -27.88 -6.71 -8.08
N LEU B 619 -27.46 -6.87 -6.83
CA LEU B 619 -28.26 -6.34 -5.72
C LEU B 619 -28.39 -4.83 -5.81
N THR B 620 -27.30 -4.14 -6.15
CA THR B 620 -27.33 -2.68 -6.20
C THR B 620 -28.19 -2.18 -7.35
N GLU B 621 -28.00 -2.75 -8.55
CA GLU B 621 -28.79 -2.32 -9.69
C GLU B 621 -30.26 -2.58 -9.47
N TYR B 622 -30.60 -3.73 -8.90
CA TYR B 622 -31.99 -4.00 -8.55
C TYR B 622 -32.51 -2.99 -7.53
N SER B 623 -31.70 -2.65 -6.53
CA SER B 623 -32.16 -1.70 -5.51
C SER B 623 -32.40 -0.32 -6.11
N LEU B 624 -31.67 0.04 -7.18
CA LEU B 624 -31.90 1.32 -7.84
C LEU B 624 -33.03 1.26 -8.84
N LEU B 625 -33.41 0.07 -9.29
CA LEU B 625 -34.44 -0.06 -10.29
C LEU B 625 -35.84 -0.11 -9.71
N VAL B 626 -36.00 -0.55 -8.46
CA VAL B 626 -37.31 -0.70 -7.84
C VAL B 626 -37.55 0.48 -6.89
N LYS B 627 -38.82 0.71 -6.58
CA LYS B 627 -39.20 1.82 -5.71
C LYS B 627 -38.59 1.67 -4.33
N GLN B 628 -38.01 2.76 -3.82
CA GLN B 628 -37.46 2.78 -2.47
C GLN B 628 -38.60 2.93 -1.47
N LEU B 629 -38.82 1.89 -0.68
CA LEU B 629 -39.90 1.88 0.31
C LEU B 629 -39.47 2.55 1.60
N ARG B 630 -40.45 3.08 2.32
CA ARG B 630 -40.18 3.62 3.64
C ARG B 630 -39.80 2.48 4.58
N LEU B 631 -38.91 2.77 5.51
CA LEU B 631 -38.34 1.75 6.38
C LEU B 631 -38.80 2.01 7.81
N SER B 632 -39.51 1.05 8.41
CA SER B 632 -39.99 1.19 9.79
C SER B 632 -40.38 -0.20 10.31
N MET B 633 -39.52 -0.79 11.13
CA MET B 633 -39.77 -2.09 11.74
C MET B 633 -39.44 -2.07 13.23
N ASP B 634 -40.08 -2.96 13.98
CA ASP B 634 -39.72 -3.24 15.37
C ASP B 634 -39.10 -4.63 15.41
N ILE B 635 -37.77 -4.71 15.36
CA ILE B 635 -37.07 -5.98 15.24
C ILE B 635 -36.64 -6.44 16.62
N ASP B 636 -37.18 -7.58 17.04
CA ASP B 636 -36.90 -8.17 18.35
C ASP B 636 -36.13 -9.48 18.15
N VAL B 637 -34.95 -9.55 18.73
CA VAL B 637 -34.17 -10.78 18.76
C VAL B 637 -34.16 -11.30 20.18
N SER B 638 -34.55 -12.57 20.35
CA SER B 638 -34.69 -13.16 21.66
C SER B 638 -34.37 -14.63 21.56
N TYR B 639 -33.96 -15.21 22.68
CA TYR B 639 -33.78 -16.64 22.73
C TYR B 639 -35.12 -17.33 22.99
N LYS B 640 -35.23 -18.58 22.56
CA LYS B 640 -36.46 -19.31 22.74
C LYS B 640 -36.67 -19.61 24.22
N HIS B 641 -35.84 -20.45 24.81
CA HIS B 641 -35.92 -20.77 26.23
C HIS B 641 -34.87 -20.01 27.03
N LYS B 642 -34.89 -18.70 26.92
CA LYS B 642 -34.01 -17.83 27.69
C LYS B 642 -34.56 -16.42 27.57
N GLY B 643 -33.89 -15.47 28.20
CA GLY B 643 -34.37 -14.11 28.17
C GLY B 643 -34.31 -13.51 26.78
N ALA B 644 -35.03 -12.41 26.62
CA ALA B 644 -35.00 -11.67 25.38
C ALA B 644 -33.66 -10.98 25.24
N LEU B 645 -32.99 -11.19 24.09
CA LEU B 645 -31.70 -10.58 23.88
C LEU B 645 -31.84 -9.07 23.85
N HIS B 646 -32.43 -8.52 22.80
CA HIS B 646 -32.76 -7.10 22.76
C HIS B 646 -33.58 -6.84 21.50
N ASN B 647 -34.02 -5.60 21.36
CA ASN B 647 -34.83 -5.21 20.21
C ASN B 647 -34.53 -3.76 19.87
N TYR B 648 -34.63 -3.44 18.58
CA TYR B 648 -34.45 -2.08 18.12
C TYR B 648 -35.46 -1.74 17.03
N LYS B 649 -35.85 -0.48 17.01
CA LYS B 649 -36.75 0.06 15.98
C LYS B 649 -35.90 0.57 14.82
N MET B 650 -36.02 -0.08 13.68
CA MET B 650 -35.26 0.25 12.49
C MET B 650 -36.04 1.22 11.60
N THR B 651 -35.44 2.36 11.30
CA THR B 651 -36.03 3.37 10.43
C THR B 651 -34.98 3.80 9.42
N ASP B 652 -35.37 4.71 8.53
CA ASP B 652 -34.40 5.30 7.60
C ASP B 652 -33.38 6.15 8.34
N LYS B 653 -33.66 6.52 9.58
CA LYS B 653 -32.70 7.27 10.38
C LYS B 653 -31.47 6.44 10.68
N ASN B 654 -31.64 5.30 11.35
CA ASN B 654 -30.56 4.36 11.57
C ASN B 654 -30.99 2.97 11.15
N PHE B 655 -30.22 2.36 10.27
CA PHE B 655 -30.48 0.98 9.87
C PHE B 655 -29.22 0.18 9.60
N LEU B 656 -28.03 0.77 9.78
CA LEU B 656 -26.76 0.06 9.70
C LEU B 656 -26.24 -0.27 11.09
N GLY B 657 -27.12 -0.74 11.97
CA GLY B 657 -26.74 -0.90 13.37
C GLY B 657 -25.60 -1.89 13.53
N ARG B 658 -24.85 -1.70 14.61
CA ARG B 658 -23.70 -2.55 14.88
C ARG B 658 -24.16 -3.99 15.14
N PRO B 659 -23.31 -4.96 14.86
CA PRO B 659 -23.67 -6.36 15.14
C PRO B 659 -23.80 -6.64 16.63
N VAL B 660 -24.20 -7.86 16.98
CA VAL B 660 -24.34 -8.26 18.38
C VAL B 660 -23.92 -9.72 18.51
N GLU B 661 -23.09 -10.01 19.51
CA GLU B 661 -22.62 -11.37 19.73
C GLU B 661 -23.68 -12.17 20.49
N VAL B 662 -23.93 -13.38 20.03
CA VAL B 662 -24.89 -14.29 20.66
C VAL B 662 -24.11 -15.24 21.56
N LEU B 663 -24.13 -14.96 22.86
CA LEU B 663 -23.34 -15.73 23.82
C LEU B 663 -24.05 -16.99 24.31
N LEU B 664 -25.33 -16.86 24.64
CA LEU B 664 -26.05 -17.97 25.25
C LEU B 664 -26.22 -19.13 24.26
N ASN B 665 -26.33 -20.33 24.81
CA ASN B 665 -26.39 -21.56 24.02
C ASN B 665 -27.81 -21.94 23.67
N ASP B 666 -28.68 -20.96 23.45
CA ASP B 666 -30.07 -21.22 23.15
C ASP B 666 -30.36 -20.87 21.69
N ASP B 667 -31.49 -21.35 21.19
CA ASP B 667 -31.91 -21.05 19.83
C ASP B 667 -32.30 -19.58 19.70
N LEU B 668 -31.85 -18.94 18.63
CA LEU B 668 -32.14 -17.54 18.40
C LEU B 668 -33.42 -17.38 17.60
N ILE B 669 -34.14 -16.28 17.86
CA ILE B 669 -35.40 -15.97 17.21
C ILE B 669 -35.41 -14.49 16.86
N VAL B 670 -35.48 -14.19 15.58
CA VAL B 670 -35.59 -12.82 15.09
C VAL B 670 -36.99 -12.63 14.55
N SER B 671 -37.72 -11.67 15.09
CA SER B 671 -39.12 -11.47 14.73
C SER B 671 -39.40 -9.99 14.58
N THR B 672 -40.47 -9.68 13.84
CA THR B 672 -40.91 -8.31 13.66
C THR B 672 -42.43 -8.31 13.48
N GLY B 673 -43.06 -7.21 13.87
CA GLY B 673 -44.49 -7.06 13.72
C GLY B 673 -44.88 -6.60 12.34
N PHE B 674 -45.97 -5.84 12.25
CA PHE B 674 -46.31 -5.20 10.99
C PHE B 674 -45.31 -4.10 10.71
N GLY B 675 -44.70 -4.13 9.52
CA GLY B 675 -43.62 -3.21 9.21
C GLY B 675 -43.64 -2.77 7.77
N SER B 676 -42.91 -1.68 7.51
CA SER B 676 -42.62 -1.19 6.18
C SER B 676 -41.13 -1.26 5.93
N GLY B 677 -40.73 -1.83 4.80
CA GLY B 677 -39.32 -1.90 4.46
C GLY B 677 -38.90 -3.31 4.15
N LEU B 678 -37.58 -3.53 4.12
CA LEU B 678 -37.04 -4.83 3.72
C LEU B 678 -35.65 -4.97 4.32
N ALA B 679 -35.54 -5.73 5.40
CA ALA B 679 -34.29 -5.84 6.14
C ALA B 679 -33.59 -7.17 5.87
N THR B 680 -32.31 -7.24 6.22
CA THR B 680 -31.52 -8.46 6.08
C THR B 680 -30.98 -8.87 7.44
N VAL B 681 -31.04 -10.17 7.72
CA VAL B 681 -30.59 -10.74 8.99
C VAL B 681 -29.63 -11.86 8.68
N HIS B 682 -28.35 -11.67 9.02
CA HIS B 682 -27.32 -12.66 8.79
C HIS B 682 -26.70 -13.09 10.11
N VAL B 683 -26.41 -14.38 10.22
CA VAL B 683 -25.75 -14.93 11.39
C VAL B 683 -24.51 -15.69 10.91
N THR B 684 -23.37 -15.34 11.46
CA THR B 684 -22.10 -15.98 11.15
C THR B 684 -21.70 -16.81 12.35
N THR B 685 -21.58 -18.12 12.16
CA THR B 685 -21.23 -19.04 13.22
C THR B 685 -19.75 -19.41 13.05
N VAL B 686 -18.97 -19.19 14.10
CA VAL B 686 -17.57 -19.57 14.15
C VAL B 686 -17.41 -20.68 15.18
N VAL B 687 -16.90 -21.82 14.74
CA VAL B 687 -16.60 -22.95 15.61
C VAL B 687 -15.16 -23.40 15.36
N HIS B 688 -14.66 -24.24 16.25
CA HIS B 688 -13.33 -24.83 16.10
C HIS B 688 -13.48 -26.34 16.17
N LYS B 689 -12.96 -27.03 15.16
CA LYS B 689 -13.12 -28.47 15.05
C LYS B 689 -11.78 -29.18 15.19
N THR B 690 -11.83 -30.42 15.65
CA THR B 690 -10.63 -31.23 15.89
C THR B 690 -10.25 -32.10 14.70
N SER B 691 -11.12 -32.24 13.70
CA SER B 691 -10.86 -33.16 12.61
C SER B 691 -11.30 -32.55 11.28
N THR B 692 -10.81 -33.15 10.20
CA THR B 692 -11.15 -32.74 8.86
C THR B 692 -11.52 -33.93 7.99
N SER B 693 -11.74 -35.11 8.58
CA SER B 693 -11.92 -36.32 7.79
C SER B 693 -13.23 -36.29 7.02
N GLU B 694 -14.29 -35.77 7.63
CA GLU B 694 -15.60 -35.75 6.99
C GLU B 694 -15.77 -34.61 6.01
N GLU B 695 -14.70 -33.92 5.63
CA GLU B 695 -14.75 -32.85 4.64
C GLU B 695 -14.21 -33.38 3.32
N VAL B 696 -14.83 -32.95 2.23
CA VAL B 696 -14.41 -33.39 0.90
C VAL B 696 -13.09 -32.72 0.55
N CYS B 697 -12.07 -33.51 0.25
CA CYS B 697 -10.75 -33.01 -0.10
C CYS B 697 -10.55 -33.05 -1.60
N SER B 698 -10.34 -31.88 -2.19
CA SER B 698 -10.04 -31.73 -3.60
C SER B 698 -8.55 -31.70 -3.90
N PHE B 699 -7.71 -32.05 -2.92
CA PHE B 699 -6.28 -32.08 -3.11
C PHE B 699 -5.68 -33.21 -2.29
N TYR B 700 -4.74 -33.95 -2.87
CA TYR B 700 -3.89 -34.83 -2.09
C TYR B 700 -2.83 -33.96 -1.45
N LEU B 701 -2.70 -34.05 -0.13
CA LEU B 701 -1.77 -33.24 0.63
C LEU B 701 -0.76 -34.12 1.34
N LYS B 702 0.46 -33.62 1.48
CA LYS B 702 1.42 -34.26 2.37
C LYS B 702 2.44 -33.22 2.81
N ILE B 703 2.81 -33.25 4.08
CA ILE B 703 3.71 -32.24 4.61
C ILE B 703 4.60 -32.86 5.69
N ASP B 704 5.89 -32.53 5.63
CA ASP B 704 6.85 -33.08 6.57
C ASP B 704 7.88 -32.01 6.89
N THR B 705 8.56 -32.19 8.02
CA THR B 705 9.73 -31.41 8.39
C THR B 705 10.94 -32.32 8.33
N GLN B 706 12.04 -31.83 7.79
CA GLN B 706 13.23 -32.64 7.59
C GLN B 706 14.42 -31.95 8.24
N ASP B 707 15.45 -32.75 8.51
CA ASP B 707 16.75 -32.21 8.85
C ASP B 707 17.57 -32.08 7.58
N ILE B 708 18.27 -30.97 7.44
CA ILE B 708 19.00 -30.66 6.22
C ILE B 708 20.49 -30.64 6.50
N GLU B 709 21.28 -30.76 5.42
CA GLU B 709 22.73 -30.85 5.51
C GLU B 709 23.39 -29.47 5.36
N ALA B 710 23.62 -29.04 4.13
CA ALA B 710 24.24 -27.74 3.87
C ALA B 710 23.84 -27.19 2.52
N LYS B 722 16.22 -27.68 10.37
CA LYS B 722 14.86 -28.11 10.04
C LYS B 722 14.31 -27.31 8.84
N ARG B 723 13.61 -28.02 7.96
CA ARG B 723 13.04 -27.48 6.73
C ARG B 723 11.66 -28.07 6.49
N ILE B 724 10.72 -27.23 6.07
CA ILE B 724 9.36 -27.68 5.78
C ILE B 724 9.23 -28.01 4.30
N VAL B 725 8.65 -29.18 4.01
CA VAL B 725 8.32 -29.61 2.66
C VAL B 725 6.81 -29.85 2.65
N ALA B 726 6.09 -29.03 1.88
CA ALA B 726 4.64 -29.12 1.79
C ALA B 726 4.27 -29.35 0.34
N CYS B 727 3.68 -30.51 0.06
CA CYS B 727 3.32 -30.93 -1.29
C CYS B 727 1.81 -31.04 -1.43
N ALA B 728 1.29 -30.61 -2.57
CA ALA B 728 -0.12 -30.74 -2.90
C ALA B 728 -0.25 -31.24 -4.34
N SER B 729 -1.39 -31.87 -4.63
CA SER B 729 -1.71 -32.30 -5.98
C SER B 729 -3.21 -32.23 -6.16
N TYR B 730 -3.65 -31.84 -7.35
CA TYR B 730 -5.06 -31.58 -7.59
C TYR B 730 -5.83 -32.86 -7.90
N LYS B 731 -7.04 -32.97 -7.35
CA LYS B 731 -7.92 -34.10 -7.62
C LYS B 731 -9.00 -33.65 -8.59
N PRO B 732 -8.87 -33.95 -9.89
CA PRO B 732 -9.85 -33.44 -10.85
C PRO B 732 -11.25 -33.97 -10.59
N SER B 733 -12.23 -33.10 -10.76
CA SER B 733 -13.63 -33.48 -10.60
C SER B 733 -14.06 -34.35 -11.78
N ARG B 734 -15.35 -34.67 -11.86
CA ARG B 734 -15.85 -35.47 -12.96
C ARG B 734 -15.75 -34.67 -14.26
N GLU B 735 -15.24 -35.33 -15.30
CA GLU B 735 -15.06 -34.76 -16.64
C GLU B 735 -14.01 -33.65 -16.70
N GLU B 736 -13.21 -33.45 -15.65
CA GLU B 736 -12.14 -32.46 -15.68
C GLU B 736 -10.85 -33.10 -16.20
N SER B 737 -10.11 -32.33 -17.00
CA SER B 737 -8.90 -32.86 -17.58
C SER B 737 -7.79 -32.97 -16.54
N SER B 738 -6.71 -33.64 -16.93
CA SER B 738 -5.53 -33.80 -16.09
C SER B 738 -4.58 -32.62 -16.16
N SER B 739 -5.02 -31.50 -16.74
CA SER B 739 -4.15 -30.36 -16.92
C SER B 739 -3.79 -29.68 -15.61
N GLY B 740 -4.55 -29.91 -14.56
CA GLY B 740 -4.26 -29.32 -13.28
C GLY B 740 -5.31 -28.30 -12.88
N SER B 741 -5.12 -27.74 -11.68
CA SER B 741 -6.06 -26.80 -11.12
C SER B 741 -5.91 -25.43 -11.76
N SER B 742 -6.71 -24.49 -11.28
CA SER B 742 -6.61 -23.09 -11.69
C SER B 742 -5.76 -22.35 -10.68
N HIS B 743 -5.98 -21.05 -10.55
CA HIS B 743 -5.32 -20.21 -9.57
C HIS B 743 -5.49 -20.80 -8.18
N ALA B 744 -4.38 -21.15 -7.55
CA ALA B 744 -4.40 -21.89 -6.30
C ALA B 744 -3.68 -21.13 -5.19
N VAL B 745 -3.97 -21.55 -3.95
CA VAL B 745 -3.42 -20.95 -2.74
C VAL B 745 -2.95 -22.09 -1.84
N MET B 746 -1.70 -21.98 -1.39
CA MET B 746 -1.13 -22.89 -0.40
C MET B 746 -0.87 -22.06 0.85
N ASP B 747 -1.73 -22.23 1.84
CA ASP B 747 -1.67 -21.53 3.11
C ASP B 747 -1.11 -22.49 4.15
N ILE B 748 0.07 -22.17 4.69
CA ILE B 748 0.72 -23.01 5.68
C ILE B 748 0.74 -22.26 7.00
N SER B 749 -0.09 -22.67 7.94
CA SER B 749 -0.05 -22.11 9.28
C SER B 749 1.23 -22.53 9.96
N LEU B 750 1.90 -21.62 10.54
CA LEU B 750 3.11 -22.03 11.23
C LEU B 750 2.81 -22.31 12.69
N PRO B 751 3.44 -23.32 13.29
CA PRO B 751 3.22 -23.56 14.71
C PRO B 751 3.71 -22.38 15.53
N THR B 752 3.27 -22.32 16.78
CA THR B 752 3.65 -21.21 17.63
C THR B 752 5.14 -21.21 17.87
N GLY B 753 5.78 -20.07 17.65
CA GLY B 753 7.20 -19.95 17.85
C GLY B 753 8.07 -20.44 16.71
N ILE B 754 7.49 -20.94 15.62
CA ILE B 754 8.26 -21.41 14.48
C ILE B 754 8.27 -20.29 13.46
N SER B 755 9.43 -19.93 12.96
CA SER B 755 9.56 -18.85 12.00
C SER B 755 10.15 -19.37 10.70
N ALA B 756 9.64 -18.86 9.59
CA ALA B 756 10.06 -19.32 8.27
C ALA B 756 11.18 -18.45 7.72
N ASN B 757 12.06 -19.08 6.95
CA ASN B 757 13.17 -18.42 6.27
C ASN B 757 12.62 -17.74 5.03
N GLU B 758 12.57 -16.42 5.05
CA GLU B 758 11.98 -15.68 3.94
C GLU B 758 12.86 -15.69 2.71
N GLU B 759 14.16 -15.97 2.85
CA GLU B 759 15.04 -16.04 1.69
C GLU B 759 14.68 -17.21 0.79
N ASP B 760 14.39 -18.38 1.38
CA ASP B 760 14.00 -19.53 0.57
C ASP B 760 12.73 -19.24 -0.22
N LEU B 761 11.78 -18.56 0.41
CA LEU B 761 10.54 -18.23 -0.27
C LEU B 761 10.76 -17.20 -1.36
N LYS B 762 11.59 -16.21 -1.09
CA LYS B 762 11.92 -15.28 -2.16
C LYS B 762 12.52 -16.02 -3.35
N ALA B 763 13.43 -16.94 -3.07
CA ALA B 763 14.09 -17.67 -4.15
C ALA B 763 13.11 -18.52 -4.92
N LEU B 764 11.94 -18.82 -4.36
CA LEU B 764 10.99 -19.64 -5.08
C LEU B 764 10.03 -18.84 -5.97
N VAL B 765 10.04 -17.51 -5.89
CA VAL B 765 9.09 -16.70 -6.65
C VAL B 765 9.80 -15.67 -7.52
N GLU B 766 10.95 -15.19 -7.08
CA GLU B 766 11.59 -14.06 -7.75
C GLU B 766 12.25 -14.44 -9.05
N GLY B 767 12.47 -15.74 -9.29
CA GLY B 767 13.22 -16.15 -10.44
C GLY B 767 12.38 -16.51 -11.66
N VAL B 768 13.07 -16.64 -12.79
CA VAL B 768 12.41 -17.05 -14.02
C VAL B 768 11.96 -18.50 -13.92
N ASP B 769 12.67 -19.32 -13.13
CA ASP B 769 12.26 -20.69 -12.86
C ASP B 769 11.35 -20.77 -11.66
N GLN B 770 10.52 -19.75 -11.43
CA GLN B 770 9.71 -19.68 -10.23
C GLN B 770 8.79 -20.89 -10.14
N LEU B 771 8.70 -21.43 -8.93
CA LEU B 771 7.70 -22.46 -8.65
C LEU B 771 6.37 -21.88 -8.22
N PHE B 772 6.40 -20.75 -7.51
CA PHE B 772 5.21 -20.05 -7.06
C PHE B 772 5.22 -18.64 -7.62
N THR B 773 4.04 -18.03 -7.66
CA THR B 773 3.88 -16.73 -8.32
C THR B 773 3.83 -15.57 -7.34
N ASP B 774 3.64 -15.82 -6.05
CA ASP B 774 3.62 -14.77 -5.04
C ASP B 774 3.65 -15.44 -3.68
N TYR B 775 4.27 -14.76 -2.72
CA TYR B 775 4.33 -15.26 -1.36
C TYR B 775 4.16 -14.11 -0.39
N GLN B 776 3.78 -14.45 0.83
CA GLN B 776 3.64 -13.48 1.91
C GLN B 776 3.61 -14.22 3.23
N ILE B 777 3.95 -13.51 4.31
CA ILE B 777 3.85 -14.04 5.65
C ILE B 777 2.93 -13.12 6.44
N LYS B 778 1.76 -13.62 6.81
CA LYS B 778 0.77 -12.82 7.51
C LYS B 778 0.23 -13.61 8.71
N ASP B 779 0.41 -13.05 9.90
CA ASP B 779 -0.17 -13.58 11.13
C ASP B 779 0.18 -15.06 11.36
N GLY B 780 1.46 -15.37 11.21
CA GLY B 780 1.91 -16.73 11.41
C GLY B 780 1.57 -17.68 10.28
N HIS B 781 1.13 -17.16 9.14
CA HIS B 781 0.78 -17.99 8.01
C HIS B 781 1.73 -17.66 6.85
N VAL B 782 2.20 -18.70 6.18
CA VAL B 782 2.99 -18.57 4.96
C VAL B 782 2.02 -18.82 3.82
N ILE B 783 1.62 -17.76 3.13
CA ILE B 783 0.61 -17.84 2.08
C ILE B 783 1.31 -17.71 0.74
N LEU B 784 1.27 -18.78 -0.04
CA LEU B 784 1.79 -18.81 -1.39
C LEU B 784 0.65 -18.90 -2.37
N GLN B 785 0.83 -18.30 -3.54
CA GLN B 785 -0.16 -18.37 -4.59
C GLN B 785 0.48 -18.96 -5.85
N LEU B 786 -0.37 -19.47 -6.73
CA LEU B 786 0.09 -20.34 -7.79
C LEU B 786 -0.84 -20.24 -8.99
N ASN B 787 -0.28 -20.39 -10.19
CA ASN B 787 -1.11 -20.41 -11.39
C ASN B 787 -1.89 -21.70 -11.50
N SER B 788 -1.30 -22.82 -11.09
CA SER B 788 -1.95 -24.12 -11.22
C SER B 788 -1.20 -25.15 -10.39
N ILE B 789 -1.93 -26.04 -9.75
CA ILE B 789 -1.37 -27.18 -9.05
C ILE B 789 -1.60 -28.41 -9.92
N PRO B 790 -0.59 -29.21 -10.20
CA PRO B 790 -0.75 -30.30 -11.16
C PRO B 790 -1.62 -31.43 -10.63
N SER B 791 -2.20 -32.17 -11.57
CA SER B 791 -2.93 -33.41 -11.26
C SER B 791 -2.06 -34.64 -11.41
N SER B 792 -1.12 -34.60 -12.33
CA SER B 792 -0.28 -35.77 -12.61
C SER B 792 0.62 -36.11 -11.43
N ASP B 793 1.16 -35.09 -10.77
CA ASP B 793 2.23 -35.30 -9.81
C ASP B 793 2.11 -34.28 -8.69
N PHE B 794 2.95 -34.43 -7.67
CA PHE B 794 2.93 -33.53 -6.53
C PHE B 794 3.74 -32.27 -6.83
N LEU B 795 3.35 -31.17 -6.17
CA LEU B 795 4.11 -29.94 -6.20
C LEU B 795 4.44 -29.53 -4.77
N CYS B 796 5.71 -29.23 -4.51
CA CYS B 796 6.19 -29.05 -3.15
C CYS B 796 6.87 -27.70 -2.98
N VAL B 797 6.45 -26.98 -1.95
CA VAL B 797 7.18 -25.83 -1.47
C VAL B 797 8.13 -26.30 -0.38
N ARG B 798 9.37 -25.84 -0.44
CA ARG B 798 10.39 -26.23 0.52
C ARG B 798 11.04 -24.98 1.07
N PHE B 799 10.93 -24.75 2.38
CA PHE B 799 11.54 -23.56 2.97
C PHE B 799 12.00 -23.88 4.38
N ARG B 800 13.19 -23.41 4.75
CA ARG B 800 13.73 -23.68 6.07
C ARG B 800 12.98 -22.91 7.16
N ILE B 801 12.99 -23.47 8.36
CA ILE B 801 12.36 -22.90 9.54
C ILE B 801 13.34 -22.94 10.68
N PHE B 802 13.17 -22.04 11.63
CA PHE B 802 13.96 -22.05 12.85
C PHE B 802 13.06 -21.72 14.02
N GLU B 803 13.50 -22.11 15.21
CA GLU B 803 12.71 -21.94 16.43
C GLU B 803 12.98 -20.58 17.00
N LEU B 804 11.95 -19.74 17.04
CA LEU B 804 12.09 -18.39 17.56
C LEU B 804 12.18 -18.40 19.08
N PHE B 805 11.18 -18.98 19.75
CA PHE B 805 11.20 -19.15 21.20
C PHE B 805 10.71 -20.55 21.54
N GLU B 806 11.03 -20.99 22.75
CA GLU B 806 10.71 -22.35 23.15
C GLU B 806 9.23 -22.48 23.45
N VAL B 807 8.64 -23.58 22.97
CA VAL B 807 7.24 -23.89 23.18
C VAL B 807 7.15 -25.33 23.64
N GLY B 808 6.49 -25.57 24.75
CA GLY B 808 6.22 -26.91 25.23
C GLY B 808 4.77 -27.26 24.94
N PHE B 809 4.52 -28.54 24.76
CA PHE B 809 3.19 -29.04 24.40
C PHE B 809 2.69 -28.32 23.15
N LEU B 810 3.54 -28.34 22.12
CA LEU B 810 3.28 -27.60 20.89
C LEU B 810 1.99 -28.09 20.23
N SER B 811 1.05 -27.19 20.01
CA SER B 811 -0.19 -27.58 19.34
C SER B 811 0.02 -27.66 17.83
N PRO B 812 -0.57 -28.66 17.17
CA PRO B 812 -0.38 -28.81 15.73
C PRO B 812 -0.95 -27.62 14.96
N ALA B 813 -0.44 -27.43 13.76
CA ALA B 813 -0.87 -26.39 12.84
C ALA B 813 -1.58 -27.02 11.64
N THR B 814 -2.04 -26.15 10.74
CA THR B 814 -2.86 -26.57 9.60
C THR B 814 -2.17 -26.25 8.28
N PHE B 815 -2.46 -27.07 7.27
CA PHE B 815 -1.97 -26.92 5.91
C PHE B 815 -3.18 -26.95 4.99
N THR B 816 -3.53 -25.80 4.41
CA THR B 816 -4.72 -25.67 3.59
C THR B 816 -4.34 -25.25 2.18
N VAL B 817 -4.88 -25.94 1.17
CA VAL B 817 -4.73 -25.47 -0.20
C VAL B 817 -6.11 -25.43 -0.83
N TYR B 818 -6.31 -24.44 -1.71
CA TYR B 818 -7.63 -24.28 -2.33
C TYR B 818 -7.52 -23.45 -3.60
N GLU B 819 -8.52 -23.56 -4.45
CA GLU B 819 -8.59 -22.72 -5.63
C GLU B 819 -9.11 -21.34 -5.26
N TYR B 820 -8.39 -20.31 -5.68
CA TYR B 820 -8.72 -18.94 -5.32
C TYR B 820 -10.15 -18.59 -5.71
N HIS B 821 -10.56 -18.98 -6.91
CA HIS B 821 -11.91 -18.72 -7.37
C HIS B 821 -12.88 -19.86 -7.04
N ARG B 822 -12.42 -20.93 -6.42
CA ARG B 822 -13.30 -22.00 -5.93
C ARG B 822 -12.82 -22.44 -4.57
N PRO B 823 -13.07 -21.63 -3.54
CA PRO B 823 -12.66 -22.01 -2.19
C PRO B 823 -13.32 -23.30 -1.71
N ASP B 824 -14.40 -23.74 -2.35
CA ASP B 824 -15.01 -25.03 -2.02
C ASP B 824 -14.16 -26.21 -2.46
N LYS B 825 -13.29 -26.02 -3.44
CA LYS B 825 -12.34 -27.06 -3.83
C LYS B 825 -11.10 -26.91 -2.97
N GLN B 826 -11.07 -27.62 -1.84
CA GLN B 826 -10.03 -27.40 -0.85
C GLN B 826 -9.67 -28.73 -0.20
N CYS B 827 -8.70 -28.67 0.70
CA CYS B 827 -8.30 -29.82 1.51
C CYS B 827 -7.47 -29.26 2.66
N THR B 828 -7.85 -29.59 3.89
CA THR B 828 -7.17 -29.11 5.08
C THR B 828 -6.60 -30.29 5.85
N MET B 829 -5.35 -30.16 6.29
CA MET B 829 -4.61 -31.24 6.95
C MET B 829 -3.86 -30.67 8.14
N PHE B 830 -3.83 -31.43 9.22
CA PHE B 830 -3.07 -31.06 10.40
C PHE B 830 -1.62 -31.52 10.27
N TYR B 831 -0.72 -30.77 10.91
CA TYR B 831 0.67 -31.19 10.95
C TYR B 831 1.34 -30.49 12.13
N SER B 832 2.42 -31.09 12.59
CA SER B 832 3.24 -30.55 13.67
C SER B 832 4.70 -30.53 13.25
N THR B 833 5.39 -29.47 13.64
CA THR B 833 6.81 -29.39 13.36
C THR B 833 7.64 -30.15 14.38
N SER B 834 7.04 -30.59 15.49
CA SER B 834 7.75 -31.33 16.52
C SER B 834 7.31 -32.80 16.50
N ASN B 835 8.30 -33.69 16.59
CA ASN B 835 8.10 -35.13 16.68
C ASN B 835 7.74 -35.61 18.08
N ILE B 836 7.60 -34.70 19.05
CA ILE B 836 7.85 -35.05 20.44
C ILE B 836 6.77 -36.00 20.98
N LYS B 837 7.23 -37.14 21.48
CA LYS B 837 6.52 -38.11 22.29
C LYS B 837 7.77 -38.55 23.08
N ILE B 838 7.68 -39.06 24.31
CA ILE B 838 6.47 -39.50 24.98
C ILE B 838 5.90 -38.43 25.91
N GLN B 839 4.69 -38.73 26.38
CA GLN B 839 3.94 -37.97 27.37
C GLN B 839 3.68 -38.79 28.63
N LYS B 840 4.72 -39.43 29.19
CA LYS B 840 4.48 -40.42 30.23
C LYS B 840 4.07 -39.80 31.56
N VAL B 841 4.73 -38.73 31.98
CA VAL B 841 4.43 -38.13 33.28
C VAL B 841 5.11 -36.77 33.36
N CYS B 842 4.65 -35.94 34.29
CA CYS B 842 5.08 -34.59 34.52
C CYS B 842 6.00 -34.45 35.73
N GLU B 843 6.12 -35.50 36.55
CA GLU B 843 7.06 -35.60 37.65
C GLU B 843 6.93 -34.48 38.68
N GLY B 844 5.99 -34.63 39.62
CA GLY B 844 5.94 -33.80 40.80
C GLY B 844 5.40 -32.40 40.63
N ALA B 845 6.25 -31.40 40.86
CA ALA B 845 5.90 -29.99 40.70
C ALA B 845 6.34 -29.54 39.30
N ALA B 846 6.42 -28.22 39.08
CA ALA B 846 6.52 -27.67 37.73
C ALA B 846 5.49 -28.35 36.84
N CYS B 847 4.30 -28.53 37.39
CA CYS B 847 3.33 -29.51 36.91
C CYS B 847 1.94 -28.92 36.92
N LYS B 848 1.67 -28.09 37.92
CA LYS B 848 0.31 -27.68 38.21
C LYS B 848 -0.33 -26.95 37.04
N CYS B 849 0.47 -26.45 36.09
CA CYS B 849 -0.10 -25.73 34.96
C CYS B 849 -0.58 -26.68 33.87
N VAL B 850 0.14 -27.78 33.63
CA VAL B 850 -0.31 -28.75 32.63
C VAL B 850 -1.54 -29.50 33.12
N GLU B 851 -1.45 -30.06 34.33
CA GLU B 851 -2.55 -30.77 34.96
C GLU B 851 -3.56 -29.84 35.64
N ALA B 852 -3.59 -28.57 35.24
CA ALA B 852 -4.44 -27.59 35.91
C ALA B 852 -5.91 -27.86 35.67
N ASP B 853 -6.31 -27.99 34.41
CA ASP B 853 -7.70 -27.99 34.02
C ASP B 853 -8.19 -29.34 33.52
N CYS B 854 -7.53 -30.42 33.94
CA CYS B 854 -7.99 -31.74 33.58
C CYS B 854 -8.00 -32.65 34.80
N GLY B 855 -8.67 -33.78 34.64
CA GLY B 855 -9.01 -34.63 35.76
C GLY B 855 -7.82 -35.41 36.31
N GLN B 856 -7.95 -35.78 37.58
CA GLN B 856 -6.95 -36.58 38.27
C GLN B 856 -7.65 -37.85 38.76
N MET B 857 -7.13 -39.00 38.35
CA MET B 857 -7.73 -40.27 38.76
C MET B 857 -7.48 -40.50 40.25
N GLN B 858 -8.50 -41.02 40.93
CA GLN B 858 -8.39 -41.32 42.35
C GLN B 858 -7.36 -42.42 42.59
N GLU B 859 -6.91 -42.50 43.84
CA GLU B 859 -5.99 -43.56 44.21
C GLU B 859 -6.67 -44.92 44.05
N GLU B 860 -5.94 -45.85 43.46
CA GLU B 860 -6.49 -47.15 43.12
C GLU B 860 -6.78 -47.94 44.38
N LEU B 861 -8.04 -48.36 44.53
CA LEU B 861 -8.49 -49.13 45.69
C LEU B 861 -8.19 -48.38 46.99
N ASP B 862 -8.45 -47.07 46.99
CA ASP B 862 -8.20 -46.24 48.16
C ASP B 862 -9.39 -46.31 49.11
N LEU B 863 -9.16 -46.89 50.28
CA LEU B 863 -10.22 -47.17 51.25
C LEU B 863 -10.49 -45.99 52.19
N THR B 864 -9.66 -44.95 52.16
CA THR B 864 -9.87 -43.80 53.02
C THR B 864 -10.98 -42.89 52.52
N ILE B 865 -11.43 -43.05 51.26
CA ILE B 865 -12.55 -42.26 50.77
C ILE B 865 -13.80 -42.68 51.51
N SER B 866 -14.49 -41.71 52.12
CA SER B 866 -15.31 -41.95 53.29
C SER B 866 -16.81 -42.02 52.98
N ALA B 867 -17.18 -42.41 51.75
CA ALA B 867 -18.56 -42.69 51.38
C ALA B 867 -19.50 -41.50 51.50
N GLU B 868 -19.29 -40.64 52.50
CA GLU B 868 -20.04 -39.39 52.59
C GLU B 868 -19.41 -38.27 51.79
N THR B 869 -18.07 -38.27 51.71
CA THR B 869 -17.41 -37.37 50.79
C THR B 869 -17.65 -37.79 49.35
N ARG B 870 -17.96 -39.07 49.12
CA ARG B 870 -18.35 -39.54 47.80
C ARG B 870 -19.79 -39.17 47.46
N LYS B 871 -20.64 -38.93 48.48
CA LYS B 871 -22.01 -38.51 48.27
C LYS B 871 -22.16 -37.01 48.20
N GLN B 872 -21.47 -36.28 49.08
CA GLN B 872 -21.53 -34.82 49.05
C GLN B 872 -20.94 -34.27 47.76
N THR B 873 -19.91 -34.93 47.22
CA THR B 873 -19.38 -34.52 45.92
C THR B 873 -20.38 -34.80 44.81
N ALA B 874 -21.16 -35.89 44.93
CA ALA B 874 -22.15 -36.20 43.91
C ALA B 874 -23.35 -35.26 44.01
N CYS B 875 -23.82 -34.99 45.22
CA CYS B 875 -24.97 -34.11 45.43
C CYS B 875 -24.62 -32.63 45.28
N LYS B 876 -23.39 -32.31 44.90
CA LYS B 876 -23.00 -30.92 44.70
C LYS B 876 -23.82 -30.30 43.58
N PRO B 877 -24.43 -29.12 43.79
CA PRO B 877 -25.20 -28.50 42.71
C PRO B 877 -24.39 -28.17 41.48
N GLU B 878 -23.06 -28.04 41.62
CA GLU B 878 -22.21 -27.79 40.46
C GLU B 878 -22.11 -29.02 39.58
N ILE B 879 -22.10 -30.21 40.17
CA ILE B 879 -21.91 -31.45 39.44
C ILE B 879 -23.20 -31.78 38.71
N ALA B 880 -23.17 -31.71 37.38
CA ALA B 880 -24.36 -31.98 36.59
C ALA B 880 -24.67 -33.47 36.55
N TYR B 881 -23.73 -34.27 36.05
CA TYR B 881 -23.93 -35.70 35.91
C TYR B 881 -23.01 -36.47 36.85
N ALA B 882 -23.39 -37.71 37.13
CA ALA B 882 -22.63 -38.58 38.02
C ALA B 882 -23.14 -40.02 37.89
N TYR B 883 -22.32 -40.90 37.32
CA TYR B 883 -22.72 -42.29 37.17
C TYR B 883 -21.50 -43.18 36.93
N LYS B 884 -21.77 -44.48 36.87
CA LYS B 884 -20.74 -45.52 36.78
C LYS B 884 -20.77 -46.13 35.38
N VAL B 885 -19.58 -46.23 34.76
CA VAL B 885 -19.46 -46.67 33.39
C VAL B 885 -18.39 -47.75 33.29
N SER B 886 -18.30 -48.36 32.11
CA SER B 886 -17.30 -49.36 31.78
C SER B 886 -16.73 -49.02 30.42
N ILE B 887 -15.41 -48.87 30.35
CA ILE B 887 -14.75 -48.42 29.14
C ILE B 887 -14.69 -49.55 28.12
N THR B 888 -14.98 -49.23 26.86
CA THR B 888 -14.96 -50.21 25.80
C THR B 888 -13.82 -50.03 24.80
N SER B 889 -13.42 -48.79 24.51
CA SER B 889 -12.38 -48.58 23.52
C SER B 889 -11.63 -47.29 23.81
N ILE B 890 -10.36 -47.26 23.40
CA ILE B 890 -9.51 -46.08 23.50
C ILE B 890 -9.23 -45.58 22.10
N THR B 891 -9.14 -44.26 21.95
CA THR B 891 -8.81 -43.68 20.65
C THR B 891 -8.07 -42.37 20.88
N VAL B 892 -7.10 -42.09 20.01
CA VAL B 892 -6.31 -40.87 20.09
C VAL B 892 -6.55 -40.11 18.79
N GLU B 893 -7.20 -38.95 18.90
CA GLU B 893 -7.54 -38.12 17.74
C GLU B 893 -6.87 -36.77 17.91
N ASN B 894 -5.83 -36.53 17.12
CA ASN B 894 -5.14 -35.24 17.05
C ASN B 894 -4.56 -34.84 18.41
N VAL B 895 -5.25 -33.93 19.10
CA VAL B 895 -4.78 -33.38 20.37
C VAL B 895 -5.60 -33.91 21.54
N PHE B 896 -6.55 -34.80 21.31
CA PHE B 896 -7.42 -35.27 22.37
C PHE B 896 -7.48 -36.79 22.36
N VAL B 897 -7.99 -37.32 23.46
CA VAL B 897 -8.18 -38.77 23.64
C VAL B 897 -9.65 -39.01 23.93
N LYS B 898 -10.25 -39.90 23.15
CA LYS B 898 -11.65 -40.28 23.29
C LYS B 898 -11.74 -41.69 23.88
N TYR B 899 -12.60 -41.85 24.88
CA TYR B 899 -12.86 -43.12 25.53
C TYR B 899 -14.30 -43.54 25.26
N LYS B 900 -14.49 -44.63 24.53
CA LYS B 900 -15.80 -45.23 24.35
C LYS B 900 -16.12 -46.10 25.56
N ALA B 901 -17.21 -45.76 26.25
CA ALA B 901 -17.62 -46.46 27.46
C ALA B 901 -19.10 -46.80 27.38
N THR B 902 -19.52 -47.72 28.24
CA THR B 902 -20.91 -48.15 28.35
C THR B 902 -21.52 -47.56 29.61
N LEU B 903 -22.69 -46.94 29.48
CA LEU B 903 -23.39 -46.36 30.62
C LEU B 903 -24.09 -47.48 31.38
N LEU B 904 -23.61 -47.78 32.58
CA LEU B 904 -24.15 -48.91 33.34
C LEU B 904 -25.30 -48.49 34.23
N ASP B 905 -25.01 -47.86 35.37
CA ASP B 905 -26.01 -47.43 36.32
C ASP B 905 -25.97 -45.91 36.42
N ILE B 906 -27.11 -45.27 36.21
CA ILE B 906 -27.21 -43.82 36.28
C ILE B 906 -27.48 -43.43 37.73
N TYR B 907 -26.69 -42.48 38.26
CA TYR B 907 -26.86 -42.01 39.62
C TYR B 907 -27.32 -40.55 39.70
N LYS B 908 -27.12 -39.76 38.65
CA LYS B 908 -27.57 -38.38 38.68
C LYS B 908 -27.73 -37.89 37.24
N THR B 909 -28.72 -37.01 37.05
CA THR B 909 -28.95 -36.41 35.75
C THR B 909 -29.64 -35.08 35.99
N GLY B 910 -28.87 -34.00 35.85
CA GLY B 910 -29.41 -32.65 36.01
C GLY B 910 -29.96 -32.12 34.71
N GLU B 911 -29.23 -32.36 33.62
CA GLU B 911 -29.58 -31.82 32.31
C GLU B 911 -30.19 -32.94 31.46
N ALA B 912 -29.80 -33.03 30.19
CA ALA B 912 -30.35 -34.09 29.34
C ALA B 912 -29.97 -35.46 29.87
N VAL B 913 -30.78 -36.45 29.51
CA VAL B 913 -30.63 -37.81 30.01
C VAL B 913 -30.00 -38.68 28.93
N ALA B 914 -29.29 -39.71 29.36
CA ALA B 914 -28.76 -40.73 28.47
C ALA B 914 -29.28 -42.09 28.92
N GLU B 915 -29.43 -42.99 27.95
CA GLU B 915 -30.05 -44.28 28.23
C GLU B 915 -29.07 -45.22 28.90
N LYS B 916 -29.62 -46.12 29.72
CA LYS B 916 -28.79 -47.15 30.34
C LYS B 916 -28.31 -48.15 29.29
N ASP B 917 -27.06 -48.57 29.44
CA ASP B 917 -26.40 -49.48 28.50
C ASP B 917 -26.30 -48.91 27.09
N SER B 918 -26.35 -47.58 26.99
CA SER B 918 -26.07 -46.88 25.74
C SER B 918 -24.60 -46.46 25.71
N GLU B 919 -24.12 -46.18 24.51
CA GLU B 919 -22.72 -45.81 24.33
C GLU B 919 -22.48 -44.35 24.69
N ILE B 920 -21.50 -44.10 25.56
CA ILE B 920 -21.16 -42.77 26.03
C ILE B 920 -19.69 -42.51 25.77
N THR B 921 -19.38 -41.32 25.26
CA THR B 921 -18.02 -40.94 24.89
C THR B 921 -17.45 -39.98 25.94
N PHE B 922 -16.19 -40.18 26.28
CA PHE B 922 -15.44 -39.25 27.13
C PHE B 922 -14.27 -38.68 26.34
N ILE B 923 -13.83 -37.48 26.73
CA ILE B 923 -12.73 -36.79 26.06
C ILE B 923 -11.84 -36.16 27.11
N LYS B 924 -10.54 -36.35 26.98
CA LYS B 924 -9.59 -35.58 27.77
C LYS B 924 -8.50 -35.04 26.87
N LYS B 925 -8.01 -33.86 27.22
CA LYS B 925 -6.83 -33.30 26.57
C LYS B 925 -5.74 -34.37 26.58
N VAL B 926 -5.11 -34.58 25.42
CA VAL B 926 -4.04 -35.57 25.39
C VAL B 926 -2.94 -35.23 26.38
N THR B 927 -2.72 -33.94 26.64
CA THR B 927 -1.67 -33.49 27.56
C THR B 927 -2.14 -33.56 29.02
N CYS B 928 -2.60 -34.74 29.41
CA CYS B 928 -2.96 -35.00 30.80
C CYS B 928 -2.70 -36.47 31.08
N THR B 929 -1.83 -36.74 32.04
CA THR B 929 -1.32 -38.07 32.30
C THR B 929 -2.00 -38.78 33.45
N ASN B 930 -2.28 -38.09 34.56
CA ASN B 930 -2.80 -38.76 35.74
C ASN B 930 -4.24 -39.20 35.60
N ALA B 931 -4.86 -39.00 34.45
CA ALA B 931 -6.21 -39.50 34.18
C ALA B 931 -6.19 -40.67 33.20
N GLU B 932 -5.16 -41.51 33.30
CA GLU B 932 -4.99 -42.61 32.36
C GLU B 932 -6.06 -43.67 32.61
N LEU B 933 -6.85 -43.95 31.59
CA LEU B 933 -7.94 -44.91 31.68
C LEU B 933 -7.60 -46.17 30.88
N VAL B 934 -7.91 -47.33 31.45
CA VAL B 934 -7.59 -48.62 30.86
C VAL B 934 -8.85 -49.19 30.22
N LYS B 935 -8.72 -49.66 28.99
CA LYS B 935 -9.85 -50.25 28.28
C LYS B 935 -10.33 -51.50 29.00
N GLY B 936 -11.65 -51.62 29.15
CA GLY B 936 -12.24 -52.76 29.79
C GLY B 936 -12.52 -52.61 31.27
N ARG B 937 -11.95 -51.60 31.92
CA ARG B 937 -12.15 -51.40 33.35
C ARG B 937 -13.34 -50.49 33.60
N GLN B 938 -13.96 -50.68 34.76
CA GLN B 938 -15.08 -49.85 35.18
C GLN B 938 -14.56 -48.66 35.97
N TYR B 939 -15.31 -47.56 35.93
CA TYR B 939 -14.95 -46.34 36.63
C TYR B 939 -16.22 -45.61 37.05
N LEU B 940 -16.14 -44.96 38.20
CA LEU B 940 -17.18 -44.02 38.63
C LEU B 940 -16.74 -42.62 38.20
N ILE B 941 -17.57 -41.97 37.39
CA ILE B 941 -17.24 -40.67 36.81
C ILE B 941 -18.36 -39.70 37.13
N MET B 942 -18.00 -38.53 37.65
CA MET B 942 -18.94 -37.47 37.98
C MET B 942 -18.36 -36.16 37.49
N GLY B 943 -19.18 -35.34 36.84
CA GLY B 943 -18.64 -34.12 36.31
C GLY B 943 -19.71 -33.14 35.85
N LYS B 944 -19.23 -32.08 35.20
CA LYS B 944 -20.08 -31.01 34.72
C LYS B 944 -20.27 -31.09 33.22
N GLU B 945 -21.49 -30.76 32.77
CA GLU B 945 -21.80 -30.49 31.38
C GLU B 945 -21.58 -31.68 30.46
N ALA B 946 -21.91 -31.49 29.19
CA ALA B 946 -21.75 -32.49 28.14
C ALA B 946 -22.04 -31.79 26.82
N LEU B 947 -21.86 -32.52 25.73
CA LEU B 947 -22.18 -32.06 24.39
C LEU B 947 -23.17 -33.02 23.75
N GLN B 948 -24.27 -32.47 23.23
CA GLN B 948 -25.31 -33.26 22.60
C GLN B 948 -25.19 -33.09 21.09
N ILE B 949 -24.77 -34.15 20.40
CA ILE B 949 -24.54 -34.15 18.96
C ILE B 949 -25.61 -35.03 18.29
N LYS B 950 -25.92 -34.71 17.04
CA LYS B 950 -26.83 -35.52 16.22
C LYS B 950 -25.98 -36.29 15.21
N TYR B 951 -25.72 -37.57 15.50
CA TYR B 951 -24.93 -38.42 14.62
C TYR B 951 -25.85 -39.44 13.95
N ASN B 952 -25.61 -39.70 12.67
CA ASN B 952 -26.50 -40.49 11.82
C ASN B 952 -27.90 -39.91 11.86
N PHE B 953 -28.78 -40.50 12.68
CA PHE B 953 -30.14 -40.00 12.87
C PHE B 953 -30.53 -39.96 14.34
N SER B 954 -29.57 -40.16 15.25
CA SER B 954 -29.84 -40.28 16.67
C SER B 954 -28.92 -39.35 17.44
N PHE B 955 -29.21 -39.21 18.74
CA PHE B 955 -28.41 -38.39 19.63
C PHE B 955 -27.13 -39.12 20.06
N ARG B 956 -26.18 -38.32 20.55
CA ARG B 956 -24.95 -38.83 21.12
C ARG B 956 -24.47 -37.78 22.12
N TYR B 957 -23.89 -38.23 23.22
CA TYR B 957 -23.43 -37.37 24.30
C TYR B 957 -21.94 -37.57 24.52
N ILE B 958 -21.21 -36.47 24.64
CA ILE B 958 -19.76 -36.51 24.85
C ILE B 958 -19.41 -35.67 26.08
N TYR B 959 -18.62 -36.24 26.98
CA TYR B 959 -18.36 -35.65 28.30
C TYR B 959 -16.88 -35.36 28.45
N PRO B 960 -16.47 -34.10 28.62
CA PRO B 960 -15.05 -33.81 28.83
C PRO B 960 -14.59 -34.16 30.23
N LEU B 961 -13.30 -34.49 30.34
CA LEU B 961 -12.67 -34.83 31.60
C LEU B 961 -11.77 -33.66 31.99
N ASP B 962 -12.24 -32.85 32.93
CA ASP B 962 -11.51 -31.67 33.36
C ASP B 962 -11.32 -31.69 34.86
N SER B 963 -10.91 -30.57 35.44
CA SER B 963 -10.86 -30.44 36.88
C SER B 963 -12.27 -30.51 37.45
N LEU B 964 -12.36 -30.88 38.73
CA LEU B 964 -13.61 -31.11 39.43
C LEU B 964 -14.41 -32.27 38.80
N THR B 965 -13.74 -33.12 38.04
CA THR B 965 -14.32 -34.34 37.51
C THR B 965 -13.80 -35.51 38.34
N TRP B 966 -14.66 -36.08 39.18
CA TRP B 966 -14.28 -37.12 40.12
C TRP B 966 -14.39 -38.47 39.43
N ILE B 967 -13.24 -39.12 39.24
CA ILE B 967 -13.18 -40.43 38.60
C ILE B 967 -12.46 -41.40 39.53
N GLU B 968 -12.93 -42.65 39.56
CA GLU B 968 -12.30 -43.66 40.41
C GLU B 968 -12.44 -45.06 39.79
N TYR B 969 -11.36 -45.83 39.88
CA TYR B 969 -11.36 -47.21 39.43
C TYR B 969 -12.28 -48.07 40.29
N TRP B 970 -13.02 -48.96 39.63
CA TRP B 970 -14.08 -49.75 40.28
C TRP B 970 -14.02 -51.18 39.78
N PRO B 971 -13.35 -52.08 40.50
CA PRO B 971 -13.40 -53.50 40.14
C PRO B 971 -14.78 -54.11 40.36
N ARG B 972 -15.10 -55.09 39.52
CA ARG B 972 -16.40 -55.75 39.55
C ARG B 972 -16.47 -56.89 40.57
N ASP B 973 -15.39 -57.68 40.70
CA ASP B 973 -15.36 -58.82 41.61
C ASP B 973 -15.09 -58.41 43.05
N THR B 974 -14.66 -59.36 43.88
CA THR B 974 -14.34 -59.04 45.27
C THR B 974 -13.07 -59.78 45.72
N THR B 975 -12.19 -60.16 44.79
CA THR B 975 -10.91 -60.78 45.12
C THR B 975 -9.76 -59.78 45.07
N CYS B 976 -10.03 -58.51 45.39
CA CYS B 976 -9.01 -57.47 45.51
C CYS B 976 -8.44 -57.37 46.91
N SER B 977 -8.42 -58.47 47.64
CA SER B 977 -8.02 -58.52 49.05
C SER B 977 -8.86 -57.55 49.86
N SER B 978 -8.26 -56.56 50.53
CA SER B 978 -9.02 -55.56 51.27
C SER B 978 -9.94 -54.69 50.43
N CYS B 979 -9.89 -54.77 49.10
CA CYS B 979 -10.84 -53.89 48.43
C CYS B 979 -12.23 -54.46 48.52
N GLN B 980 -12.39 -55.67 49.07
CA GLN B 980 -13.74 -56.09 49.40
C GLN B 980 -14.43 -55.00 50.22
N ALA B 981 -13.75 -54.53 51.27
CA ALA B 981 -14.28 -53.44 52.08
C ALA B 981 -14.46 -52.19 51.23
N PHE B 982 -13.51 -51.93 50.34
CA PHE B 982 -13.61 -50.84 49.40
C PHE B 982 -14.96 -50.84 48.71
N LEU B 983 -15.23 -51.87 47.89
CA LEU B 983 -16.53 -51.92 47.22
C LEU B 983 -17.71 -51.88 48.16
N ALA B 984 -17.53 -52.30 49.42
CA ALA B 984 -18.64 -52.21 50.36
C ALA B 984 -19.07 -50.76 50.53
N ASN B 985 -18.13 -49.88 50.89
CA ASN B 985 -18.54 -48.50 51.06
C ASN B 985 -18.89 -47.89 49.72
N LEU B 986 -18.25 -48.34 48.65
CA LEU B 986 -18.62 -47.81 47.34
C LEU B 986 -20.08 -48.12 47.04
N ASP B 987 -20.48 -49.38 47.25
CA ASP B 987 -21.88 -49.74 47.04
C ASP B 987 -22.77 -49.17 48.12
N GLU B 988 -22.20 -48.74 49.23
CA GLU B 988 -22.98 -48.00 50.21
C GLU B 988 -23.42 -46.66 49.62
N PHE B 989 -22.46 -45.89 49.10
CA PHE B 989 -22.82 -44.63 48.45
C PHE B 989 -23.75 -44.86 47.29
N ALA B 990 -23.42 -45.84 46.44
CA ALA B 990 -24.26 -46.12 45.28
C ALA B 990 -25.67 -46.50 45.70
N GLU B 991 -25.83 -47.14 46.85
CA GLU B 991 -27.18 -47.47 47.31
C GLU B 991 -27.89 -46.24 47.89
N ASP B 992 -27.17 -45.37 48.58
CA ASP B 992 -27.80 -44.24 49.25
C ASP B 992 -28.17 -43.09 48.31
N ILE B 993 -27.51 -42.97 47.16
CA ILE B 993 -27.71 -41.79 46.33
C ILE B 993 -29.11 -41.79 45.70
N PHE B 994 -29.56 -42.93 45.16
CA PHE B 994 -30.81 -42.94 44.42
C PHE B 994 -32.03 -43.11 45.31
N LEU B 995 -31.86 -43.53 46.56
CA LEU B 995 -32.99 -43.69 47.47
C LEU B 995 -33.33 -42.42 48.23
N ASN B 996 -32.60 -41.32 48.00
CA ASN B 996 -32.84 -40.07 48.70
C ASN B 996 -33.30 -38.97 47.76
N GLY B 997 -32.52 -38.66 46.73
CA GLY B 997 -32.84 -37.52 45.90
C GLY B 997 -32.54 -36.21 46.62
N CYS B 998 -31.26 -35.98 46.88
CA CYS B 998 -30.81 -34.81 47.61
C CYS B 998 -31.24 -33.51 46.96
N GLU C 18 -43.87 -25.97 -21.41
CA GLU C 18 -43.14 -26.52 -22.54
C GLU C 18 -42.59 -27.91 -22.24
N SER C 19 -41.91 -28.50 -23.22
CA SER C 19 -41.43 -29.88 -23.16
C SER C 19 -42.56 -30.88 -22.94
N ASP C 20 -42.23 -32.13 -22.66
CA ASP C 20 -43.22 -33.14 -22.32
C ASP C 20 -43.03 -33.52 -20.86
N CYS C 21 -44.14 -33.62 -20.13
CA CYS C 21 -44.07 -33.80 -18.69
C CYS C 21 -44.08 -35.26 -18.27
N THR C 22 -44.04 -36.19 -19.22
CA THR C 22 -43.93 -37.60 -18.87
C THR C 22 -42.56 -37.86 -18.27
N GLY C 23 -42.53 -38.34 -17.03
CA GLY C 23 -41.28 -38.58 -16.33
C GLY C 23 -41.42 -39.70 -15.34
N SER C 24 -40.33 -40.46 -15.18
CA SER C 24 -40.26 -41.56 -14.23
C SER C 24 -41.42 -42.53 -14.41
N GLU C 25 -41.31 -43.42 -15.39
CA GLU C 25 -42.29 -44.48 -15.59
C GLU C 25 -41.56 -45.82 -15.55
N PRO C 26 -41.98 -46.73 -14.66
CA PRO C 26 -43.10 -46.56 -13.72
C PRO C 26 -42.73 -45.76 -12.48
N VAL C 27 -43.73 -45.40 -11.68
CA VAL C 27 -43.48 -44.59 -10.49
C VAL C 27 -43.06 -45.49 -9.34
N ASP C 28 -41.89 -45.24 -8.78
CA ASP C 28 -41.45 -45.92 -7.58
C ASP C 28 -41.34 -44.89 -6.46
N ALA C 29 -41.97 -45.19 -5.33
CA ALA C 29 -41.99 -44.24 -4.22
C ALA C 29 -40.60 -43.99 -3.68
N PHE C 30 -39.84 -45.06 -3.48
CA PHE C 30 -38.49 -44.92 -2.95
C PHE C 30 -37.63 -44.09 -3.89
N GLN C 31 -37.80 -44.28 -5.20
CA GLN C 31 -37.09 -43.43 -6.16
C GLN C 31 -37.61 -42.00 -6.10
N ALA C 32 -38.91 -41.84 -5.91
CA ALA C 32 -39.48 -40.51 -5.79
C ALA C 32 -38.99 -39.80 -4.53
N PHE C 33 -38.59 -40.56 -3.51
CA PHE C 33 -38.05 -40.00 -2.29
C PHE C 33 -36.53 -39.90 -2.31
N SER C 34 -35.93 -39.94 -3.51
CA SER C 34 -34.48 -39.88 -3.66
C SER C 34 -33.76 -40.96 -2.85
N GLU C 35 -34.41 -42.13 -2.74
CA GLU C 35 -33.87 -43.26 -1.98
C GLU C 35 -33.59 -42.89 -0.54
N GLY C 36 -34.35 -41.95 0.01
CA GLY C 36 -34.20 -41.59 1.39
C GLY C 36 -32.95 -40.79 1.70
N LYS C 37 -32.42 -40.07 0.71
CA LYS C 37 -31.22 -39.26 0.91
C LYS C 37 -31.50 -37.77 0.98
N GLU C 38 -32.70 -37.32 0.67
CA GLU C 38 -33.02 -35.91 0.62
C GLU C 38 -34.32 -35.65 1.35
N ALA C 39 -34.55 -34.38 1.66
CA ALA C 39 -35.77 -33.94 2.33
C ALA C 39 -36.68 -33.25 1.33
N TYR C 40 -37.99 -33.45 1.50
CA TYR C 40 -39.00 -32.88 0.62
C TYR C 40 -39.96 -32.00 1.41
N VAL C 41 -40.43 -30.94 0.76
CA VAL C 41 -41.31 -29.96 1.36
C VAL C 41 -42.64 -29.96 0.62
N LEU C 42 -43.72 -29.76 1.37
CA LEU C 42 -45.05 -29.69 0.78
C LEU C 42 -45.31 -28.29 0.24
N VAL C 43 -45.55 -28.17 -1.07
CA VAL C 43 -45.77 -26.88 -1.68
C VAL C 43 -47.21 -26.68 -2.13
N ARG C 44 -47.94 -27.76 -2.44
CA ARG C 44 -49.34 -27.64 -2.84
C ARG C 44 -50.10 -28.81 -2.24
N SER C 45 -51.34 -28.54 -1.83
CA SER C 45 -52.16 -29.58 -1.25
C SER C 45 -53.61 -29.11 -1.29
N THR C 46 -54.51 -30.03 -1.66
CA THR C 46 -55.93 -29.74 -1.61
C THR C 46 -56.52 -29.96 -0.22
N ASP C 47 -55.74 -30.46 0.72
CA ASP C 47 -56.21 -30.63 2.10
C ASP C 47 -56.33 -29.27 2.77
N PRO C 48 -57.53 -28.86 3.20
CA PRO C 48 -57.66 -27.56 3.87
C PRO C 48 -56.96 -27.49 5.22
N LYS C 49 -56.64 -28.62 5.84
CA LYS C 49 -55.94 -28.63 7.11
C LYS C 49 -54.45 -28.91 6.95
N ALA C 50 -53.90 -28.66 5.77
CA ALA C 50 -52.49 -28.95 5.52
C ALA C 50 -51.61 -28.14 6.46
N ARG C 51 -50.68 -28.83 7.11
CA ARG C 51 -49.80 -28.21 8.10
C ARG C 51 -48.87 -27.19 7.45
N ASP C 52 -48.72 -26.04 8.09
CA ASP C 52 -47.86 -25.00 7.56
C ASP C 52 -46.39 -25.43 7.59
N CYS C 53 -45.67 -25.17 6.50
CA CYS C 53 -44.23 -25.41 6.42
C CYS C 53 -43.90 -26.88 6.64
N LEU C 54 -44.70 -27.76 6.07
CA LEU C 54 -44.52 -29.18 6.26
C LEU C 54 -43.32 -29.67 5.45
N LYS C 55 -42.34 -30.24 6.14
CA LYS C 55 -41.15 -30.79 5.53
C LYS C 55 -40.91 -32.19 6.06
N GLY C 56 -40.67 -33.14 5.17
CA GLY C 56 -40.38 -34.50 5.55
C GLY C 56 -38.93 -34.85 5.24
N GLU C 57 -38.24 -35.39 6.23
CA GLU C 57 -36.85 -35.77 6.03
C GLU C 57 -36.60 -37.16 6.57
N PRO C 58 -35.67 -37.91 5.97
CA PRO C 58 -35.41 -39.27 6.44
C PRO C 58 -34.84 -39.26 7.85
N ALA C 59 -35.42 -40.11 8.71
CA ALA C 59 -35.01 -40.24 10.10
C ALA C 59 -34.26 -41.53 10.38
N GLY C 60 -33.83 -42.25 9.36
CA GLY C 60 -33.12 -43.50 9.58
C GLY C 60 -32.79 -44.17 8.25
N GLU C 61 -32.21 -45.36 8.37
CA GLU C 61 -31.84 -46.12 7.20
C GLU C 61 -33.01 -46.95 6.70
N LYS C 62 -32.87 -47.48 5.49
CA LYS C 62 -33.88 -48.32 4.86
C LYS C 62 -33.73 -49.74 5.40
N GLN C 63 -34.62 -50.11 6.32
CA GLN C 63 -34.65 -51.46 6.85
C GLN C 63 -35.89 -52.17 6.31
N ASP C 64 -35.67 -53.26 5.59
CA ASP C 64 -36.77 -54.02 4.97
C ASP C 64 -37.56 -53.05 4.08
N ASN C 65 -38.88 -53.18 4.01
CA ASN C 65 -39.70 -52.28 3.22
C ASN C 65 -40.11 -51.02 3.97
N THR C 66 -39.71 -50.88 5.22
CA THR C 66 -40.07 -49.71 6.00
C THR C 66 -38.91 -48.71 6.07
N LEU C 67 -39.23 -47.49 6.53
CA LEU C 67 -38.31 -46.36 6.50
C LEU C 67 -38.75 -45.27 7.47
N PRO C 68 -37.91 -44.89 8.43
CA PRO C 68 -38.27 -43.83 9.38
C PRO C 68 -38.27 -42.46 8.72
N VAL C 69 -39.32 -41.68 8.97
CA VAL C 69 -39.49 -40.37 8.37
C VAL C 69 -39.87 -39.37 9.45
N MET C 70 -39.03 -38.36 9.67
CA MET C 70 -39.33 -37.28 10.60
C MET C 70 -40.04 -36.15 9.86
N MET C 71 -41.18 -35.73 10.40
CA MET C 71 -42.01 -34.70 9.80
C MET C 71 -41.96 -33.44 10.67
N THR C 72 -41.45 -32.36 10.10
CA THR C 72 -41.39 -31.07 10.77
C THR C 72 -42.47 -30.16 10.19
N PHE C 73 -43.10 -29.36 11.04
CA PHE C 73 -44.12 -28.42 10.59
C PHE C 73 -44.22 -27.31 11.63
N LYS C 74 -45.10 -26.35 11.37
CA LYS C 74 -45.23 -25.20 12.25
C LYS C 74 -46.69 -24.94 12.56
N GLN C 75 -46.99 -24.77 13.84
CA GLN C 75 -48.31 -24.37 14.33
C GLN C 75 -48.17 -22.98 14.94
N GLY C 76 -48.78 -21.99 14.31
CA GLY C 76 -48.60 -20.62 14.77
C GLY C 76 -47.15 -20.20 14.61
N THR C 77 -46.54 -19.82 15.73
CA THR C 77 -45.12 -19.48 15.75
C THR C 77 -44.28 -20.56 16.43
N ASP C 78 -44.84 -21.74 16.66
CA ASP C 78 -44.15 -22.82 17.33
C ASP C 78 -43.83 -23.94 16.35
N TRP C 79 -42.57 -24.34 16.30
CA TRP C 79 -42.15 -25.44 15.45
C TRP C 79 -42.35 -26.77 16.17
N ALA C 80 -42.82 -27.78 15.43
CA ALA C 80 -43.07 -29.10 15.98
C ALA C 80 -42.55 -30.16 15.03
N SER C 81 -42.21 -31.32 15.60
CA SER C 81 -41.71 -32.45 14.82
C SER C 81 -42.33 -33.72 15.36
N THR C 82 -42.83 -34.56 14.44
CA THR C 82 -43.43 -35.84 14.78
C THR C 82 -42.75 -36.94 13.97
N ASP C 83 -42.49 -38.07 14.62
CA ASP C 83 -41.86 -39.21 13.97
C ASP C 83 -42.91 -40.12 13.35
N TRP C 84 -42.62 -40.59 12.14
CA TRP C 84 -43.49 -41.48 11.39
C TRP C 84 -42.67 -42.63 10.82
N THR C 85 -43.38 -43.67 10.41
CA THR C 85 -42.77 -44.80 9.72
C THR C 85 -43.52 -45.06 8.42
N PHE C 86 -42.77 -45.18 7.33
CA PHE C 86 -43.33 -45.40 6.00
C PHE C 86 -43.10 -46.85 5.58
N THR C 87 -44.15 -47.49 5.08
CA THR C 87 -44.07 -48.84 4.53
C THR C 87 -44.26 -48.76 3.02
N LEU C 88 -43.18 -48.95 2.28
CA LEU C 88 -43.16 -48.73 0.84
C LEU C 88 -43.40 -50.02 0.09
N ASP C 89 -44.37 -50.01 -0.82
CA ASP C 89 -44.67 -51.13 -1.70
C ASP C 89 -44.81 -50.56 -3.11
N GLY C 90 -43.75 -50.61 -3.89
CA GLY C 90 -43.75 -50.04 -5.23
C GLY C 90 -44.03 -48.56 -5.23
N ALA C 91 -45.19 -48.16 -5.74
CA ALA C 91 -45.61 -46.77 -5.75
C ALA C 91 -46.43 -46.39 -4.51
N LYS C 92 -46.95 -47.38 -3.79
CA LYS C 92 -47.79 -47.09 -2.63
C LYS C 92 -46.93 -46.92 -1.39
N VAL C 93 -47.38 -46.04 -0.49
CA VAL C 93 -46.72 -45.80 0.78
C VAL C 93 -47.77 -45.82 1.87
N THR C 94 -47.56 -46.64 2.88
CA THR C 94 -48.43 -46.72 4.04
C THR C 94 -47.69 -46.06 5.21
N ALA C 95 -48.01 -44.81 5.45
CA ALA C 95 -47.42 -44.06 6.54
C ALA C 95 -48.19 -44.30 7.82
N THR C 96 -47.49 -44.30 8.95
CA THR C 96 -48.18 -44.51 10.21
C THR C 96 -47.38 -43.91 11.36
N LEU C 97 -48.10 -43.44 12.37
CA LEU C 97 -47.53 -42.98 13.63
C LEU C 97 -48.42 -43.50 14.75
N GLY C 98 -47.85 -44.35 15.60
CA GLY C 98 -48.59 -44.98 16.67
C GLY C 98 -49.78 -45.76 16.17
N GLN C 99 -50.98 -45.24 16.39
CA GLN C 99 -52.19 -45.88 15.90
C GLN C 99 -52.73 -45.21 14.64
N LEU C 100 -52.32 -43.99 14.35
CA LEU C 100 -52.83 -43.30 13.18
C LEU C 100 -52.14 -43.83 11.93
N THR C 101 -52.94 -44.17 10.92
CA THR C 101 -52.42 -44.66 9.66
C THR C 101 -52.93 -43.77 8.53
N GLN C 102 -52.14 -43.70 7.46
CA GLN C 102 -52.46 -42.88 6.31
C GLN C 102 -51.92 -43.57 5.07
N ASN C 103 -52.80 -43.78 4.10
CA ASN C 103 -52.45 -44.45 2.85
C ASN C 103 -52.21 -43.41 1.77
N ARG C 104 -51.08 -43.53 1.07
CA ARG C 104 -50.74 -42.62 -0.01
C ARG C 104 -50.25 -43.40 -1.20
N GLU C 105 -50.32 -42.77 -2.38
CA GLU C 105 -49.76 -43.35 -3.59
C GLU C 105 -49.18 -42.24 -4.45
N VAL C 106 -47.87 -42.32 -4.71
CA VAL C 106 -47.22 -41.37 -5.60
C VAL C 106 -47.70 -41.64 -7.02
N VAL C 107 -48.50 -40.72 -7.56
CA VAL C 107 -49.08 -40.89 -8.89
C VAL C 107 -48.25 -40.23 -9.97
N TYR C 108 -47.25 -39.43 -9.62
CA TYR C 108 -46.41 -38.81 -10.63
C TYR C 108 -45.08 -38.48 -9.97
N ASP C 109 -44.00 -38.63 -10.72
CA ASP C 109 -42.67 -38.31 -10.23
C ASP C 109 -41.86 -37.70 -11.35
N SER C 110 -41.21 -36.58 -11.08
CA SER C 110 -40.44 -35.90 -12.10
C SER C 110 -39.29 -36.78 -12.58
N GLN C 111 -38.72 -36.41 -13.72
CA GLN C 111 -37.69 -37.24 -14.34
C GLN C 111 -36.44 -37.35 -13.48
N SER C 112 -36.09 -36.31 -12.74
CA SER C 112 -34.91 -36.32 -11.89
C SER C 112 -35.26 -36.52 -10.42
N HIS C 113 -36.50 -36.89 -10.12
CA HIS C 113 -36.96 -37.11 -8.76
C HIS C 113 -36.82 -35.86 -7.91
N HIS C 114 -37.01 -34.69 -8.53
CA HIS C 114 -36.99 -33.42 -7.81
C HIS C 114 -38.34 -33.07 -7.23
N CYS C 115 -39.42 -33.56 -7.83
CA CYS C 115 -40.75 -33.32 -7.31
C CYS C 115 -41.62 -34.50 -7.70
N HIS C 116 -42.70 -34.68 -6.93
CA HIS C 116 -43.65 -35.74 -7.17
C HIS C 116 -45.02 -35.33 -6.66
N VAL C 117 -46.04 -36.00 -7.18
CA VAL C 117 -47.43 -35.72 -6.83
C VAL C 117 -48.00 -36.94 -6.11
N ASP C 118 -48.42 -36.75 -4.87
CA ASP C 118 -49.02 -37.79 -4.04
C ASP C 118 -50.53 -37.74 -4.12
N LYS C 119 -51.15 -38.90 -3.94
CA LYS C 119 -52.60 -39.04 -3.84
C LYS C 119 -52.89 -39.72 -2.51
N VAL C 120 -53.50 -38.98 -1.58
CA VAL C 120 -53.87 -39.52 -0.29
C VAL C 120 -55.32 -39.97 -0.36
N GLU C 121 -55.58 -41.15 0.22
CA GLU C 121 -56.87 -41.85 0.11
C GLU C 121 -57.75 -41.53 1.30
N LYS C 122 -59.01 -41.19 1.01
CA LYS C 122 -60.06 -40.96 2.00
C LYS C 122 -61.37 -40.85 1.24
N GLU C 123 -62.41 -40.38 1.92
CA GLU C 123 -63.70 -40.22 1.26
C GLU C 123 -63.59 -39.20 0.14
N VAL C 124 -62.92 -38.09 0.39
CA VAL C 124 -62.59 -37.11 -0.64
C VAL C 124 -61.07 -37.15 -0.79
N PRO C 125 -60.55 -37.93 -1.73
CA PRO C 125 -59.09 -38.13 -1.83
C PRO C 125 -58.38 -36.83 -2.18
N ASP C 126 -57.42 -36.45 -1.34
CA ASP C 126 -56.64 -35.25 -1.61
C ASP C 126 -55.39 -35.55 -2.43
N TYR C 127 -54.88 -34.51 -3.09
CA TYR C 127 -53.67 -34.61 -3.90
C TYR C 127 -52.67 -33.57 -3.43
N GLU C 128 -51.41 -33.99 -3.32
CA GLU C 128 -50.35 -33.15 -2.80
C GLU C 128 -49.19 -33.12 -3.78
N MET C 129 -48.38 -32.07 -3.69
CA MET C 129 -47.18 -31.92 -4.49
C MET C 129 -45.99 -31.70 -3.55
N TRP C 130 -44.99 -32.56 -3.66
CA TRP C 130 -43.78 -32.45 -2.87
C TRP C 130 -42.59 -32.19 -3.77
N MET C 131 -41.60 -31.48 -3.23
CA MET C 131 -40.40 -31.17 -3.98
C MET C 131 -39.22 -31.07 -3.03
N LEU C 132 -38.03 -31.24 -3.59
CA LEU C 132 -36.78 -31.19 -2.83
C LEU C 132 -36.66 -29.87 -2.08
N ASP C 133 -36.37 -29.96 -0.78
CA ASP C 133 -36.14 -28.73 -0.02
C ASP C 133 -34.99 -27.93 -0.59
N ALA C 134 -33.98 -28.60 -1.14
CA ALA C 134 -32.87 -27.91 -1.77
C ALA C 134 -33.26 -27.23 -3.07
N GLY C 135 -34.42 -27.54 -3.61
CA GLY C 135 -34.82 -26.97 -4.88
C GLY C 135 -34.85 -28.02 -5.98
N GLY C 136 -35.52 -27.68 -7.07
CA GLY C 136 -35.62 -28.58 -8.20
C GLY C 136 -35.53 -27.82 -9.50
N LEU C 137 -35.30 -28.58 -10.57
CA LEU C 137 -35.27 -28.00 -11.90
C LEU C 137 -36.63 -27.39 -12.22
N GLU C 138 -36.64 -26.14 -12.64
CA GLU C 138 -37.89 -25.38 -12.73
C GLU C 138 -38.87 -26.03 -13.69
N VAL C 139 -38.37 -26.59 -14.79
CA VAL C 139 -39.29 -27.21 -15.74
C VAL C 139 -39.96 -28.42 -15.12
N GLU C 140 -39.21 -29.21 -14.36
CA GLU C 140 -39.80 -30.38 -13.72
C GLU C 140 -40.76 -29.98 -12.63
N VAL C 141 -40.42 -28.96 -11.84
CA VAL C 141 -41.35 -28.45 -10.83
C VAL C 141 -42.64 -28.00 -11.50
N GLU C 142 -42.53 -27.32 -12.63
CA GLU C 142 -43.74 -26.91 -13.34
C GLU C 142 -44.54 -28.09 -13.86
N CYS C 143 -43.86 -29.18 -14.26
CA CYS C 143 -44.60 -30.37 -14.68
C CYS C 143 -45.38 -30.96 -13.52
N CYS C 144 -44.73 -31.11 -12.36
CA CYS C 144 -45.44 -31.57 -11.19
C CYS C 144 -46.63 -30.68 -10.87
N ARG C 145 -46.47 -29.37 -11.04
CA ARG C 145 -47.58 -28.45 -10.81
C ARG C 145 -48.73 -28.72 -11.78
N GLN C 146 -48.41 -28.97 -13.05
CA GLN C 146 -49.47 -29.30 -14.01
C GLN C 146 -50.20 -30.56 -13.60
N LYS C 147 -49.47 -31.60 -13.18
CA LYS C 147 -50.13 -32.82 -12.78
C LYS C 147 -51.06 -32.57 -11.60
N LEU C 148 -50.59 -31.82 -10.60
CA LEU C 148 -51.44 -31.55 -9.45
C LEU C 148 -52.65 -30.73 -9.83
N GLU C 149 -52.50 -29.75 -10.72
CA GLU C 149 -53.67 -28.98 -11.13
C GLU C 149 -54.65 -29.83 -11.91
N GLU C 150 -54.16 -30.82 -12.65
CA GLU C 150 -55.04 -31.73 -13.36
C GLU C 150 -55.81 -32.59 -12.37
N LEU C 151 -55.12 -33.18 -11.39
CA LEU C 151 -55.78 -34.06 -10.44
C LEU C 151 -56.75 -33.29 -9.55
N ALA C 152 -56.35 -32.11 -9.10
CA ALA C 152 -57.22 -31.33 -8.22
C ALA C 152 -58.48 -30.92 -8.94
N SER C 153 -58.36 -30.59 -10.22
CA SER C 153 -59.48 -30.28 -11.09
C SER C 153 -60.36 -29.18 -10.49
N GLY C 154 -59.75 -28.03 -10.24
CA GLY C 154 -60.48 -26.87 -9.81
C GLY C 154 -60.67 -26.73 -8.33
N ARG C 155 -60.19 -27.69 -7.54
CA ARG C 155 -60.35 -27.59 -6.10
C ARG C 155 -59.38 -26.56 -5.53
N ASN C 156 -59.73 -26.00 -4.38
CA ASN C 156 -58.88 -25.00 -3.74
C ASN C 156 -57.58 -25.64 -3.28
N GLN C 157 -56.46 -25.02 -3.59
CA GLN C 157 -55.14 -25.51 -3.24
C GLN C 157 -54.56 -24.70 -2.08
N MET C 158 -53.89 -25.40 -1.16
CA MET C 158 -53.14 -24.76 -0.10
C MET C 158 -51.65 -24.75 -0.45
N TYR C 159 -50.95 -23.72 0.02
CA TYR C 159 -49.51 -23.55 -0.22
C TYR C 159 -48.80 -23.52 1.13
N PRO C 160 -48.48 -24.68 1.70
CA PRO C 160 -47.93 -24.70 3.06
C PRO C 160 -46.58 -24.05 3.20
N HIS C 161 -45.83 -23.88 2.10
CA HIS C 161 -44.51 -23.28 2.19
C HIS C 161 -44.55 -21.76 2.18
N LEU C 162 -45.68 -21.15 1.84
CA LEU C 162 -45.82 -19.71 1.85
C LEU C 162 -46.33 -19.18 3.18
N LYS C 163 -46.18 -19.95 4.25
CA LYS C 163 -46.69 -19.58 5.58
C LYS C 163 -45.59 -19.02 6.48
N ASP C 164 -44.68 -18.20 5.94
CA ASP C 164 -43.59 -17.62 6.71
C ASP C 164 -42.77 -18.71 7.41
N CYS C 165 -42.07 -19.47 6.58
CA CYS C 165 -41.31 -20.63 7.05
C CYS C 165 -39.85 -20.31 7.36
N GLN D 15 -14.06 10.12 -43.15
CA GLN D 15 -13.29 11.36 -43.12
C GLN D 15 -12.49 11.47 -41.83
N CYS D 16 -11.88 12.63 -41.63
CA CYS D 16 -11.14 13.02 -40.43
C CYS D 16 -10.01 12.07 -40.03
N VAL D 17 -9.82 10.97 -40.74
CA VAL D 17 -8.73 10.06 -40.40
C VAL D 17 -7.39 10.60 -40.86
N ASN D 18 -7.38 11.51 -41.84
CA ASN D 18 -6.15 12.01 -42.44
C ASN D 18 -5.56 13.22 -41.72
N ALA D 19 -6.24 13.76 -40.71
CA ALA D 19 -5.63 14.83 -39.95
C ALA D 19 -4.62 14.28 -38.96
N THR D 20 -3.75 15.16 -38.48
CA THR D 20 -2.74 14.79 -37.52
C THR D 20 -3.17 15.23 -36.14
N CYS D 21 -2.58 14.59 -35.13
CA CYS D 21 -2.79 14.98 -33.75
C CYS D 21 -1.55 14.58 -32.97
N GLU D 22 -1.33 15.24 -31.84
CA GLU D 22 -0.11 15.03 -31.09
C GLU D 22 -0.27 15.57 -29.69
N ARG D 23 0.72 15.28 -28.86
CA ARG D 23 0.84 15.81 -27.52
C ARG D 23 1.99 16.81 -27.55
N LYS D 24 1.65 18.09 -27.41
CA LYS D 24 2.61 19.19 -27.40
C LYS D 24 2.54 19.90 -26.06
N LEU D 25 3.38 20.92 -25.90
CA LEU D 25 3.32 21.77 -24.73
C LEU D 25 2.39 22.95 -24.98
N ASP D 26 1.79 23.43 -23.90
CA ASP D 26 0.95 24.62 -23.96
C ASP D 26 1.82 25.84 -24.19
N ALA D 27 1.16 26.97 -24.46
CA ALA D 27 1.85 28.25 -24.40
C ALA D 27 2.54 28.43 -23.06
N LEU D 28 1.92 27.92 -22.00
CA LEU D 28 2.39 28.13 -20.64
C LEU D 28 3.05 26.89 -20.05
N GLY D 29 3.32 25.87 -20.84
CA GLY D 29 4.04 24.72 -20.34
C GLY D 29 3.14 23.64 -19.77
N ASN D 30 2.03 23.37 -20.45
CA ASN D 30 1.13 22.29 -20.10
C ASN D 30 1.15 21.24 -21.20
N ALA D 31 1.12 19.97 -20.80
CA ALA D 31 0.91 18.91 -21.76
C ALA D 31 -0.51 18.97 -22.30
N VAL D 32 -0.65 18.96 -23.62
CA VAL D 32 -1.95 19.06 -24.25
C VAL D 32 -2.00 18.08 -25.41
N ILE D 33 -3.18 17.49 -25.59
CA ILE D 33 -3.51 16.68 -26.76
C ILE D 33 -4.23 17.57 -27.75
N THR D 34 -3.69 17.68 -28.96
CA THR D 34 -4.37 18.40 -30.02
C THR D 34 -5.73 17.75 -30.31
N LYS D 35 -6.51 18.41 -31.15
CA LYS D 35 -7.87 17.96 -31.48
C LYS D 35 -7.89 17.42 -32.90
N CYS D 36 -8.38 16.21 -33.06
CA CYS D 36 -8.69 15.69 -34.39
C CYS D 36 -9.90 16.45 -34.92
N PRO D 37 -10.26 16.26 -36.20
CA PRO D 37 -11.43 16.97 -36.73
C PRO D 37 -12.72 16.64 -35.98
N GLN D 38 -13.82 17.20 -36.46
CA GLN D 38 -15.07 17.20 -35.71
C GLN D 38 -15.76 15.86 -35.73
N GLY D 39 -15.05 14.80 -36.13
CA GLY D 39 -15.63 13.49 -36.21
C GLY D 39 -14.74 12.39 -35.70
N CYS D 40 -13.50 12.73 -35.36
CA CYS D 40 -12.51 11.76 -34.91
C CYS D 40 -12.15 12.00 -33.45
N LEU D 41 -11.22 11.19 -32.94
CA LEU D 41 -10.66 11.36 -31.62
C LEU D 41 -9.21 10.90 -31.64
N CYS D 42 -8.39 11.49 -30.77
CA CYS D 42 -6.95 11.33 -30.83
C CYS D 42 -6.46 10.35 -29.78
N VAL D 43 -5.52 9.49 -30.18
CA VAL D 43 -4.89 8.57 -29.24
C VAL D 43 -3.38 8.68 -29.40
N VAL D 44 -2.68 8.92 -28.29
CA VAL D 44 -1.24 9.08 -28.31
C VAL D 44 -0.64 7.76 -27.84
N ARG D 45 -0.31 6.89 -28.79
CA ARG D 45 0.39 5.67 -28.46
C ARG D 45 1.72 5.98 -27.80
N GLY D 46 2.10 5.16 -26.83
CA GLY D 46 3.39 5.25 -26.19
C GLY D 46 3.28 5.70 -24.75
N ALA D 47 4.43 5.95 -24.15
CA ALA D 47 4.47 6.42 -22.77
C ALA D 47 3.75 7.77 -22.64
N SER D 48 3.19 8.00 -21.45
CA SER D 48 2.40 9.20 -21.22
C SER D 48 3.25 10.43 -20.94
N ASN D 49 4.51 10.23 -20.54
CA ASN D 49 5.40 11.34 -20.25
C ASN D 49 6.15 11.86 -21.47
N ILE D 50 6.11 11.14 -22.59
CA ILE D 50 6.83 11.56 -23.79
C ILE D 50 6.15 12.81 -24.34
N VAL D 51 6.87 13.94 -24.30
CA VAL D 51 6.40 15.18 -24.88
C VAL D 51 7.55 15.84 -25.63
N PRO D 52 7.32 16.31 -26.86
CA PRO D 52 6.08 16.09 -27.61
C PRO D 52 6.09 14.74 -28.30
N ALA D 53 4.91 14.16 -28.54
CA ALA D 53 4.85 12.89 -29.25
C ALA D 53 3.55 12.85 -30.02
N ASN D 54 3.65 12.52 -31.30
CA ASN D 54 2.46 12.53 -32.13
C ASN D 54 1.63 11.27 -31.89
N GLY D 55 0.32 11.47 -31.85
CA GLY D 55 -0.63 10.38 -31.82
C GLY D 55 -1.29 10.24 -33.19
N THR D 56 -2.23 9.30 -33.26
CA THR D 56 -2.99 9.09 -34.47
C THR D 56 -4.45 9.39 -34.21
N CYS D 57 -5.14 9.89 -35.24
CA CYS D 57 -6.56 10.17 -35.16
C CYS D 57 -7.37 8.95 -35.55
N PHE D 58 -8.57 8.84 -34.99
CA PHE D 58 -9.34 7.62 -35.01
C PHE D 58 -10.81 7.93 -35.24
N GLN D 59 -11.51 7.00 -35.89
CA GLN D 59 -12.93 7.17 -36.13
C GLN D 59 -13.70 7.04 -34.81
N LEU D 60 -14.99 7.37 -34.85
CA LEU D 60 -15.79 7.58 -33.64
C LEU D 60 -16.98 6.63 -33.52
N ALA D 61 -17.98 6.77 -34.39
CA ALA D 61 -19.28 6.10 -34.26
C ALA D 61 -19.93 6.42 -32.92
#